data_3EO5
# 
_entry.id   3EO5 
# 
_audit_conform.dict_name       mmcif_pdbx.dic 
_audit_conform.dict_version    5.398 
_audit_conform.dict_location   http://mmcif.pdb.org/dictionaries/ascii/mmcif_pdbx.dic 
# 
loop_
_database_2.database_id 
_database_2.database_code 
_database_2.pdbx_database_accession 
_database_2.pdbx_DOI 
PDB   3EO5         pdb_00003eo5 10.2210/pdb3eo5/pdb 
RCSB  RCSB049564   ?            ?                   
WWPDB D_1000049564 ?            ?                   
# 
loop_
_pdbx_audit_revision_history.ordinal 
_pdbx_audit_revision_history.data_content_type 
_pdbx_audit_revision_history.major_revision 
_pdbx_audit_revision_history.minor_revision 
_pdbx_audit_revision_history.revision_date 
1 'Structure model' 1 0 2009-01-13 
2 'Structure model' 1 1 2011-07-13 
3 'Structure model' 1 2 2024-10-30 
# 
_pdbx_audit_revision_details.ordinal             1 
_pdbx_audit_revision_details.revision_ordinal    1 
_pdbx_audit_revision_details.data_content_type   'Structure model' 
_pdbx_audit_revision_details.provider            repository 
_pdbx_audit_revision_details.type                'Initial release' 
_pdbx_audit_revision_details.description         ? 
_pdbx_audit_revision_details.details             ? 
# 
loop_
_pdbx_audit_revision_group.ordinal 
_pdbx_audit_revision_group.revision_ordinal 
_pdbx_audit_revision_group.data_content_type 
_pdbx_audit_revision_group.group 
1 2 'Structure model' 'Version format compliance' 
2 3 'Structure model' 'Data collection'           
3 3 'Structure model' 'Database references'       
4 3 'Structure model' 'Structure summary'         
# 
loop_
_pdbx_audit_revision_category.ordinal 
_pdbx_audit_revision_category.revision_ordinal 
_pdbx_audit_revision_category.data_content_type 
_pdbx_audit_revision_category.category 
1 3 'Structure model' chem_comp_atom            
2 3 'Structure model' chem_comp_bond            
3 3 'Structure model' database_2                
4 3 'Structure model' pdbx_entry_details        
5 3 'Structure model' pdbx_modification_feature 
6 3 'Structure model' struct_ref_seq_dif        
# 
loop_
_pdbx_audit_revision_item.ordinal 
_pdbx_audit_revision_item.revision_ordinal 
_pdbx_audit_revision_item.data_content_type 
_pdbx_audit_revision_item.item 
1 3 'Structure model' '_database_2.pdbx_DOI'                
2 3 'Structure model' '_database_2.pdbx_database_accession' 
3 3 'Structure model' '_struct_ref_seq_dif.details'         
# 
_pdbx_database_status.status_code                     REL 
_pdbx_database_status.entry_id                        3EO5 
_pdbx_database_status.recvd_initial_deposition_date   2008-09-26 
_pdbx_database_status.deposit_site                    RCSB 
_pdbx_database_status.process_site                    PDBJ 
_pdbx_database_status.status_code_sf                  REL 
_pdbx_database_status.status_code_mr                  ? 
_pdbx_database_status.SG_entry                        ? 
_pdbx_database_status.pdb_format_compatible           Y 
_pdbx_database_status.status_code_cs                  ? 
_pdbx_database_status.status_code_nmr_data            ? 
_pdbx_database_status.methods_development_category    ? 
# 
_pdbx_database_related.db_name        PDB 
_pdbx_database_related.db_id          1xsf 
_pdbx_database_related.details        . 
_pdbx_database_related.content_type   unspecified 
# 
loop_
_audit_author.name 
_audit_author.pdbx_ordinal 
'Ruggiero, A.' 1 
'Tizzano, B.'  2 
'Pedone, E.'   3 
'Pedone, C.'   4 
'Wilmanns, M.' 5 
'Berisio, R.'  6 
# 
_citation.id                        primary 
_citation.title                     'Crystal Structure of the Resuscitation-Promoting Factor (DeltaDUF)RpfB from M. tuberculosis' 
_citation.journal_abbrev            J.Mol.Biol. 
_citation.journal_volume            385 
_citation.page_first                153 
_citation.page_last                 162 
_citation.year                      2009 
_citation.journal_id_ASTM           JMOBAK 
_citation.country                   UK 
_citation.journal_id_ISSN           0022-2836 
_citation.journal_id_CSD            0070 
_citation.book_publisher            ? 
_citation.pdbx_database_id_PubMed   18992255 
_citation.pdbx_database_id_DOI      10.1016/j.jmb.2008.10.042 
# 
loop_
_citation_author.citation_id 
_citation_author.name 
_citation_author.ordinal 
_citation_author.identifier_ORCID 
primary 'Ruggiero, A.' 1 ? 
primary 'Tizzano, B.'  2 ? 
primary 'Pedone, E.'   3 ? 
primary 'Pedone, C.'   4 ? 
primary 'Wilmanns, M.' 5 ? 
primary 'Berisio, R.'  6 ? 
# 
loop_
_entity.id 
_entity.type 
_entity.src_method 
_entity.pdbx_description 
_entity.formula_weight 
_entity.pdbx_number_of_molecules 
_entity.pdbx_ec 
_entity.pdbx_mutation 
_entity.pdbx_fragment 
_entity.details 
1 polymer man 'Resuscitation-promoting factor rpfB' 18275.475 1   ? ? 'catalytic+G5 domains' ? 
2 water   nat water                                 18.015    349 ? ? ?                      ? 
# 
_entity_name_com.entity_id   1 
_entity_name_com.name        'resuscitation promoting factor' 
# 
_entity_poly.entity_id                      1 
_entity_poly.type                           'polypeptide(L)' 
_entity_poly.nstd_linkage                   no 
_entity_poly.nstd_monomer                   no 
_entity_poly.pdbx_seq_one_letter_code       
;MGRNRIKKVTERLPLPPNARRVEDPEMNMSREVVEDPGVPGTQDVTFAVAEVNGVETGRLPVANVVVTPAHEAVVRVGTK
PGTEVPPVIDGSIWDAIAGCEAGGNWAINTGNGYYGGVQFDQGTWEANGGLRYAPRADLATREEQIAVAEVTRLRQGWGA
WPVCAARAGAR
;
_entity_poly.pdbx_seq_one_letter_code_can   
;MGRNRIKKVTERLPLPPNARRVEDPEMNMSREVVEDPGVPGTQDVTFAVAEVNGVETGRLPVANVVVTPAHEAVVRVGTK
PGTEVPPVIDGSIWDAIAGCEAGGNWAINTGNGYYGGVQFDQGTWEANGGLRYAPRADLATREEQIAVAEVTRLRQGWGA
WPVCAARAGAR
;
_entity_poly.pdbx_strand_id                 A 
_entity_poly.pdbx_target_identifier         ? 
# 
_pdbx_entity_nonpoly.entity_id   2 
_pdbx_entity_nonpoly.name        water 
_pdbx_entity_nonpoly.comp_id     HOH 
# 
loop_
_entity_poly_seq.entity_id 
_entity_poly_seq.num 
_entity_poly_seq.mon_id 
_entity_poly_seq.hetero 
1 1   MET n 
1 2   GLY n 
1 3   ARG n 
1 4   ASN n 
1 5   ARG n 
1 6   ILE n 
1 7   LYS n 
1 8   LYS n 
1 9   VAL n 
1 10  THR n 
1 11  GLU n 
1 12  ARG n 
1 13  LEU n 
1 14  PRO n 
1 15  LEU n 
1 16  PRO n 
1 17  PRO n 
1 18  ASN n 
1 19  ALA n 
1 20  ARG n 
1 21  ARG n 
1 22  VAL n 
1 23  GLU n 
1 24  ASP n 
1 25  PRO n 
1 26  GLU n 
1 27  MET n 
1 28  ASN n 
1 29  MET n 
1 30  SER n 
1 31  ARG n 
1 32  GLU n 
1 33  VAL n 
1 34  VAL n 
1 35  GLU n 
1 36  ASP n 
1 37  PRO n 
1 38  GLY n 
1 39  VAL n 
1 40  PRO n 
1 41  GLY n 
1 42  THR n 
1 43  GLN n 
1 44  ASP n 
1 45  VAL n 
1 46  THR n 
1 47  PHE n 
1 48  ALA n 
1 49  VAL n 
1 50  ALA n 
1 51  GLU n 
1 52  VAL n 
1 53  ASN n 
1 54  GLY n 
1 55  VAL n 
1 56  GLU n 
1 57  THR n 
1 58  GLY n 
1 59  ARG n 
1 60  LEU n 
1 61  PRO n 
1 62  VAL n 
1 63  ALA n 
1 64  ASN n 
1 65  VAL n 
1 66  VAL n 
1 67  VAL n 
1 68  THR n 
1 69  PRO n 
1 70  ALA n 
1 71  HIS n 
1 72  GLU n 
1 73  ALA n 
1 74  VAL n 
1 75  VAL n 
1 76  ARG n 
1 77  VAL n 
1 78  GLY n 
1 79  THR n 
1 80  LYS n 
1 81  PRO n 
1 82  GLY n 
1 83  THR n 
1 84  GLU n 
1 85  VAL n 
1 86  PRO n 
1 87  PRO n 
1 88  VAL n 
1 89  ILE n 
1 90  ASP n 
1 91  GLY n 
1 92  SER n 
1 93  ILE n 
1 94  TRP n 
1 95  ASP n 
1 96  ALA n 
1 97  ILE n 
1 98  ALA n 
1 99  GLY n 
1 100 CYS n 
1 101 GLU n 
1 102 ALA n 
1 103 GLY n 
1 104 GLY n 
1 105 ASN n 
1 106 TRP n 
1 107 ALA n 
1 108 ILE n 
1 109 ASN n 
1 110 THR n 
1 111 GLY n 
1 112 ASN n 
1 113 GLY n 
1 114 TYR n 
1 115 TYR n 
1 116 GLY n 
1 117 GLY n 
1 118 VAL n 
1 119 GLN n 
1 120 PHE n 
1 121 ASP n 
1 122 GLN n 
1 123 GLY n 
1 124 THR n 
1 125 TRP n 
1 126 GLU n 
1 127 ALA n 
1 128 ASN n 
1 129 GLY n 
1 130 GLY n 
1 131 LEU n 
1 132 ARG n 
1 133 TYR n 
1 134 ALA n 
1 135 PRO n 
1 136 ARG n 
1 137 ALA n 
1 138 ASP n 
1 139 LEU n 
1 140 ALA n 
1 141 THR n 
1 142 ARG n 
1 143 GLU n 
1 144 GLU n 
1 145 GLN n 
1 146 ILE n 
1 147 ALA n 
1 148 VAL n 
1 149 ALA n 
1 150 GLU n 
1 151 VAL n 
1 152 THR n 
1 153 ARG n 
1 154 LEU n 
1 155 ARG n 
1 156 GLN n 
1 157 GLY n 
1 158 TRP n 
1 159 GLY n 
1 160 ALA n 
1 161 TRP n 
1 162 PRO n 
1 163 VAL n 
1 164 CYS n 
1 165 ALA n 
1 166 ALA n 
1 167 ARG n 
1 168 ALA n 
1 169 GLY n 
1 170 ALA n 
1 171 ARG n 
# 
_entity_src_gen.entity_id                          1 
_entity_src_gen.pdbx_src_id                        1 
_entity_src_gen.pdbx_alt_source_flag               sample 
_entity_src_gen.pdbx_seq_type                      ? 
_entity_src_gen.pdbx_beg_seq_num                   ? 
_entity_src_gen.pdbx_end_seq_num                   ? 
_entity_src_gen.gene_src_common_name               ? 
_entity_src_gen.gene_src_genus                     ? 
_entity_src_gen.pdbx_gene_src_gene                 ? 
_entity_src_gen.gene_src_species                   ? 
_entity_src_gen.gene_src_strain                    ? 
_entity_src_gen.gene_src_tissue                    ? 
_entity_src_gen.gene_src_tissue_fraction           ? 
_entity_src_gen.gene_src_details                   ? 
_entity_src_gen.pdbx_gene_src_fragment             ? 
_entity_src_gen.pdbx_gene_src_scientific_name      'Mycobacterium tuberculosis' 
_entity_src_gen.pdbx_gene_src_ncbi_taxonomy_id     1773 
_entity_src_gen.pdbx_gene_src_variant              ? 
_entity_src_gen.pdbx_gene_src_cell_line            ? 
_entity_src_gen.pdbx_gene_src_atcc                 ? 
_entity_src_gen.pdbx_gene_src_organ                ? 
_entity_src_gen.pdbx_gene_src_organelle            ? 
_entity_src_gen.pdbx_gene_src_cell                 ? 
_entity_src_gen.pdbx_gene_src_cellular_location    ? 
_entity_src_gen.host_org_common_name               ? 
_entity_src_gen.pdbx_host_org_scientific_name      'Escherichia coli' 
_entity_src_gen.pdbx_host_org_ncbi_taxonomy_id     562 
_entity_src_gen.host_org_genus                     ? 
_entity_src_gen.pdbx_host_org_gene                 ? 
_entity_src_gen.pdbx_host_org_organ                ? 
_entity_src_gen.host_org_species                   ? 
_entity_src_gen.pdbx_host_org_tissue               ? 
_entity_src_gen.pdbx_host_org_tissue_fraction      ? 
_entity_src_gen.pdbx_host_org_strain               ? 
_entity_src_gen.pdbx_host_org_variant              ? 
_entity_src_gen.pdbx_host_org_cell_line            ? 
_entity_src_gen.pdbx_host_org_atcc                 ? 
_entity_src_gen.pdbx_host_org_culture_collection   ? 
_entity_src_gen.pdbx_host_org_cell                 ? 
_entity_src_gen.pdbx_host_org_organelle            ? 
_entity_src_gen.pdbx_host_org_cellular_location    ? 
_entity_src_gen.pdbx_host_org_vector_type          plasmid 
_entity_src_gen.pdbx_host_org_vector               ? 
_entity_src_gen.host_org_details                   ? 
_entity_src_gen.expression_system_id               ? 
_entity_src_gen.plasmid_name                       pETM11 
_entity_src_gen.plasmid_details                    ? 
_entity_src_gen.pdbx_description                   ? 
# 
loop_
_chem_comp.id 
_chem_comp.type 
_chem_comp.mon_nstd_flag 
_chem_comp.name 
_chem_comp.pdbx_synonyms 
_chem_comp.formula 
_chem_comp.formula_weight 
ALA 'L-peptide linking' y ALANINE         ? 'C3 H7 N O2'     89.093  
ARG 'L-peptide linking' y ARGININE        ? 'C6 H15 N4 O2 1' 175.209 
ASN 'L-peptide linking' y ASPARAGINE      ? 'C4 H8 N2 O3'    132.118 
ASP 'L-peptide linking' y 'ASPARTIC ACID' ? 'C4 H7 N O4'     133.103 
CYS 'L-peptide linking' y CYSTEINE        ? 'C3 H7 N O2 S'   121.158 
GLN 'L-peptide linking' y GLUTAMINE       ? 'C5 H10 N2 O3'   146.144 
GLU 'L-peptide linking' y 'GLUTAMIC ACID' ? 'C5 H9 N O4'     147.129 
GLY 'peptide linking'   y GLYCINE         ? 'C2 H5 N O2'     75.067  
HIS 'L-peptide linking' y HISTIDINE       ? 'C6 H10 N3 O2 1' 156.162 
HOH non-polymer         . WATER           ? 'H2 O'           18.015  
ILE 'L-peptide linking' y ISOLEUCINE      ? 'C6 H13 N O2'    131.173 
LEU 'L-peptide linking' y LEUCINE         ? 'C6 H13 N O2'    131.173 
LYS 'L-peptide linking' y LYSINE          ? 'C6 H15 N2 O2 1' 147.195 
MET 'L-peptide linking' y METHIONINE      ? 'C5 H11 N O2 S'  149.211 
PHE 'L-peptide linking' y PHENYLALANINE   ? 'C9 H11 N O2'    165.189 
PRO 'L-peptide linking' y PROLINE         ? 'C5 H9 N O2'     115.130 
SER 'L-peptide linking' y SERINE          ? 'C3 H7 N O3'     105.093 
THR 'L-peptide linking' y THREONINE       ? 'C4 H9 N O3'     119.119 
TRP 'L-peptide linking' y TRYPTOPHAN      ? 'C11 H12 N2 O2'  204.225 
TYR 'L-peptide linking' y TYROSINE        ? 'C9 H11 N O3'    181.189 
VAL 'L-peptide linking' y VALINE          ? 'C5 H11 N O2'    117.146 
# 
loop_
_pdbx_poly_seq_scheme.asym_id 
_pdbx_poly_seq_scheme.entity_id 
_pdbx_poly_seq_scheme.seq_id 
_pdbx_poly_seq_scheme.mon_id 
_pdbx_poly_seq_scheme.ndb_seq_num 
_pdbx_poly_seq_scheme.pdb_seq_num 
_pdbx_poly_seq_scheme.auth_seq_num 
_pdbx_poly_seq_scheme.pdb_mon_id 
_pdbx_poly_seq_scheme.auth_mon_id 
_pdbx_poly_seq_scheme.pdb_strand_id 
_pdbx_poly_seq_scheme.pdb_ins_code 
_pdbx_poly_seq_scheme.hetero 
A 1 1   MET 1   192 192 MET MET A . n 
A 1 2   GLY 2   193 193 GLY GLY A . n 
A 1 3   ARG 3   194 194 ARG ARG A . n 
A 1 4   ASN 4   195 195 ASN ASN A . n 
A 1 5   ARG 5   196 196 ARG ARG A . n 
A 1 6   ILE 6   197 197 ILE ILE A . n 
A 1 7   LYS 7   198 198 LYS LYS A . n 
A 1 8   LYS 8   199 199 LYS LYS A . n 
A 1 9   VAL 9   200 200 VAL VAL A . n 
A 1 10  THR 10  201 201 THR THR A . n 
A 1 11  GLU 11  202 202 GLU GLU A . n 
A 1 12  ARG 12  203 203 ARG ARG A . n 
A 1 13  LEU 13  204 204 LEU LEU A . n 
A 1 14  PRO 14  205 205 PRO PRO A . n 
A 1 15  LEU 15  206 206 LEU LEU A . n 
A 1 16  PRO 16  207 207 PRO PRO A . n 
A 1 17  PRO 17  208 208 PRO PRO A . n 
A 1 18  ASN 18  209 209 ASN ASN A . n 
A 1 19  ALA 19  210 210 ALA ALA A . n 
A 1 20  ARG 20  211 211 ARG ARG A . n 
A 1 21  ARG 21  212 212 ARG ARG A . n 
A 1 22  VAL 22  213 213 VAL VAL A . n 
A 1 23  GLU 23  214 214 GLU GLU A . n 
A 1 24  ASP 24  215 215 ASP ASP A . n 
A 1 25  PRO 25  216 216 PRO PRO A . n 
A 1 26  GLU 26  217 217 GLU GLU A . n 
A 1 27  MET 27  218 218 MET MET A . n 
A 1 28  ASN 28  219 219 ASN ASN A . n 
A 1 29  MET 29  220 220 MET MET A . n 
A 1 30  SER 30  221 221 SER SER A . n 
A 1 31  ARG 31  222 222 ARG ARG A . n 
A 1 32  GLU 32  223 223 GLU GLU A . n 
A 1 33  VAL 33  224 224 VAL VAL A . n 
A 1 34  VAL 34  225 225 VAL VAL A . n 
A 1 35  GLU 35  226 226 GLU GLU A . n 
A 1 36  ASP 36  227 227 ASP ASP A . n 
A 1 37  PRO 37  228 228 PRO PRO A . n 
A 1 38  GLY 38  229 229 GLY GLY A . n 
A 1 39  VAL 39  230 230 VAL VAL A . n 
A 1 40  PRO 40  231 231 PRO PRO A . n 
A 1 41  GLY 41  232 232 GLY GLY A . n 
A 1 42  THR 42  233 233 THR THR A . n 
A 1 43  GLN 43  234 234 GLN GLN A . n 
A 1 44  ASP 44  235 235 ASP ASP A . n 
A 1 45  VAL 45  236 236 VAL VAL A . n 
A 1 46  THR 46  237 237 THR THR A . n 
A 1 47  PHE 47  238 238 PHE PHE A . n 
A 1 48  ALA 48  239 239 ALA ALA A . n 
A 1 49  VAL 49  240 240 VAL VAL A . n 
A 1 50  ALA 50  241 241 ALA ALA A . n 
A 1 51  GLU 51  242 242 GLU GLU A . n 
A 1 52  VAL 52  243 243 VAL VAL A . n 
A 1 53  ASN 53  244 244 ASN ASN A . n 
A 1 54  GLY 54  245 245 GLY GLY A . n 
A 1 55  VAL 55  246 246 VAL VAL A . n 
A 1 56  GLU 56  247 247 GLU GLU A . n 
A 1 57  THR 57  248 248 THR THR A . n 
A 1 58  GLY 58  249 249 GLY GLY A . n 
A 1 59  ARG 59  250 250 ARG ARG A . n 
A 1 60  LEU 60  251 251 LEU LEU A . n 
A 1 61  PRO 61  252 252 PRO PRO A . n 
A 1 62  VAL 62  253 253 VAL VAL A . n 
A 1 63  ALA 63  254 254 ALA ALA A . n 
A 1 64  ASN 64  255 255 ASN ASN A . n 
A 1 65  VAL 65  256 256 VAL VAL A . n 
A 1 66  VAL 66  257 257 VAL VAL A . n 
A 1 67  VAL 67  258 258 VAL VAL A . n 
A 1 68  THR 68  259 259 THR THR A . n 
A 1 69  PRO 69  260 260 PRO PRO A . n 
A 1 70  ALA 70  261 261 ALA ALA A . n 
A 1 71  HIS 71  262 262 HIS HIS A . n 
A 1 72  GLU 72  263 263 GLU GLU A . n 
A 1 73  ALA 73  264 264 ALA ALA A . n 
A 1 74  VAL 74  265 265 VAL VAL A . n 
A 1 75  VAL 75  266 266 VAL VAL A . n 
A 1 76  ARG 76  267 267 ARG ARG A . n 
A 1 77  VAL 77  268 268 VAL VAL A . n 
A 1 78  GLY 78  269 269 GLY GLY A . n 
A 1 79  THR 79  270 270 THR THR A . n 
A 1 80  LYS 80  271 271 LYS LYS A . n 
A 1 81  PRO 81  272 272 PRO PRO A . n 
A 1 82  GLY 82  273 273 GLY GLY A . n 
A 1 83  THR 83  274 274 THR THR A . n 
A 1 84  GLU 84  275 275 GLU GLU A . n 
A 1 85  VAL 85  276 276 VAL VAL A . n 
A 1 86  PRO 86  277 277 PRO PRO A . n 
A 1 87  PRO 87  278 278 PRO PRO A . n 
A 1 88  VAL 88  279 279 VAL VAL A . n 
A 1 89  ILE 89  280 280 ILE ILE A . n 
A 1 90  ASP 90  281 ?   ?   ?   A . n 
A 1 91  GLY 91  282 ?   ?   ?   A . n 
A 1 92  SER 92  283 283 SER SER A . n 
A 1 93  ILE 93  284 284 ILE ILE A . n 
A 1 94  TRP 94  285 285 TRP TRP A . n 
A 1 95  ASP 95  286 286 ASP ASP A . n 
A 1 96  ALA 96  287 287 ALA ALA A . n 
A 1 97  ILE 97  288 288 ILE ILE A . n 
A 1 98  ALA 98  289 289 ALA ALA A . n 
A 1 99  GLY 99  290 290 GLY GLY A . n 
A 1 100 CYS 100 291 291 CYS CYS A . n 
A 1 101 GLU 101 292 292 GLU GLU A . n 
A 1 102 ALA 102 293 293 ALA ALA A . n 
A 1 103 GLY 103 294 294 GLY GLY A . n 
A 1 104 GLY 104 295 295 GLY GLY A . n 
A 1 105 ASN 105 296 296 ASN ASN A . n 
A 1 106 TRP 106 297 297 TRP TRP A . n 
A 1 107 ALA 107 298 298 ALA ALA A . n 
A 1 108 ILE 108 299 299 ILE ILE A . n 
A 1 109 ASN 109 300 300 ASN ASN A . n 
A 1 110 THR 110 301 301 THR THR A . n 
A 1 111 GLY 111 302 302 GLY GLY A . n 
A 1 112 ASN 112 303 303 ASN ASN A . n 
A 1 113 GLY 113 304 304 GLY GLY A . n 
A 1 114 TYR 114 305 305 TYR TYR A . n 
A 1 115 TYR 115 306 306 TYR TYR A . n 
A 1 116 GLY 116 307 307 GLY GLY A . n 
A 1 117 GLY 117 308 308 GLY GLY A . n 
A 1 118 VAL 118 309 309 VAL VAL A . n 
A 1 119 GLN 119 310 310 GLN GLN A . n 
A 1 120 PHE 120 311 311 PHE PHE A . n 
A 1 121 ASP 121 312 312 ASP ASP A . n 
A 1 122 GLN 122 313 313 GLN GLN A . n 
A 1 123 GLY 123 314 314 GLY GLY A . n 
A 1 124 THR 124 315 315 THR THR A . n 
A 1 125 TRP 125 316 316 TRP TRP A . n 
A 1 126 GLU 126 317 317 GLU GLU A . n 
A 1 127 ALA 127 318 318 ALA ALA A . n 
A 1 128 ASN 128 319 319 ASN ASN A . n 
A 1 129 GLY 129 320 320 GLY GLY A . n 
A 1 130 GLY 130 321 321 GLY GLY A . n 
A 1 131 LEU 131 322 322 LEU LEU A . n 
A 1 132 ARG 132 323 323 ARG ARG A . n 
A 1 133 TYR 133 324 324 TYR TYR A . n 
A 1 134 ALA 134 325 325 ALA ALA A . n 
A 1 135 PRO 135 326 326 PRO PRO A . n 
A 1 136 ARG 136 327 327 ARG ARG A . n 
A 1 137 ALA 137 328 328 ALA ALA A . n 
A 1 138 ASP 138 329 329 ASP ASP A . n 
A 1 139 LEU 139 330 330 LEU LEU A . n 
A 1 140 ALA 140 331 331 ALA ALA A . n 
A 1 141 THR 141 332 332 THR THR A . n 
A 1 142 ARG 142 333 333 ARG ARG A . n 
A 1 143 GLU 143 334 334 GLU GLU A . n 
A 1 144 GLU 144 335 335 GLU GLU A . n 
A 1 145 GLN 145 336 336 GLN GLN A . n 
A 1 146 ILE 146 337 337 ILE ILE A . n 
A 1 147 ALA 147 338 338 ALA ALA A . n 
A 1 148 VAL 148 339 339 VAL VAL A . n 
A 1 149 ALA 149 340 340 ALA ALA A . n 
A 1 150 GLU 150 341 341 GLU GLU A . n 
A 1 151 VAL 151 342 342 VAL VAL A . n 
A 1 152 THR 152 343 343 THR THR A . n 
A 1 153 ARG 153 344 344 ARG ARG A . n 
A 1 154 LEU 154 345 345 LEU LEU A . n 
A 1 155 ARG 155 346 346 ARG ARG A . n 
A 1 156 GLN 156 347 347 GLN GLN A . n 
A 1 157 GLY 157 348 348 GLY GLY A . n 
A 1 158 TRP 158 349 349 TRP TRP A . n 
A 1 159 GLY 159 350 350 GLY GLY A . n 
A 1 160 ALA 160 351 351 ALA ALA A . n 
A 1 161 TRP 161 352 352 TRP TRP A . n 
A 1 162 PRO 162 353 353 PRO PRO A . n 
A 1 163 VAL 163 354 354 VAL VAL A . n 
A 1 164 CYS 164 355 355 CYS CYS A . n 
A 1 165 ALA 165 356 356 ALA ALA A . n 
A 1 166 ALA 166 357 357 ALA ALA A . n 
A 1 167 ARG 167 358 358 ARG ARG A . n 
A 1 168 ALA 168 359 359 ALA ALA A . n 
A 1 169 GLY 169 360 360 GLY GLY A . n 
A 1 170 ALA 170 361 361 ALA ALA A . n 
A 1 171 ARG 171 362 362 ARG ARG A . n 
# 
loop_
_pdbx_nonpoly_scheme.asym_id 
_pdbx_nonpoly_scheme.entity_id 
_pdbx_nonpoly_scheme.mon_id 
_pdbx_nonpoly_scheme.ndb_seq_num 
_pdbx_nonpoly_scheme.pdb_seq_num 
_pdbx_nonpoly_scheme.auth_seq_num 
_pdbx_nonpoly_scheme.pdb_mon_id 
_pdbx_nonpoly_scheme.auth_mon_id 
_pdbx_nonpoly_scheme.pdb_strand_id 
_pdbx_nonpoly_scheme.pdb_ins_code 
B 2 HOH 1   363 363 HOH HOH A . 
B 2 HOH 2   364 364 HOH HOH A . 
B 2 HOH 3   365 365 HOH HOH A . 
B 2 HOH 4   366 366 HOH HOH A . 
B 2 HOH 5   367 367 HOH HOH A . 
B 2 HOH 6   368 368 HOH HOH A . 
B 2 HOH 7   369 369 HOH HOH A . 
B 2 HOH 8   370 370 HOH HOH A . 
B 2 HOH 9   371 371 HOH HOH A . 
B 2 HOH 10  372 372 HOH HOH A . 
B 2 HOH 11  373 373 HOH HOH A . 
B 2 HOH 12  374 374 HOH HOH A . 
B 2 HOH 13  375 375 HOH HOH A . 
B 2 HOH 14  376 376 HOH HOH A . 
B 2 HOH 15  377 377 HOH HOH A . 
B 2 HOH 16  378 378 HOH HOH A . 
B 2 HOH 17  379 379 HOH HOH A . 
B 2 HOH 18  380 380 HOH HOH A . 
B 2 HOH 19  381 381 HOH HOH A . 
B 2 HOH 20  382 382 HOH HOH A . 
B 2 HOH 21  383 383 HOH HOH A . 
B 2 HOH 22  384 384 HOH HOH A . 
B 2 HOH 23  385 385 HOH HOH A . 
B 2 HOH 24  386 386 HOH HOH A . 
B 2 HOH 25  387 387 HOH HOH A . 
B 2 HOH 26  388 388 HOH HOH A . 
B 2 HOH 27  389 389 HOH HOH A . 
B 2 HOH 28  390 390 HOH HOH A . 
B 2 HOH 29  391 391 HOH HOH A . 
B 2 HOH 30  392 392 HOH HOH A . 
B 2 HOH 31  393 393 HOH HOH A . 
B 2 HOH 32  394 394 HOH HOH A . 
B 2 HOH 33  395 395 HOH HOH A . 
B 2 HOH 34  396 396 HOH HOH A . 
B 2 HOH 35  397 397 HOH HOH A . 
B 2 HOH 36  398 398 HOH HOH A . 
B 2 HOH 37  399 399 HOH HOH A . 
B 2 HOH 38  400 400 HOH HOH A . 
B 2 HOH 39  401 401 HOH HOH A . 
B 2 HOH 40  402 402 HOH HOH A . 
B 2 HOH 41  403 403 HOH HOH A . 
B 2 HOH 42  404 404 HOH HOH A . 
B 2 HOH 43  405 405 HOH HOH A . 
B 2 HOH 44  406 406 HOH HOH A . 
B 2 HOH 45  407 407 HOH HOH A . 
B 2 HOH 46  408 408 HOH HOH A . 
B 2 HOH 47  409 409 HOH HOH A . 
B 2 HOH 48  410 410 HOH HOH A . 
B 2 HOH 49  411 411 HOH HOH A . 
B 2 HOH 50  412 412 HOH HOH A . 
B 2 HOH 51  413 413 HOH HOH A . 
B 2 HOH 52  414 414 HOH HOH A . 
B 2 HOH 53  415 415 HOH HOH A . 
B 2 HOH 54  416 416 HOH HOH A . 
B 2 HOH 55  417 417 HOH HOH A . 
B 2 HOH 56  418 418 HOH HOH A . 
B 2 HOH 57  419 419 HOH HOH A . 
B 2 HOH 58  420 420 HOH HOH A . 
B 2 HOH 59  421 421 HOH HOH A . 
B 2 HOH 60  422 422 HOH HOH A . 
B 2 HOH 61  423 423 HOH HOH A . 
B 2 HOH 62  424 424 HOH HOH A . 
B 2 HOH 63  425 425 HOH HOH A . 
B 2 HOH 64  426 426 HOH HOH A . 
B 2 HOH 65  427 427 HOH HOH A . 
B 2 HOH 66  428 428 HOH HOH A . 
B 2 HOH 67  429 429 HOH HOH A . 
B 2 HOH 68  430 430 HOH HOH A . 
B 2 HOH 69  431 431 HOH HOH A . 
B 2 HOH 70  432 432 HOH HOH A . 
B 2 HOH 71  433 433 HOH HOH A . 
B 2 HOH 72  434 434 HOH HOH A . 
B 2 HOH 73  435 435 HOH HOH A . 
B 2 HOH 74  436 436 HOH HOH A . 
B 2 HOH 75  437 437 HOH HOH A . 
B 2 HOH 76  438 438 HOH HOH A . 
B 2 HOH 77  439 439 HOH HOH A . 
B 2 HOH 78  440 440 HOH HOH A . 
B 2 HOH 79  441 441 HOH HOH A . 
B 2 HOH 80  442 442 HOH HOH A . 
B 2 HOH 81  443 443 HOH HOH A . 
B 2 HOH 82  444 444 HOH HOH A . 
B 2 HOH 83  445 445 HOH HOH A . 
B 2 HOH 84  446 446 HOH HOH A . 
B 2 HOH 85  447 447 HOH HOH A . 
B 2 HOH 86  448 448 HOH HOH A . 
B 2 HOH 87  449 449 HOH HOH A . 
B 2 HOH 88  450 450 HOH HOH A . 
B 2 HOH 89  451 451 HOH HOH A . 
B 2 HOH 90  452 452 HOH HOH A . 
B 2 HOH 91  453 453 HOH HOH A . 
B 2 HOH 92  454 454 HOH HOH A . 
B 2 HOH 93  455 455 HOH HOH A . 
B 2 HOH 94  456 456 HOH HOH A . 
B 2 HOH 95  457 457 HOH HOH A . 
B 2 HOH 96  458 458 HOH HOH A . 
B 2 HOH 97  459 459 HOH HOH A . 
B 2 HOH 98  460 460 HOH HOH A . 
B 2 HOH 99  461 461 HOH HOH A . 
B 2 HOH 100 462 462 HOH HOH A . 
B 2 HOH 101 463 463 HOH HOH A . 
B 2 HOH 102 464 464 HOH HOH A . 
B 2 HOH 103 465 465 HOH HOH A . 
B 2 HOH 104 466 466 HOH HOH A . 
B 2 HOH 105 467 467 HOH HOH A . 
B 2 HOH 106 468 468 HOH HOH A . 
B 2 HOH 107 469 469 HOH HOH A . 
B 2 HOH 108 470 470 HOH HOH A . 
B 2 HOH 109 471 471 HOH HOH A . 
B 2 HOH 110 472 472 HOH HOH A . 
B 2 HOH 111 473 473 HOH HOH A . 
B 2 HOH 112 474 474 HOH HOH A . 
B 2 HOH 113 475 475 HOH HOH A . 
B 2 HOH 114 476 476 HOH HOH A . 
B 2 HOH 115 477 477 HOH HOH A . 
B 2 HOH 116 478 478 HOH HOH A . 
B 2 HOH 117 479 479 HOH HOH A . 
B 2 HOH 118 480 480 HOH HOH A . 
B 2 HOH 119 481 481 HOH HOH A . 
B 2 HOH 120 482 482 HOH HOH A . 
B 2 HOH 121 483 483 HOH HOH A . 
B 2 HOH 122 484 484 HOH HOH A . 
B 2 HOH 123 485 485 HOH HOH A . 
B 2 HOH 124 486 486 HOH HOH A . 
B 2 HOH 125 487 487 HOH HOH A . 
B 2 HOH 126 488 488 HOH HOH A . 
B 2 HOH 127 489 489 HOH HOH A . 
B 2 HOH 128 490 490 HOH HOH A . 
B 2 HOH 129 491 491 HOH HOH A . 
B 2 HOH 130 492 492 HOH HOH A . 
B 2 HOH 131 493 493 HOH HOH A . 
B 2 HOH 132 494 494 HOH HOH A . 
B 2 HOH 133 495 495 HOH HOH A . 
B 2 HOH 134 496 496 HOH HOH A . 
B 2 HOH 135 497 497 HOH HOH A . 
B 2 HOH 136 498 498 HOH HOH A . 
B 2 HOH 137 499 499 HOH HOH A . 
B 2 HOH 138 500 500 HOH HOH A . 
B 2 HOH 139 501 501 HOH HOH A . 
B 2 HOH 140 502 502 HOH HOH A . 
B 2 HOH 141 503 503 HOH HOH A . 
B 2 HOH 142 504 504 HOH HOH A . 
B 2 HOH 143 505 505 HOH HOH A . 
B 2 HOH 144 506 506 HOH HOH A . 
B 2 HOH 145 507 507 HOH HOH A . 
B 2 HOH 146 508 508 HOH HOH A . 
B 2 HOH 147 509 509 HOH HOH A . 
B 2 HOH 148 510 510 HOH HOH A . 
B 2 HOH 149 511 511 HOH HOH A . 
B 2 HOH 150 512 512 HOH HOH A . 
B 2 HOH 151 513 513 HOH HOH A . 
B 2 HOH 152 514 514 HOH HOH A . 
B 2 HOH 153 515 515 HOH HOH A . 
B 2 HOH 154 516 516 HOH HOH A . 
B 2 HOH 155 517 517 HOH HOH A . 
B 2 HOH 156 518 518 HOH HOH A . 
B 2 HOH 157 519 519 HOH HOH A . 
B 2 HOH 158 520 520 HOH HOH A . 
B 2 HOH 159 521 521 HOH HOH A . 
B 2 HOH 160 522 522 HOH HOH A . 
B 2 HOH 161 523 523 HOH HOH A . 
B 2 HOH 162 524 524 HOH HOH A . 
B 2 HOH 163 525 525 HOH HOH A . 
B 2 HOH 164 526 526 HOH HOH A . 
B 2 HOH 165 527 527 HOH HOH A . 
B 2 HOH 166 528 528 HOH HOH A . 
B 2 HOH 167 529 529 HOH HOH A . 
B 2 HOH 168 530 530 HOH HOH A . 
B 2 HOH 169 531 531 HOH HOH A . 
B 2 HOH 170 532 532 HOH HOH A . 
B 2 HOH 171 533 533 HOH HOH A . 
B 2 HOH 172 534 534 HOH HOH A . 
B 2 HOH 173 535 535 HOH HOH A . 
B 2 HOH 174 536 536 HOH HOH A . 
B 2 HOH 175 537 537 HOH HOH A . 
B 2 HOH 176 538 538 HOH HOH A . 
B 2 HOH 177 539 539 HOH HOH A . 
B 2 HOH 178 540 540 HOH HOH A . 
B 2 HOH 179 541 541 HOH HOH A . 
B 2 HOH 180 542 542 HOH HOH A . 
B 2 HOH 181 543 543 HOH HOH A . 
B 2 HOH 182 544 544 HOH HOH A . 
B 2 HOH 183 545 545 HOH HOH A . 
B 2 HOH 184 546 546 HOH HOH A . 
B 2 HOH 185 547 547 HOH HOH A . 
B 2 HOH 186 548 548 HOH HOH A . 
B 2 HOH 187 549 549 HOH HOH A . 
B 2 HOH 188 550 550 HOH HOH A . 
B 2 HOH 189 551 551 HOH HOH A . 
B 2 HOH 190 552 552 HOH HOH A . 
B 2 HOH 191 553 553 HOH HOH A . 
B 2 HOH 192 554 554 HOH HOH A . 
B 2 HOH 193 555 555 HOH HOH A . 
B 2 HOH 194 556 556 HOH HOH A . 
B 2 HOH 195 557 557 HOH HOH A . 
B 2 HOH 196 558 558 HOH HOH A . 
B 2 HOH 197 559 559 HOH HOH A . 
B 2 HOH 198 560 560 HOH HOH A . 
B 2 HOH 199 561 561 HOH HOH A . 
B 2 HOH 200 562 562 HOH HOH A . 
B 2 HOH 201 563 563 HOH HOH A . 
B 2 HOH 202 564 564 HOH HOH A . 
B 2 HOH 203 565 565 HOH HOH A . 
B 2 HOH 204 566 566 HOH HOH A . 
B 2 HOH 205 567 567 HOH HOH A . 
B 2 HOH 206 568 568 HOH HOH A . 
B 2 HOH 207 569 569 HOH HOH A . 
B 2 HOH 208 570 570 HOH HOH A . 
B 2 HOH 209 571 571 HOH HOH A . 
B 2 HOH 210 572 572 HOH HOH A . 
B 2 HOH 211 573 573 HOH HOH A . 
B 2 HOH 212 574 574 HOH HOH A . 
B 2 HOH 213 575 575 HOH HOH A . 
B 2 HOH 214 576 576 HOH HOH A . 
B 2 HOH 215 577 577 HOH HOH A . 
B 2 HOH 216 578 578 HOH HOH A . 
B 2 HOH 217 579 579 HOH HOH A . 
B 2 HOH 218 580 580 HOH HOH A . 
B 2 HOH 219 581 581 HOH HOH A . 
B 2 HOH 220 582 582 HOH HOH A . 
B 2 HOH 221 583 583 HOH HOH A . 
B 2 HOH 222 584 584 HOH HOH A . 
B 2 HOH 223 585 585 HOH HOH A . 
B 2 HOH 224 586 586 HOH HOH A . 
B 2 HOH 225 587 587 HOH HOH A . 
B 2 HOH 226 588 588 HOH HOH A . 
B 2 HOH 227 589 589 HOH HOH A . 
B 2 HOH 228 590 590 HOH HOH A . 
B 2 HOH 229 591 591 HOH HOH A . 
B 2 HOH 230 592 592 HOH HOH A . 
B 2 HOH 231 593 593 HOH HOH A . 
B 2 HOH 232 594 594 HOH HOH A . 
B 2 HOH 233 595 595 HOH HOH A . 
B 2 HOH 234 596 596 HOH HOH A . 
B 2 HOH 235 597 597 HOH HOH A . 
B 2 HOH 236 598 598 HOH HOH A . 
B 2 HOH 237 599 599 HOH HOH A . 
B 2 HOH 238 600 600 HOH HOH A . 
B 2 HOH 239 601 601 HOH HOH A . 
B 2 HOH 240 602 602 HOH HOH A . 
B 2 HOH 241 603 603 HOH HOH A . 
B 2 HOH 242 604 604 HOH HOH A . 
B 2 HOH 243 605 605 HOH HOH A . 
B 2 HOH 244 606 606 HOH HOH A . 
B 2 HOH 245 607 607 HOH HOH A . 
B 2 HOH 246 608 608 HOH HOH A . 
B 2 HOH 247 609 609 HOH HOH A . 
B 2 HOH 248 610 610 HOH HOH A . 
B 2 HOH 249 611 611 HOH HOH A . 
B 2 HOH 250 612 612 HOH HOH A . 
B 2 HOH 251 613 613 HOH HOH A . 
B 2 HOH 252 614 614 HOH HOH A . 
B 2 HOH 253 615 615 HOH HOH A . 
B 2 HOH 254 616 616 HOH HOH A . 
B 2 HOH 255 617 617 HOH HOH A . 
B 2 HOH 256 618 618 HOH HOH A . 
B 2 HOH 257 619 619 HOH HOH A . 
B 2 HOH 258 620 620 HOH HOH A . 
B 2 HOH 259 621 621 HOH HOH A . 
B 2 HOH 260 622 622 HOH HOH A . 
B 2 HOH 261 623 623 HOH HOH A . 
B 2 HOH 262 624 624 HOH HOH A . 
B 2 HOH 263 625 625 HOH HOH A . 
B 2 HOH 264 626 626 HOH HOH A . 
B 2 HOH 265 627 627 HOH HOH A . 
B 2 HOH 266 628 628 HOH HOH A . 
B 2 HOH 267 629 629 HOH HOH A . 
B 2 HOH 268 630 630 HOH HOH A . 
B 2 HOH 269 631 631 HOH HOH A . 
B 2 HOH 270 632 632 HOH HOH A . 
B 2 HOH 271 633 633 HOH HOH A . 
B 2 HOH 272 634 634 HOH HOH A . 
B 2 HOH 273 635 635 HOH HOH A . 
B 2 HOH 274 636 636 HOH HOH A . 
B 2 HOH 275 637 637 HOH HOH A . 
B 2 HOH 276 638 638 HOH HOH A . 
B 2 HOH 277 639 639 HOH HOH A . 
B 2 HOH 278 640 640 HOH HOH A . 
B 2 HOH 279 641 641 HOH HOH A . 
B 2 HOH 280 642 642 HOH HOH A . 
B 2 HOH 281 643 643 HOH HOH A . 
B 2 HOH 282 644 644 HOH HOH A . 
B 2 HOH 283 645 645 HOH HOH A . 
B 2 HOH 284 646 646 HOH HOH A . 
B 2 HOH 285 647 647 HOH HOH A . 
B 2 HOH 286 648 648 HOH HOH A . 
B 2 HOH 287 649 649 HOH HOH A . 
B 2 HOH 288 650 650 HOH HOH A . 
B 2 HOH 289 651 651 HOH HOH A . 
B 2 HOH 290 652 652 HOH HOH A . 
B 2 HOH 291 653 653 HOH HOH A . 
B 2 HOH 292 654 654 HOH HOH A . 
B 2 HOH 293 655 655 HOH HOH A . 
B 2 HOH 294 656 656 HOH HOH A . 
B 2 HOH 295 657 657 HOH HOH A . 
B 2 HOH 296 658 658 HOH HOH A . 
B 2 HOH 297 659 659 HOH HOH A . 
B 2 HOH 298 660 660 HOH HOH A . 
B 2 HOH 299 661 661 HOH HOH A . 
B 2 HOH 300 662 662 HOH HOH A . 
B 2 HOH 301 663 663 HOH HOH A . 
B 2 HOH 302 664 664 HOH HOH A . 
B 2 HOH 303 665 665 HOH HOH A . 
B 2 HOH 304 666 666 HOH HOH A . 
B 2 HOH 305 667 667 HOH HOH A . 
B 2 HOH 306 668 668 HOH HOH A . 
B 2 HOH 307 669 669 HOH HOH A . 
B 2 HOH 308 670 670 HOH HOH A . 
B 2 HOH 309 671 671 HOH HOH A . 
B 2 HOH 310 672 672 HOH HOH A . 
B 2 HOH 311 673 673 HOH HOH A . 
B 2 HOH 312 674 674 HOH HOH A . 
B 2 HOH 313 675 675 HOH HOH A . 
B 2 HOH 314 676 676 HOH HOH A . 
B 2 HOH 315 677 677 HOH HOH A . 
B 2 HOH 316 678 678 HOH HOH A . 
B 2 HOH 317 679 679 HOH HOH A . 
B 2 HOH 318 680 680 HOH HOH A . 
B 2 HOH 319 681 681 HOH HOH A . 
B 2 HOH 320 682 682 HOH HOH A . 
B 2 HOH 321 683 683 HOH HOH A . 
B 2 HOH 322 684 684 HOH HOH A . 
B 2 HOH 323 685 685 HOH HOH A . 
B 2 HOH 324 686 686 HOH HOH A . 
B 2 HOH 325 687 687 HOH HOH A . 
B 2 HOH 326 688 688 HOH HOH A . 
B 2 HOH 327 689 689 HOH HOH A . 
B 2 HOH 328 690 690 HOH HOH A . 
B 2 HOH 329 691 691 HOH HOH A . 
B 2 HOH 330 692 692 HOH HOH A . 
B 2 HOH 331 693 693 HOH HOH A . 
B 2 HOH 332 694 694 HOH HOH A . 
B 2 HOH 333 695 695 HOH HOH A . 
B 2 HOH 334 696 696 HOH HOH A . 
B 2 HOH 335 697 697 HOH HOH A . 
B 2 HOH 336 698 698 HOH HOH A . 
B 2 HOH 337 699 699 HOH HOH A . 
B 2 HOH 338 700 700 HOH HOH A . 
B 2 HOH 339 701 701 HOH HOH A . 
B 2 HOH 340 702 702 HOH HOH A . 
B 2 HOH 341 703 703 HOH HOH A . 
B 2 HOH 342 704 704 HOH HOH A . 
B 2 HOH 343 705 705 HOH HOH A . 
B 2 HOH 344 706 706 HOH HOH A . 
B 2 HOH 345 707 707 HOH HOH A . 
B 2 HOH 346 708 708 HOH HOH A . 
B 2 HOH 347 709 709 HOH HOH A . 
B 2 HOH 348 710 710 HOH HOH A . 
B 2 HOH 349 711 711 HOH HOH A . 
# 
loop_
_pdbx_unobs_or_zero_occ_atoms.id 
_pdbx_unobs_or_zero_occ_atoms.PDB_model_num 
_pdbx_unobs_or_zero_occ_atoms.polymer_flag 
_pdbx_unobs_or_zero_occ_atoms.occupancy_flag 
_pdbx_unobs_or_zero_occ_atoms.auth_asym_id 
_pdbx_unobs_or_zero_occ_atoms.auth_comp_id 
_pdbx_unobs_or_zero_occ_atoms.auth_seq_id 
_pdbx_unobs_or_zero_occ_atoms.PDB_ins_code 
_pdbx_unobs_or_zero_occ_atoms.auth_atom_id 
_pdbx_unobs_or_zero_occ_atoms.label_alt_id 
_pdbx_unobs_or_zero_occ_atoms.label_asym_id 
_pdbx_unobs_or_zero_occ_atoms.label_comp_id 
_pdbx_unobs_or_zero_occ_atoms.label_seq_id 
_pdbx_unobs_or_zero_occ_atoms.label_atom_id 
1 1 Y 1 A ARG 362 ? NE  ? A ARG 171 NE  
2 1 Y 1 A ARG 362 ? CZ  ? A ARG 171 CZ  
3 1 Y 1 A ARG 362 ? NH1 ? A ARG 171 NH1 
4 1 Y 1 A ARG 362 ? NH2 ? A ARG 171 NH2 
# 
loop_
_software.name 
_software.classification 
_software.version 
_software.citation_id 
_software.pdbx_ordinal 
HKL-2000 'data collection' .      ? 1 
PHASES   phasing           .      ? 2 
REFMAC   refinement        5.1.24 ? 3 
HKL-2000 'data reduction'  .      ? 4 
HKL-2000 'data scaling'    .      ? 5 
# 
_cell.entry_id           3EO5 
_cell.length_a           46.053 
_cell.length_b           105.445 
_cell.length_c           121.981 
_cell.angle_alpha        90.00 
_cell.angle_beta         90.00 
_cell.angle_gamma        90.00 
_cell.Z_PDB              8 
_cell.pdbx_unique_axis   ? 
_cell.length_a_esd       ? 
_cell.length_b_esd       ? 
_cell.length_c_esd       ? 
_cell.angle_alpha_esd    ? 
_cell.angle_beta_esd     ? 
_cell.angle_gamma_esd    ? 
# 
_symmetry.entry_id                         3EO5 
_symmetry.space_group_name_H-M             'I 21 21 21' 
_symmetry.pdbx_full_space_group_name_H-M   ? 
_symmetry.cell_setting                     ? 
_symmetry.Int_Tables_number                24 
_symmetry.space_group_name_Hall            ? 
# 
_exptl.entry_id          3EO5 
_exptl.method            'X-RAY DIFFRACTION' 
_exptl.crystals_number   1 
# 
_exptl_crystal.id                    1 
_exptl_crystal.density_meas          ? 
_exptl_crystal.density_Matthews      4.05 
_exptl_crystal.density_percent_sol   69.64 
_exptl_crystal.description           ? 
_exptl_crystal.F_000                 ? 
_exptl_crystal.preparation           ? 
# 
_exptl_crystal_grow.crystal_id      1 
_exptl_crystal_grow.method          'VAPOR DIFFUSION' 
_exptl_crystal_grow.temp            293 
_exptl_crystal_grow.temp_details    ? 
_exptl_crystal_grow.pH              6.5 
_exptl_crystal_grow.pdbx_details    'pH 6.5, VAPOR DIFFUSION, temperature 293K' 
_exptl_crystal_grow.pdbx_pH_range   . 
# 
loop_
_diffrn.id 
_diffrn.ambient_temp 
_diffrn.ambient_temp_details 
_diffrn.crystal_id 
1 100 ? 1 
2 100 ? 1 
# 
loop_
_diffrn_detector.diffrn_id 
_diffrn_detector.detector 
_diffrn_detector.type 
_diffrn_detector.pdbx_collection_date 
_diffrn_detector.details 
1 CCD 'MARMOSAIC 225 mm CCD' 2007-12-18 ? 
2 CCD 'MARMOSAIC 225 mm CCD' 2007-12-18 ? 
# 
loop_
_diffrn_radiation.diffrn_id 
_diffrn_radiation.wavelength_id 
_diffrn_radiation.pdbx_monochromatic_or_laue_m_l 
_diffrn_radiation.monochromator 
_diffrn_radiation.pdbx_diffrn_protocol 
_diffrn_radiation.pdbx_scattering_type 
1 1 M ? 'SINGLE WAVELENGTH' x-ray 
2 2 M ? MAD                 x-ray 
# 
loop_
_diffrn_radiation_wavelength.id 
_diffrn_radiation_wavelength.wavelength 
_diffrn_radiation_wavelength.wt 
1 0.9464 1.0 
2 0.9791 1.0 
3 0.8856 1.0 
# 
loop_
_diffrn_source.diffrn_id 
_diffrn_source.source 
_diffrn_source.type 
_diffrn_source.pdbx_synchrotron_site 
_diffrn_source.pdbx_synchrotron_beamline 
_diffrn_source.pdbx_wavelength 
_diffrn_source.pdbx_wavelength_list 
1 SYNCHROTRON 'ESRF BEAMLINE BM14' ESRF BM14 ? 0.9464           
2 SYNCHROTRON 'ESRF BEAMLINE BM14' ESRF BM14 ? '0.9791, 0.8856' 
# 
_reflns.entry_id                     3EO5 
_reflns.observed_criterion_sigma_I   0 
_reflns.observed_criterion_sigma_F   0 
_reflns.d_resolution_low             50 
_reflns.d_resolution_high            1.830 
_reflns.number_obs                   27100 
_reflns.number_all                   28677 
_reflns.percent_possible_obs         94.5 
_reflns.pdbx_Rmerge_I_obs            0.043 
_reflns.pdbx_Rsym_value              ? 
_reflns.pdbx_netI_over_sigmaI        37.9 
_reflns.B_iso_Wilson_estimate        19 
_reflns.pdbx_redundancy              6.7 
_reflns.R_free_details               ? 
_reflns.limit_h_max                  ? 
_reflns.limit_h_min                  ? 
_reflns.limit_k_max                  ? 
_reflns.limit_k_min                  ? 
_reflns.limit_l_max                  ? 
_reflns.limit_l_min                  ? 
_reflns.observed_criterion_F_max     ? 
_reflns.observed_criterion_F_min     ? 
_reflns.pdbx_chi_squared             ? 
_reflns.pdbx_scaling_rejects         ? 
_reflns.pdbx_diffrn_id               1,2 
_reflns.pdbx_ordinal                 1 
# 
_reflns_shell.d_res_high             1.83 
_reflns_shell.d_res_low              1.87 
_reflns_shell.percent_possible_all   70.1 
_reflns_shell.Rmerge_I_obs           0.23200 
_reflns_shell.pdbx_Rsym_value        ? 
_reflns_shell.meanI_over_sigI_obs    3.300 
_reflns_shell.pdbx_redundancy        4 
_reflns_shell.percent_possible_obs   ? 
_reflns_shell.number_unique_all      ? 
_reflns_shell.number_measured_all    ? 
_reflns_shell.number_measured_obs    ? 
_reflns_shell.number_unique_obs      ? 
_reflns_shell.pdbx_chi_squared       ? 
_reflns_shell.pdbx_diffrn_id         ? 
_reflns_shell.pdbx_ordinal           1 
# 
_refine.entry_id                                 3EO5 
_refine.ls_number_reflns_obs                     23786 
_refine.ls_number_reflns_all                     24965 
_refine.pdbx_ls_sigma_I                          ? 
_refine.pdbx_ls_sigma_F                          0 
_refine.pdbx_data_cutoff_high_absF               ? 
_refine.pdbx_data_cutoff_low_absF                ? 
_refine.pdbx_data_cutoff_high_rms_absF           ? 
_refine.ls_d_res_low                             20 
_refine.ls_d_res_high                            1.83 
_refine.ls_percent_reflns_obs                    94.06 
_refine.ls_R_factor_obs                          0.194 
_refine.ls_R_factor_all                          ? 
_refine.ls_R_factor_R_work                       0.192 
_refine.ls_R_factor_R_free                       0.234 
_refine.ls_R_factor_R_free_error                 ? 
_refine.ls_R_factor_R_free_error_details         ? 
_refine.ls_percent_reflns_R_free                 ? 
_refine.ls_number_reflns_R_free                  1287 
_refine.ls_number_parameters                     ? 
_refine.ls_number_restraints                     ? 
_refine.occupancy_min                            ? 
_refine.occupancy_max                            ? 
_refine.correlation_coeff_Fo_to_Fc               0.955 
_refine.correlation_coeff_Fo_to_Fc_free          0.928 
_refine.B_iso_mean                               31.16 
_refine.aniso_B[1][1]                            ? 
_refine.aniso_B[2][2]                            ? 
_refine.aniso_B[3][3]                            ? 
_refine.aniso_B[1][2]                            ? 
_refine.aniso_B[1][3]                            ? 
_refine.aniso_B[2][3]                            ? 
_refine.solvent_model_details                    ? 
_refine.solvent_model_param_ksol                 ? 
_refine.solvent_model_param_bsol                 ? 
_refine.pdbx_solvent_vdw_probe_radii             ? 
_refine.pdbx_solvent_ion_probe_radii             ? 
_refine.pdbx_solvent_shrinkage_radii             ? 
_refine.pdbx_ls_cross_valid_method               THROUGHOUT 
_refine.details                                  ? 
_refine.pdbx_starting_model                      ? 
_refine.pdbx_method_to_determine_struct          MAD 
_refine.pdbx_isotropic_thermal_model             ? 
_refine.pdbx_stereochemistry_target_values       'Engh & Huber' 
_refine.pdbx_stereochem_target_val_spec_case     ? 
_refine.pdbx_R_Free_selection_details            RANDOM 
_refine.pdbx_overall_ESU_R                       0.113 
_refine.pdbx_overall_ESU_R_Free                  0.118 
_refine.overall_SU_ML                            0.080 
_refine.overall_SU_B                             2.591 
_refine.ls_redundancy_reflns_obs                 ? 
_refine.B_iso_min                                ? 
_refine.B_iso_max                                ? 
_refine.overall_SU_R_Cruickshank_DPI             ? 
_refine.overall_SU_R_free                        ? 
_refine.ls_wR_factor_R_free                      ? 
_refine.ls_wR_factor_R_work                      ? 
_refine.overall_FOM_free_R_set                   ? 
_refine.overall_FOM_work_R_set                   ? 
_refine.pdbx_refine_id                           'X-RAY DIFFRACTION' 
_refine.pdbx_overall_phase_error                 ? 
_refine.pdbx_diffrn_id                           1 
_refine.pdbx_TLS_residual_ADP_flag               ? 
_refine.pdbx_overall_SU_R_free_Cruickshank_DPI   ? 
_refine.pdbx_overall_SU_R_Blow_DPI               ? 
_refine.pdbx_overall_SU_R_free_Blow_DPI          ? 
# 
_refine_hist.pdbx_refine_id                   'X-RAY DIFFRACTION' 
_refine_hist.cycle_id                         LAST 
_refine_hist.pdbx_number_atoms_protein        1274 
_refine_hist.pdbx_number_atoms_nucleic_acid   0 
_refine_hist.pdbx_number_atoms_ligand         0 
_refine_hist.number_atoms_solvent             349 
_refine_hist.number_atoms_total               1623 
_refine_hist.d_res_high                       1.83 
_refine_hist.d_res_low                        20 
# 
loop_
_refine_ls_restr.type 
_refine_ls_restr.dev_ideal 
_refine_ls_restr.dev_ideal_target 
_refine_ls_restr.weight 
_refine_ls_restr.number 
_refine_ls_restr.pdbx_refine_id 
_refine_ls_restr.pdbx_restraint_function 
r_bond_refined_d             0.012 0.022 ? 1303 'X-RAY DIFFRACTION' ? 
r_bond_other_d               ?     ?     ? ?    'X-RAY DIFFRACTION' ? 
r_angle_refined_deg          1.433 1.939 ? 1780 'X-RAY DIFFRACTION' ? 
r_angle_other_deg            ?     ?     ? ?    'X-RAY DIFFRACTION' ? 
r_dihedral_angle_1_deg       ?     ?     ? ?    'X-RAY DIFFRACTION' ? 
r_dihedral_angle_2_deg       ?     ?     ? ?    'X-RAY DIFFRACTION' ? 
r_dihedral_angle_3_deg       ?     ?     ? ?    'X-RAY DIFFRACTION' ? 
r_dihedral_angle_4_deg       ?     ?     ? ?    'X-RAY DIFFRACTION' ? 
r_chiral_restr               ?     ?     ? ?    'X-RAY DIFFRACTION' ? 
r_gen_planes_refined         ?     ?     ? ?    'X-RAY DIFFRACTION' ? 
r_gen_planes_other           ?     ?     ? ?    'X-RAY DIFFRACTION' ? 
r_nbd_refined                ?     ?     ? ?    'X-RAY DIFFRACTION' ? 
r_nbd_other                  ?     ?     ? ?    'X-RAY DIFFRACTION' ? 
r_nbtor_refined              ?     ?     ? ?    'X-RAY DIFFRACTION' ? 
r_nbtor_other                ?     ?     ? ?    'X-RAY DIFFRACTION' ? 
r_xyhbond_nbd_refined        ?     ?     ? ?    'X-RAY DIFFRACTION' ? 
r_xyhbond_nbd_other          ?     ?     ? ?    'X-RAY DIFFRACTION' ? 
r_metal_ion_refined          ?     ?     ? ?    'X-RAY DIFFRACTION' ? 
r_metal_ion_other            ?     ?     ? ?    'X-RAY DIFFRACTION' ? 
r_symmetry_vdw_refined       ?     ?     ? ?    'X-RAY DIFFRACTION' ? 
r_symmetry_vdw_other         ?     ?     ? ?    'X-RAY DIFFRACTION' ? 
r_symmetry_hbond_refined     ?     ?     ? ?    'X-RAY DIFFRACTION' ? 
r_symmetry_hbond_other       ?     ?     ? ?    'X-RAY DIFFRACTION' ? 
r_symmetry_metal_ion_refined ?     ?     ? ?    'X-RAY DIFFRACTION' ? 
r_symmetry_metal_ion_other   ?     ?     ? ?    'X-RAY DIFFRACTION' ? 
r_mcbond_it                  ?     ?     ? ?    'X-RAY DIFFRACTION' ? 
r_mcbond_other               ?     ?     ? ?    'X-RAY DIFFRACTION' ? 
r_mcangle_it                 ?     ?     ? ?    'X-RAY DIFFRACTION' ? 
r_scbond_it                  ?     ?     ? ?    'X-RAY DIFFRACTION' ? 
r_scangle_it                 ?     ?     ? ?    'X-RAY DIFFRACTION' ? 
r_rigid_bond_restr           ?     ?     ? ?    'X-RAY DIFFRACTION' ? 
r_sphericity_free            ?     ?     ? ?    'X-RAY DIFFRACTION' ? 
r_sphericity_bonded          ?     ?     ? ?    'X-RAY DIFFRACTION' ? 
# 
_refine_ls_shell.pdbx_total_number_of_bins_used   20 
_refine_ls_shell.d_res_high                       1.83 
_refine_ls_shell.d_res_low                        1.87 
_refine_ls_shell.number_reflns_R_work             1251 
_refine_ls_shell.R_factor_R_work                  0.276 
_refine_ls_shell.percent_reflns_obs               70.09 
_refine_ls_shell.R_factor_R_free                  0.314 
_refine_ls_shell.R_factor_R_free_error            ? 
_refine_ls_shell.percent_reflns_R_free            ? 
_refine_ls_shell.number_reflns_R_free             ? 
_refine_ls_shell.number_reflns_all                ? 
_refine_ls_shell.R_factor_all                     ? 
_refine_ls_shell.number_reflns_obs                24965 
_refine_ls_shell.redundancy_reflns_obs            ? 
_refine_ls_shell.pdbx_refine_id                   'X-RAY DIFFRACTION' 
# 
_struct.entry_id                  3EO5 
_struct.title                     'Crystal structure of the resuscitation promoting factor RpfB' 
_struct.pdbx_model_details        ? 
_struct.pdbx_CASP_flag            ? 
_struct.pdbx_model_type_details   ? 
# 
_struct_keywords.entry_id        3EO5 
_struct_keywords.pdbx_keywords   'CELL ADHESION' 
_struct_keywords.text            'resuscitation, cell adhesion, crystal' 
# 
loop_
_struct_asym.id 
_struct_asym.pdbx_blank_PDB_chainid_flag 
_struct_asym.pdbx_modified 
_struct_asym.entity_id 
_struct_asym.details 
A N N 1 ? 
B N N 2 ? 
# 
_struct_ref.id                         1 
_struct_ref.db_name                    UNP 
_struct_ref.db_code                    O05594_MYCTU 
_struct_ref.pdbx_db_accession          O05594 
_struct_ref.entity_id                  1 
_struct_ref.pdbx_seq_one_letter_code   
;RNRIKKVTERLPLPPNARRVEDPEMNMSREVVEDPGVPGTQDVTFAVAEVNGVETGRLPVANVVVTPAHEAVVRVGTKPG
TEVPPVIDGSIWDAIAGCEAGGNWAINTGNGYYGGVQFDQGTWEANGGLRYAPRADLATREEQIAVAEVTRLRQGWGAWP
VCAARAGAR
;
_struct_ref.pdbx_align_begin           194 
_struct_ref.pdbx_db_isoform            ? 
# 
_struct_ref_seq.align_id                      1 
_struct_ref_seq.ref_id                        1 
_struct_ref_seq.pdbx_PDB_id_code              3EO5 
_struct_ref_seq.pdbx_strand_id                A 
_struct_ref_seq.seq_align_beg                 3 
_struct_ref_seq.pdbx_seq_align_beg_ins_code   ? 
_struct_ref_seq.seq_align_end                 171 
_struct_ref_seq.pdbx_seq_align_end_ins_code   ? 
_struct_ref_seq.pdbx_db_accession             O05594 
_struct_ref_seq.db_align_beg                  194 
_struct_ref_seq.pdbx_db_align_beg_ins_code    ? 
_struct_ref_seq.db_align_end                  362 
_struct_ref_seq.pdbx_db_align_end_ins_code    ? 
_struct_ref_seq.pdbx_auth_seq_align_beg       194 
_struct_ref_seq.pdbx_auth_seq_align_end       362 
# 
loop_
_struct_ref_seq_dif.align_id 
_struct_ref_seq_dif.pdbx_pdb_id_code 
_struct_ref_seq_dif.mon_id 
_struct_ref_seq_dif.pdbx_pdb_strand_id 
_struct_ref_seq_dif.seq_num 
_struct_ref_seq_dif.pdbx_pdb_ins_code 
_struct_ref_seq_dif.pdbx_seq_db_name 
_struct_ref_seq_dif.pdbx_seq_db_accession_code 
_struct_ref_seq_dif.db_mon_id 
_struct_ref_seq_dif.pdbx_seq_db_seq_num 
_struct_ref_seq_dif.details 
_struct_ref_seq_dif.pdbx_auth_seq_num 
_struct_ref_seq_dif.pdbx_ordinal 
1 3EO5 MET A 1 ? UNP O05594 ? ? 'expression tag' 192 1 
1 3EO5 GLY A 2 ? UNP O05594 ? ? 'expression tag' 193 2 
# 
_pdbx_struct_assembly.id                   1 
_pdbx_struct_assembly.details              author_and_software_defined_assembly 
_pdbx_struct_assembly.method_details       PISA 
_pdbx_struct_assembly.oligomeric_details   monomeric 
_pdbx_struct_assembly.oligomeric_count     1 
# 
_pdbx_struct_assembly_gen.assembly_id       1 
_pdbx_struct_assembly_gen.oper_expression   1 
_pdbx_struct_assembly_gen.asym_id_list      A,B 
# 
_pdbx_struct_oper_list.id                   1 
_pdbx_struct_oper_list.type                 'identity operation' 
_pdbx_struct_oper_list.name                 1_555 
_pdbx_struct_oper_list.symmetry_operation   x,y,z 
_pdbx_struct_oper_list.matrix[1][1]         1.0000000000 
_pdbx_struct_oper_list.matrix[1][2]         0.0000000000 
_pdbx_struct_oper_list.matrix[1][3]         0.0000000000 
_pdbx_struct_oper_list.vector[1]            0.0000000000 
_pdbx_struct_oper_list.matrix[2][1]         0.0000000000 
_pdbx_struct_oper_list.matrix[2][2]         1.0000000000 
_pdbx_struct_oper_list.matrix[2][3]         0.0000000000 
_pdbx_struct_oper_list.vector[2]            0.0000000000 
_pdbx_struct_oper_list.matrix[3][1]         0.0000000000 
_pdbx_struct_oper_list.matrix[3][2]         0.0000000000 
_pdbx_struct_oper_list.matrix[3][3]         1.0000000000 
_pdbx_struct_oper_list.vector[3]            0.0000000000 
# 
_struct_biol.id        1 
_struct_biol.details   ? 
# 
loop_
_struct_conf.conf_type_id 
_struct_conf.id 
_struct_conf.pdbx_PDB_helix_id 
_struct_conf.beg_label_comp_id 
_struct_conf.beg_label_asym_id 
_struct_conf.beg_label_seq_id 
_struct_conf.pdbx_beg_PDB_ins_code 
_struct_conf.end_label_comp_id 
_struct_conf.end_label_asym_id 
_struct_conf.end_label_seq_id 
_struct_conf.pdbx_end_PDB_ins_code 
_struct_conf.beg_auth_comp_id 
_struct_conf.beg_auth_asym_id 
_struct_conf.beg_auth_seq_id 
_struct_conf.end_auth_comp_id 
_struct_conf.end_auth_asym_id 
_struct_conf.end_auth_seq_id 
_struct_conf.pdbx_PDB_helix_class 
_struct_conf.details 
_struct_conf.pdbx_PDB_helix_length 
HELX_P HELX_P1 1 SER A 92  ? GLY A 103 ? SER A 283 GLY A 294 1 ? 12 
HELX_P HELX_P2 2 ASP A 121 ? ASN A 128 ? ASP A 312 ASN A 319 1 ? 8  
HELX_P HELX_P3 3 GLY A 129 ? TYR A 133 ? GLY A 320 TYR A 324 5 ? 5  
HELX_P HELX_P4 4 ARG A 136 ? ALA A 140 ? ARG A 327 ALA A 331 5 ? 5  
HELX_P HELX_P5 5 THR A 141 ? GLY A 157 ? THR A 332 GLY A 348 1 ? 17 
HELX_P HELX_P6 6 VAL A 163 ? ALA A 168 ? VAL A 354 ALA A 359 1 ? 6  
# 
_struct_conf_type.id          HELX_P 
_struct_conf_type.criteria    ? 
_struct_conf_type.reference   ? 
# 
_struct_conn.id                            disulf1 
_struct_conn.conn_type_id                  disulf 
_struct_conn.pdbx_leaving_atom_flag        ? 
_struct_conn.pdbx_PDB_id                   ? 
_struct_conn.ptnr1_label_asym_id           A 
_struct_conn.ptnr1_label_comp_id           CYS 
_struct_conn.ptnr1_label_seq_id            100 
_struct_conn.ptnr1_label_atom_id           SG 
_struct_conn.pdbx_ptnr1_label_alt_id       ? 
_struct_conn.pdbx_ptnr1_PDB_ins_code       ? 
_struct_conn.pdbx_ptnr1_standard_comp_id   ? 
_struct_conn.ptnr1_symmetry                1_555 
_struct_conn.ptnr2_label_asym_id           A 
_struct_conn.ptnr2_label_comp_id           CYS 
_struct_conn.ptnr2_label_seq_id            164 
_struct_conn.ptnr2_label_atom_id           SG 
_struct_conn.pdbx_ptnr2_label_alt_id       ? 
_struct_conn.pdbx_ptnr2_PDB_ins_code       ? 
_struct_conn.ptnr1_auth_asym_id            A 
_struct_conn.ptnr1_auth_comp_id            CYS 
_struct_conn.ptnr1_auth_seq_id             291 
_struct_conn.ptnr2_auth_asym_id            A 
_struct_conn.ptnr2_auth_comp_id            CYS 
_struct_conn.ptnr2_auth_seq_id             355 
_struct_conn.ptnr2_symmetry                1_555 
_struct_conn.pdbx_ptnr3_label_atom_id      ? 
_struct_conn.pdbx_ptnr3_label_seq_id       ? 
_struct_conn.pdbx_ptnr3_label_comp_id      ? 
_struct_conn.pdbx_ptnr3_label_asym_id      ? 
_struct_conn.pdbx_ptnr3_label_alt_id       ? 
_struct_conn.pdbx_ptnr3_PDB_ins_code       ? 
_struct_conn.details                       ? 
_struct_conn.pdbx_dist_value               2.076 
_struct_conn.pdbx_value_order              ? 
_struct_conn.pdbx_role                     ? 
# 
_struct_conn_type.id          disulf 
_struct_conn_type.criteria    ? 
_struct_conn_type.reference   ? 
# 
_pdbx_modification_feature.ordinal                            1 
_pdbx_modification_feature.label_comp_id                      CYS 
_pdbx_modification_feature.label_asym_id                      A 
_pdbx_modification_feature.label_seq_id                       100 
_pdbx_modification_feature.label_alt_id                       ? 
_pdbx_modification_feature.modified_residue_label_comp_id     CYS 
_pdbx_modification_feature.modified_residue_label_asym_id     A 
_pdbx_modification_feature.modified_residue_label_seq_id      164 
_pdbx_modification_feature.modified_residue_label_alt_id      ? 
_pdbx_modification_feature.auth_comp_id                       CYS 
_pdbx_modification_feature.auth_asym_id                       A 
_pdbx_modification_feature.auth_seq_id                        291 
_pdbx_modification_feature.PDB_ins_code                       ? 
_pdbx_modification_feature.symmetry                           1_555 
_pdbx_modification_feature.modified_residue_auth_comp_id      CYS 
_pdbx_modification_feature.modified_residue_auth_asym_id      A 
_pdbx_modification_feature.modified_residue_auth_seq_id       355 
_pdbx_modification_feature.modified_residue_PDB_ins_code      ? 
_pdbx_modification_feature.modified_residue_symmetry          1_555 
_pdbx_modification_feature.comp_id_linking_atom               SG 
_pdbx_modification_feature.modified_residue_id_linking_atom   SG 
_pdbx_modification_feature.modified_residue_id                . 
_pdbx_modification_feature.ref_pcm_id                         . 
_pdbx_modification_feature.ref_comp_id                        . 
_pdbx_modification_feature.type                               None 
_pdbx_modification_feature.category                           'Disulfide bridge' 
# 
loop_
_struct_sheet.id 
_struct_sheet.type 
_struct_sheet.number_strands 
_struct_sheet.details 
A ? 3 ? 
B ? 3 ? 
# 
loop_
_struct_sheet_order.sheet_id 
_struct_sheet_order.range_id_1 
_struct_sheet_order.range_id_2 
_struct_sheet_order.offset 
_struct_sheet_order.sense 
A 1 2 ? anti-parallel 
A 2 3 ? anti-parallel 
B 1 2 ? parallel      
B 2 3 ? anti-parallel 
# 
loop_
_struct_sheet_range.sheet_id 
_struct_sheet_range.id 
_struct_sheet_range.beg_label_comp_id 
_struct_sheet_range.beg_label_asym_id 
_struct_sheet_range.beg_label_seq_id 
_struct_sheet_range.pdbx_beg_PDB_ins_code 
_struct_sheet_range.end_label_comp_id 
_struct_sheet_range.end_label_asym_id 
_struct_sheet_range.end_label_seq_id 
_struct_sheet_range.pdbx_end_PDB_ins_code 
_struct_sheet_range.beg_auth_comp_id 
_struct_sheet_range.beg_auth_asym_id 
_struct_sheet_range.beg_auth_seq_id 
_struct_sheet_range.end_auth_comp_id 
_struct_sheet_range.end_auth_asym_id 
_struct_sheet_range.end_auth_seq_id 
A 1 ILE A 6  ? LEU A 15 ? ILE A 197 LEU A 206 
A 2 GLY A 41 ? VAL A 52 ? GLY A 232 VAL A 243 
A 3 VAL A 55 ? THR A 68 ? VAL A 246 THR A 259 
B 1 ALA A 19 ? ASP A 24 ? ALA A 210 ASP A 215 
B 2 ALA A 73 ? GLY A 78 ? ALA A 264 GLY A 269 
B 3 GLU A 32 ? ASP A 36 ? GLU A 223 ASP A 227 
# 
loop_
_pdbx_struct_sheet_hbond.sheet_id 
_pdbx_struct_sheet_hbond.range_id_1 
_pdbx_struct_sheet_hbond.range_id_2 
_pdbx_struct_sheet_hbond.range_1_label_atom_id 
_pdbx_struct_sheet_hbond.range_1_label_comp_id 
_pdbx_struct_sheet_hbond.range_1_label_asym_id 
_pdbx_struct_sheet_hbond.range_1_label_seq_id 
_pdbx_struct_sheet_hbond.range_1_PDB_ins_code 
_pdbx_struct_sheet_hbond.range_1_auth_atom_id 
_pdbx_struct_sheet_hbond.range_1_auth_comp_id 
_pdbx_struct_sheet_hbond.range_1_auth_asym_id 
_pdbx_struct_sheet_hbond.range_1_auth_seq_id 
_pdbx_struct_sheet_hbond.range_2_label_atom_id 
_pdbx_struct_sheet_hbond.range_2_label_comp_id 
_pdbx_struct_sheet_hbond.range_2_label_asym_id 
_pdbx_struct_sheet_hbond.range_2_label_seq_id 
_pdbx_struct_sheet_hbond.range_2_PDB_ins_code 
_pdbx_struct_sheet_hbond.range_2_auth_atom_id 
_pdbx_struct_sheet_hbond.range_2_auth_comp_id 
_pdbx_struct_sheet_hbond.range_2_auth_asym_id 
_pdbx_struct_sheet_hbond.range_2_auth_seq_id 
A 1 2 N VAL A 9  ? N VAL A 200 O PHE A 47 ? O PHE A 238 
A 2 3 N THR A 46 ? N THR A 237 O VAL A 62 ? O VAL A 253 
B 1 2 N VAL A 22 ? N VAL A 213 O VAL A 75 ? O VAL A 266 
B 2 3 O VAL A 74 ? O VAL A 265 N ASP A 36 ? N ASP A 227 
# 
_pdbx_entry_details.entry_id                   3EO5 
_pdbx_entry_details.compound_details           ? 
_pdbx_entry_details.source_details             ? 
_pdbx_entry_details.nonpolymer_details         ? 
_pdbx_entry_details.sequence_details           ? 
_pdbx_entry_details.has_ligand_of_interest     ? 
_pdbx_entry_details.has_protein_modification   Y 
# 
loop_
_pdbx_validate_torsion.id 
_pdbx_validate_torsion.PDB_model_num 
_pdbx_validate_torsion.auth_comp_id 
_pdbx_validate_torsion.auth_asym_id 
_pdbx_validate_torsion.auth_seq_id 
_pdbx_validate_torsion.PDB_ins_code 
_pdbx_validate_torsion.label_alt_id 
_pdbx_validate_torsion.phi 
_pdbx_validate_torsion.psi 
1 1 VAL A 258 ? ? -101.59 -64.69 
2 1 ALA A 293 ? ? -148.91 11.27  
3 1 ASN A 300 ? ? -157.54 85.84  
# 
loop_
_pdbx_struct_special_symmetry.id 
_pdbx_struct_special_symmetry.PDB_model_num 
_pdbx_struct_special_symmetry.auth_asym_id 
_pdbx_struct_special_symmetry.auth_comp_id 
_pdbx_struct_special_symmetry.auth_seq_id 
_pdbx_struct_special_symmetry.PDB_ins_code 
_pdbx_struct_special_symmetry.label_asym_id 
_pdbx_struct_special_symmetry.label_comp_id 
_pdbx_struct_special_symmetry.label_seq_id 
1 1 A HOH 483 ? B HOH . 
2 1 A HOH 605 ? B HOH . 
# 
loop_
_pdbx_unobs_or_zero_occ_residues.id 
_pdbx_unobs_or_zero_occ_residues.PDB_model_num 
_pdbx_unobs_or_zero_occ_residues.polymer_flag 
_pdbx_unobs_or_zero_occ_residues.occupancy_flag 
_pdbx_unobs_or_zero_occ_residues.auth_asym_id 
_pdbx_unobs_or_zero_occ_residues.auth_comp_id 
_pdbx_unobs_or_zero_occ_residues.auth_seq_id 
_pdbx_unobs_or_zero_occ_residues.PDB_ins_code 
_pdbx_unobs_or_zero_occ_residues.label_asym_id 
_pdbx_unobs_or_zero_occ_residues.label_comp_id 
_pdbx_unobs_or_zero_occ_residues.label_seq_id 
1 1 Y 1 A ASP 281 ? A ASP 90 
2 1 Y 1 A GLY 282 ? A GLY 91 
# 
loop_
_chem_comp_atom.comp_id 
_chem_comp_atom.atom_id 
_chem_comp_atom.type_symbol 
_chem_comp_atom.pdbx_aromatic_flag 
_chem_comp_atom.pdbx_stereo_config 
_chem_comp_atom.pdbx_ordinal 
ALA N    N N N 1   
ALA CA   C N S 2   
ALA C    C N N 3   
ALA O    O N N 4   
ALA CB   C N N 5   
ALA OXT  O N N 6   
ALA H    H N N 7   
ALA H2   H N N 8   
ALA HA   H N N 9   
ALA HB1  H N N 10  
ALA HB2  H N N 11  
ALA HB3  H N N 12  
ALA HXT  H N N 13  
ARG N    N N N 14  
ARG CA   C N S 15  
ARG C    C N N 16  
ARG O    O N N 17  
ARG CB   C N N 18  
ARG CG   C N N 19  
ARG CD   C N N 20  
ARG NE   N N N 21  
ARG CZ   C N N 22  
ARG NH1  N N N 23  
ARG NH2  N N N 24  
ARG OXT  O N N 25  
ARG H    H N N 26  
ARG H2   H N N 27  
ARG HA   H N N 28  
ARG HB2  H N N 29  
ARG HB3  H N N 30  
ARG HG2  H N N 31  
ARG HG3  H N N 32  
ARG HD2  H N N 33  
ARG HD3  H N N 34  
ARG HE   H N N 35  
ARG HH11 H N N 36  
ARG HH12 H N N 37  
ARG HH21 H N N 38  
ARG HH22 H N N 39  
ARG HXT  H N N 40  
ASN N    N N N 41  
ASN CA   C N S 42  
ASN C    C N N 43  
ASN O    O N N 44  
ASN CB   C N N 45  
ASN CG   C N N 46  
ASN OD1  O N N 47  
ASN ND2  N N N 48  
ASN OXT  O N N 49  
ASN H    H N N 50  
ASN H2   H N N 51  
ASN HA   H N N 52  
ASN HB2  H N N 53  
ASN HB3  H N N 54  
ASN HD21 H N N 55  
ASN HD22 H N N 56  
ASN HXT  H N N 57  
ASP N    N N N 58  
ASP CA   C N S 59  
ASP C    C N N 60  
ASP O    O N N 61  
ASP CB   C N N 62  
ASP CG   C N N 63  
ASP OD1  O N N 64  
ASP OD2  O N N 65  
ASP OXT  O N N 66  
ASP H    H N N 67  
ASP H2   H N N 68  
ASP HA   H N N 69  
ASP HB2  H N N 70  
ASP HB3  H N N 71  
ASP HD2  H N N 72  
ASP HXT  H N N 73  
CYS N    N N N 74  
CYS CA   C N R 75  
CYS C    C N N 76  
CYS O    O N N 77  
CYS CB   C N N 78  
CYS SG   S N N 79  
CYS OXT  O N N 80  
CYS H    H N N 81  
CYS H2   H N N 82  
CYS HA   H N N 83  
CYS HB2  H N N 84  
CYS HB3  H N N 85  
CYS HG   H N N 86  
CYS HXT  H N N 87  
GLN N    N N N 88  
GLN CA   C N S 89  
GLN C    C N N 90  
GLN O    O N N 91  
GLN CB   C N N 92  
GLN CG   C N N 93  
GLN CD   C N N 94  
GLN OE1  O N N 95  
GLN NE2  N N N 96  
GLN OXT  O N N 97  
GLN H    H N N 98  
GLN H2   H N N 99  
GLN HA   H N N 100 
GLN HB2  H N N 101 
GLN HB3  H N N 102 
GLN HG2  H N N 103 
GLN HG3  H N N 104 
GLN HE21 H N N 105 
GLN HE22 H N N 106 
GLN HXT  H N N 107 
GLU N    N N N 108 
GLU CA   C N S 109 
GLU C    C N N 110 
GLU O    O N N 111 
GLU CB   C N N 112 
GLU CG   C N N 113 
GLU CD   C N N 114 
GLU OE1  O N N 115 
GLU OE2  O N N 116 
GLU OXT  O N N 117 
GLU H    H N N 118 
GLU H2   H N N 119 
GLU HA   H N N 120 
GLU HB2  H N N 121 
GLU HB3  H N N 122 
GLU HG2  H N N 123 
GLU HG3  H N N 124 
GLU HE2  H N N 125 
GLU HXT  H N N 126 
GLY N    N N N 127 
GLY CA   C N N 128 
GLY C    C N N 129 
GLY O    O N N 130 
GLY OXT  O N N 131 
GLY H    H N N 132 
GLY H2   H N N 133 
GLY HA2  H N N 134 
GLY HA3  H N N 135 
GLY HXT  H N N 136 
HIS N    N N N 137 
HIS CA   C N S 138 
HIS C    C N N 139 
HIS O    O N N 140 
HIS CB   C N N 141 
HIS CG   C Y N 142 
HIS ND1  N Y N 143 
HIS CD2  C Y N 144 
HIS CE1  C Y N 145 
HIS NE2  N Y N 146 
HIS OXT  O N N 147 
HIS H    H N N 148 
HIS H2   H N N 149 
HIS HA   H N N 150 
HIS HB2  H N N 151 
HIS HB3  H N N 152 
HIS HD1  H N N 153 
HIS HD2  H N N 154 
HIS HE1  H N N 155 
HIS HE2  H N N 156 
HIS HXT  H N N 157 
HOH O    O N N 158 
HOH H1   H N N 159 
HOH H2   H N N 160 
ILE N    N N N 161 
ILE CA   C N S 162 
ILE C    C N N 163 
ILE O    O N N 164 
ILE CB   C N S 165 
ILE CG1  C N N 166 
ILE CG2  C N N 167 
ILE CD1  C N N 168 
ILE OXT  O N N 169 
ILE H    H N N 170 
ILE H2   H N N 171 
ILE HA   H N N 172 
ILE HB   H N N 173 
ILE HG12 H N N 174 
ILE HG13 H N N 175 
ILE HG21 H N N 176 
ILE HG22 H N N 177 
ILE HG23 H N N 178 
ILE HD11 H N N 179 
ILE HD12 H N N 180 
ILE HD13 H N N 181 
ILE HXT  H N N 182 
LEU N    N N N 183 
LEU CA   C N S 184 
LEU C    C N N 185 
LEU O    O N N 186 
LEU CB   C N N 187 
LEU CG   C N N 188 
LEU CD1  C N N 189 
LEU CD2  C N N 190 
LEU OXT  O N N 191 
LEU H    H N N 192 
LEU H2   H N N 193 
LEU HA   H N N 194 
LEU HB2  H N N 195 
LEU HB3  H N N 196 
LEU HG   H N N 197 
LEU HD11 H N N 198 
LEU HD12 H N N 199 
LEU HD13 H N N 200 
LEU HD21 H N N 201 
LEU HD22 H N N 202 
LEU HD23 H N N 203 
LEU HXT  H N N 204 
LYS N    N N N 205 
LYS CA   C N S 206 
LYS C    C N N 207 
LYS O    O N N 208 
LYS CB   C N N 209 
LYS CG   C N N 210 
LYS CD   C N N 211 
LYS CE   C N N 212 
LYS NZ   N N N 213 
LYS OXT  O N N 214 
LYS H    H N N 215 
LYS H2   H N N 216 
LYS HA   H N N 217 
LYS HB2  H N N 218 
LYS HB3  H N N 219 
LYS HG2  H N N 220 
LYS HG3  H N N 221 
LYS HD2  H N N 222 
LYS HD3  H N N 223 
LYS HE2  H N N 224 
LYS HE3  H N N 225 
LYS HZ1  H N N 226 
LYS HZ2  H N N 227 
LYS HZ3  H N N 228 
LYS HXT  H N N 229 
MET N    N N N 230 
MET CA   C N S 231 
MET C    C N N 232 
MET O    O N N 233 
MET CB   C N N 234 
MET CG   C N N 235 
MET SD   S N N 236 
MET CE   C N N 237 
MET OXT  O N N 238 
MET H    H N N 239 
MET H2   H N N 240 
MET HA   H N N 241 
MET HB2  H N N 242 
MET HB3  H N N 243 
MET HG2  H N N 244 
MET HG3  H N N 245 
MET HE1  H N N 246 
MET HE2  H N N 247 
MET HE3  H N N 248 
MET HXT  H N N 249 
PHE N    N N N 250 
PHE CA   C N S 251 
PHE C    C N N 252 
PHE O    O N N 253 
PHE CB   C N N 254 
PHE CG   C Y N 255 
PHE CD1  C Y N 256 
PHE CD2  C Y N 257 
PHE CE1  C Y N 258 
PHE CE2  C Y N 259 
PHE CZ   C Y N 260 
PHE OXT  O N N 261 
PHE H    H N N 262 
PHE H2   H N N 263 
PHE HA   H N N 264 
PHE HB2  H N N 265 
PHE HB3  H N N 266 
PHE HD1  H N N 267 
PHE HD2  H N N 268 
PHE HE1  H N N 269 
PHE HE2  H N N 270 
PHE HZ   H N N 271 
PHE HXT  H N N 272 
PRO N    N N N 273 
PRO CA   C N S 274 
PRO C    C N N 275 
PRO O    O N N 276 
PRO CB   C N N 277 
PRO CG   C N N 278 
PRO CD   C N N 279 
PRO OXT  O N N 280 
PRO H    H N N 281 
PRO HA   H N N 282 
PRO HB2  H N N 283 
PRO HB3  H N N 284 
PRO HG2  H N N 285 
PRO HG3  H N N 286 
PRO HD2  H N N 287 
PRO HD3  H N N 288 
PRO HXT  H N N 289 
SER N    N N N 290 
SER CA   C N S 291 
SER C    C N N 292 
SER O    O N N 293 
SER CB   C N N 294 
SER OG   O N N 295 
SER OXT  O N N 296 
SER H    H N N 297 
SER H2   H N N 298 
SER HA   H N N 299 
SER HB2  H N N 300 
SER HB3  H N N 301 
SER HG   H N N 302 
SER HXT  H N N 303 
THR N    N N N 304 
THR CA   C N S 305 
THR C    C N N 306 
THR O    O N N 307 
THR CB   C N R 308 
THR OG1  O N N 309 
THR CG2  C N N 310 
THR OXT  O N N 311 
THR H    H N N 312 
THR H2   H N N 313 
THR HA   H N N 314 
THR HB   H N N 315 
THR HG1  H N N 316 
THR HG21 H N N 317 
THR HG22 H N N 318 
THR HG23 H N N 319 
THR HXT  H N N 320 
TRP N    N N N 321 
TRP CA   C N S 322 
TRP C    C N N 323 
TRP O    O N N 324 
TRP CB   C N N 325 
TRP CG   C Y N 326 
TRP CD1  C Y N 327 
TRP CD2  C Y N 328 
TRP NE1  N Y N 329 
TRP CE2  C Y N 330 
TRP CE3  C Y N 331 
TRP CZ2  C Y N 332 
TRP CZ3  C Y N 333 
TRP CH2  C Y N 334 
TRP OXT  O N N 335 
TRP H    H N N 336 
TRP H2   H N N 337 
TRP HA   H N N 338 
TRP HB2  H N N 339 
TRP HB3  H N N 340 
TRP HD1  H N N 341 
TRP HE1  H N N 342 
TRP HE3  H N N 343 
TRP HZ2  H N N 344 
TRP HZ3  H N N 345 
TRP HH2  H N N 346 
TRP HXT  H N N 347 
TYR N    N N N 348 
TYR CA   C N S 349 
TYR C    C N N 350 
TYR O    O N N 351 
TYR CB   C N N 352 
TYR CG   C Y N 353 
TYR CD1  C Y N 354 
TYR CD2  C Y N 355 
TYR CE1  C Y N 356 
TYR CE2  C Y N 357 
TYR CZ   C Y N 358 
TYR OH   O N N 359 
TYR OXT  O N N 360 
TYR H    H N N 361 
TYR H2   H N N 362 
TYR HA   H N N 363 
TYR HB2  H N N 364 
TYR HB3  H N N 365 
TYR HD1  H N N 366 
TYR HD2  H N N 367 
TYR HE1  H N N 368 
TYR HE2  H N N 369 
TYR HH   H N N 370 
TYR HXT  H N N 371 
VAL N    N N N 372 
VAL CA   C N S 373 
VAL C    C N N 374 
VAL O    O N N 375 
VAL CB   C N N 376 
VAL CG1  C N N 377 
VAL CG2  C N N 378 
VAL OXT  O N N 379 
VAL H    H N N 380 
VAL H2   H N N 381 
VAL HA   H N N 382 
VAL HB   H N N 383 
VAL HG11 H N N 384 
VAL HG12 H N N 385 
VAL HG13 H N N 386 
VAL HG21 H N N 387 
VAL HG22 H N N 388 
VAL HG23 H N N 389 
VAL HXT  H N N 390 
# 
loop_
_chem_comp_bond.comp_id 
_chem_comp_bond.atom_id_1 
_chem_comp_bond.atom_id_2 
_chem_comp_bond.value_order 
_chem_comp_bond.pdbx_aromatic_flag 
_chem_comp_bond.pdbx_stereo_config 
_chem_comp_bond.pdbx_ordinal 
ALA N   CA   sing N N 1   
ALA N   H    sing N N 2   
ALA N   H2   sing N N 3   
ALA CA  C    sing N N 4   
ALA CA  CB   sing N N 5   
ALA CA  HA   sing N N 6   
ALA C   O    doub N N 7   
ALA C   OXT  sing N N 8   
ALA CB  HB1  sing N N 9   
ALA CB  HB2  sing N N 10  
ALA CB  HB3  sing N N 11  
ALA OXT HXT  sing N N 12  
ARG N   CA   sing N N 13  
ARG N   H    sing N N 14  
ARG N   H2   sing N N 15  
ARG CA  C    sing N N 16  
ARG CA  CB   sing N N 17  
ARG CA  HA   sing N N 18  
ARG C   O    doub N N 19  
ARG C   OXT  sing N N 20  
ARG CB  CG   sing N N 21  
ARG CB  HB2  sing N N 22  
ARG CB  HB3  sing N N 23  
ARG CG  CD   sing N N 24  
ARG CG  HG2  sing N N 25  
ARG CG  HG3  sing N N 26  
ARG CD  NE   sing N N 27  
ARG CD  HD2  sing N N 28  
ARG CD  HD3  sing N N 29  
ARG NE  CZ   sing N N 30  
ARG NE  HE   sing N N 31  
ARG CZ  NH1  sing N N 32  
ARG CZ  NH2  doub N N 33  
ARG NH1 HH11 sing N N 34  
ARG NH1 HH12 sing N N 35  
ARG NH2 HH21 sing N N 36  
ARG NH2 HH22 sing N N 37  
ARG OXT HXT  sing N N 38  
ASN N   CA   sing N N 39  
ASN N   H    sing N N 40  
ASN N   H2   sing N N 41  
ASN CA  C    sing N N 42  
ASN CA  CB   sing N N 43  
ASN CA  HA   sing N N 44  
ASN C   O    doub N N 45  
ASN C   OXT  sing N N 46  
ASN CB  CG   sing N N 47  
ASN CB  HB2  sing N N 48  
ASN CB  HB3  sing N N 49  
ASN CG  OD1  doub N N 50  
ASN CG  ND2  sing N N 51  
ASN ND2 HD21 sing N N 52  
ASN ND2 HD22 sing N N 53  
ASN OXT HXT  sing N N 54  
ASP N   CA   sing N N 55  
ASP N   H    sing N N 56  
ASP N   H2   sing N N 57  
ASP CA  C    sing N N 58  
ASP CA  CB   sing N N 59  
ASP CA  HA   sing N N 60  
ASP C   O    doub N N 61  
ASP C   OXT  sing N N 62  
ASP CB  CG   sing N N 63  
ASP CB  HB2  sing N N 64  
ASP CB  HB3  sing N N 65  
ASP CG  OD1  doub N N 66  
ASP CG  OD2  sing N N 67  
ASP OD2 HD2  sing N N 68  
ASP OXT HXT  sing N N 69  
CYS N   CA   sing N N 70  
CYS N   H    sing N N 71  
CYS N   H2   sing N N 72  
CYS CA  C    sing N N 73  
CYS CA  CB   sing N N 74  
CYS CA  HA   sing N N 75  
CYS C   O    doub N N 76  
CYS C   OXT  sing N N 77  
CYS CB  SG   sing N N 78  
CYS CB  HB2  sing N N 79  
CYS CB  HB3  sing N N 80  
CYS SG  HG   sing N N 81  
CYS OXT HXT  sing N N 82  
GLN N   CA   sing N N 83  
GLN N   H    sing N N 84  
GLN N   H2   sing N N 85  
GLN CA  C    sing N N 86  
GLN CA  CB   sing N N 87  
GLN CA  HA   sing N N 88  
GLN C   O    doub N N 89  
GLN C   OXT  sing N N 90  
GLN CB  CG   sing N N 91  
GLN CB  HB2  sing N N 92  
GLN CB  HB3  sing N N 93  
GLN CG  CD   sing N N 94  
GLN CG  HG2  sing N N 95  
GLN CG  HG3  sing N N 96  
GLN CD  OE1  doub N N 97  
GLN CD  NE2  sing N N 98  
GLN NE2 HE21 sing N N 99  
GLN NE2 HE22 sing N N 100 
GLN OXT HXT  sing N N 101 
GLU N   CA   sing N N 102 
GLU N   H    sing N N 103 
GLU N   H2   sing N N 104 
GLU CA  C    sing N N 105 
GLU CA  CB   sing N N 106 
GLU CA  HA   sing N N 107 
GLU C   O    doub N N 108 
GLU C   OXT  sing N N 109 
GLU CB  CG   sing N N 110 
GLU CB  HB2  sing N N 111 
GLU CB  HB3  sing N N 112 
GLU CG  CD   sing N N 113 
GLU CG  HG2  sing N N 114 
GLU CG  HG3  sing N N 115 
GLU CD  OE1  doub N N 116 
GLU CD  OE2  sing N N 117 
GLU OE2 HE2  sing N N 118 
GLU OXT HXT  sing N N 119 
GLY N   CA   sing N N 120 
GLY N   H    sing N N 121 
GLY N   H2   sing N N 122 
GLY CA  C    sing N N 123 
GLY CA  HA2  sing N N 124 
GLY CA  HA3  sing N N 125 
GLY C   O    doub N N 126 
GLY C   OXT  sing N N 127 
GLY OXT HXT  sing N N 128 
HIS N   CA   sing N N 129 
HIS N   H    sing N N 130 
HIS N   H2   sing N N 131 
HIS CA  C    sing N N 132 
HIS CA  CB   sing N N 133 
HIS CA  HA   sing N N 134 
HIS C   O    doub N N 135 
HIS C   OXT  sing N N 136 
HIS CB  CG   sing N N 137 
HIS CB  HB2  sing N N 138 
HIS CB  HB3  sing N N 139 
HIS CG  ND1  sing Y N 140 
HIS CG  CD2  doub Y N 141 
HIS ND1 CE1  doub Y N 142 
HIS ND1 HD1  sing N N 143 
HIS CD2 NE2  sing Y N 144 
HIS CD2 HD2  sing N N 145 
HIS CE1 NE2  sing Y N 146 
HIS CE1 HE1  sing N N 147 
HIS NE2 HE2  sing N N 148 
HIS OXT HXT  sing N N 149 
HOH O   H1   sing N N 150 
HOH O   H2   sing N N 151 
ILE N   CA   sing N N 152 
ILE N   H    sing N N 153 
ILE N   H2   sing N N 154 
ILE CA  C    sing N N 155 
ILE CA  CB   sing N N 156 
ILE CA  HA   sing N N 157 
ILE C   O    doub N N 158 
ILE C   OXT  sing N N 159 
ILE CB  CG1  sing N N 160 
ILE CB  CG2  sing N N 161 
ILE CB  HB   sing N N 162 
ILE CG1 CD1  sing N N 163 
ILE CG1 HG12 sing N N 164 
ILE CG1 HG13 sing N N 165 
ILE CG2 HG21 sing N N 166 
ILE CG2 HG22 sing N N 167 
ILE CG2 HG23 sing N N 168 
ILE CD1 HD11 sing N N 169 
ILE CD1 HD12 sing N N 170 
ILE CD1 HD13 sing N N 171 
ILE OXT HXT  sing N N 172 
LEU N   CA   sing N N 173 
LEU N   H    sing N N 174 
LEU N   H2   sing N N 175 
LEU CA  C    sing N N 176 
LEU CA  CB   sing N N 177 
LEU CA  HA   sing N N 178 
LEU C   O    doub N N 179 
LEU C   OXT  sing N N 180 
LEU CB  CG   sing N N 181 
LEU CB  HB2  sing N N 182 
LEU CB  HB3  sing N N 183 
LEU CG  CD1  sing N N 184 
LEU CG  CD2  sing N N 185 
LEU CG  HG   sing N N 186 
LEU CD1 HD11 sing N N 187 
LEU CD1 HD12 sing N N 188 
LEU CD1 HD13 sing N N 189 
LEU CD2 HD21 sing N N 190 
LEU CD2 HD22 sing N N 191 
LEU CD2 HD23 sing N N 192 
LEU OXT HXT  sing N N 193 
LYS N   CA   sing N N 194 
LYS N   H    sing N N 195 
LYS N   H2   sing N N 196 
LYS CA  C    sing N N 197 
LYS CA  CB   sing N N 198 
LYS CA  HA   sing N N 199 
LYS C   O    doub N N 200 
LYS C   OXT  sing N N 201 
LYS CB  CG   sing N N 202 
LYS CB  HB2  sing N N 203 
LYS CB  HB3  sing N N 204 
LYS CG  CD   sing N N 205 
LYS CG  HG2  sing N N 206 
LYS CG  HG3  sing N N 207 
LYS CD  CE   sing N N 208 
LYS CD  HD2  sing N N 209 
LYS CD  HD3  sing N N 210 
LYS CE  NZ   sing N N 211 
LYS CE  HE2  sing N N 212 
LYS CE  HE3  sing N N 213 
LYS NZ  HZ1  sing N N 214 
LYS NZ  HZ2  sing N N 215 
LYS NZ  HZ3  sing N N 216 
LYS OXT HXT  sing N N 217 
MET N   CA   sing N N 218 
MET N   H    sing N N 219 
MET N   H2   sing N N 220 
MET CA  C    sing N N 221 
MET CA  CB   sing N N 222 
MET CA  HA   sing N N 223 
MET C   O    doub N N 224 
MET C   OXT  sing N N 225 
MET CB  CG   sing N N 226 
MET CB  HB2  sing N N 227 
MET CB  HB3  sing N N 228 
MET CG  SD   sing N N 229 
MET CG  HG2  sing N N 230 
MET CG  HG3  sing N N 231 
MET SD  CE   sing N N 232 
MET CE  HE1  sing N N 233 
MET CE  HE2  sing N N 234 
MET CE  HE3  sing N N 235 
MET OXT HXT  sing N N 236 
PHE N   CA   sing N N 237 
PHE N   H    sing N N 238 
PHE N   H2   sing N N 239 
PHE CA  C    sing N N 240 
PHE CA  CB   sing N N 241 
PHE CA  HA   sing N N 242 
PHE C   O    doub N N 243 
PHE C   OXT  sing N N 244 
PHE CB  CG   sing N N 245 
PHE CB  HB2  sing N N 246 
PHE CB  HB3  sing N N 247 
PHE CG  CD1  doub Y N 248 
PHE CG  CD2  sing Y N 249 
PHE CD1 CE1  sing Y N 250 
PHE CD1 HD1  sing N N 251 
PHE CD2 CE2  doub Y N 252 
PHE CD2 HD2  sing N N 253 
PHE CE1 CZ   doub Y N 254 
PHE CE1 HE1  sing N N 255 
PHE CE2 CZ   sing Y N 256 
PHE CE2 HE2  sing N N 257 
PHE CZ  HZ   sing N N 258 
PHE OXT HXT  sing N N 259 
PRO N   CA   sing N N 260 
PRO N   CD   sing N N 261 
PRO N   H    sing N N 262 
PRO CA  C    sing N N 263 
PRO CA  CB   sing N N 264 
PRO CA  HA   sing N N 265 
PRO C   O    doub N N 266 
PRO C   OXT  sing N N 267 
PRO CB  CG   sing N N 268 
PRO CB  HB2  sing N N 269 
PRO CB  HB3  sing N N 270 
PRO CG  CD   sing N N 271 
PRO CG  HG2  sing N N 272 
PRO CG  HG3  sing N N 273 
PRO CD  HD2  sing N N 274 
PRO CD  HD3  sing N N 275 
PRO OXT HXT  sing N N 276 
SER N   CA   sing N N 277 
SER N   H    sing N N 278 
SER N   H2   sing N N 279 
SER CA  C    sing N N 280 
SER CA  CB   sing N N 281 
SER CA  HA   sing N N 282 
SER C   O    doub N N 283 
SER C   OXT  sing N N 284 
SER CB  OG   sing N N 285 
SER CB  HB2  sing N N 286 
SER CB  HB3  sing N N 287 
SER OG  HG   sing N N 288 
SER OXT HXT  sing N N 289 
THR N   CA   sing N N 290 
THR N   H    sing N N 291 
THR N   H2   sing N N 292 
THR CA  C    sing N N 293 
THR CA  CB   sing N N 294 
THR CA  HA   sing N N 295 
THR C   O    doub N N 296 
THR C   OXT  sing N N 297 
THR CB  OG1  sing N N 298 
THR CB  CG2  sing N N 299 
THR CB  HB   sing N N 300 
THR OG1 HG1  sing N N 301 
THR CG2 HG21 sing N N 302 
THR CG2 HG22 sing N N 303 
THR CG2 HG23 sing N N 304 
THR OXT HXT  sing N N 305 
TRP N   CA   sing N N 306 
TRP N   H    sing N N 307 
TRP N   H2   sing N N 308 
TRP CA  C    sing N N 309 
TRP CA  CB   sing N N 310 
TRP CA  HA   sing N N 311 
TRP C   O    doub N N 312 
TRP C   OXT  sing N N 313 
TRP CB  CG   sing N N 314 
TRP CB  HB2  sing N N 315 
TRP CB  HB3  sing N N 316 
TRP CG  CD1  doub Y N 317 
TRP CG  CD2  sing Y N 318 
TRP CD1 NE1  sing Y N 319 
TRP CD1 HD1  sing N N 320 
TRP CD2 CE2  doub Y N 321 
TRP CD2 CE3  sing Y N 322 
TRP NE1 CE2  sing Y N 323 
TRP NE1 HE1  sing N N 324 
TRP CE2 CZ2  sing Y N 325 
TRP CE3 CZ3  doub Y N 326 
TRP CE3 HE3  sing N N 327 
TRP CZ2 CH2  doub Y N 328 
TRP CZ2 HZ2  sing N N 329 
TRP CZ3 CH2  sing Y N 330 
TRP CZ3 HZ3  sing N N 331 
TRP CH2 HH2  sing N N 332 
TRP OXT HXT  sing N N 333 
TYR N   CA   sing N N 334 
TYR N   H    sing N N 335 
TYR N   H2   sing N N 336 
TYR CA  C    sing N N 337 
TYR CA  CB   sing N N 338 
TYR CA  HA   sing N N 339 
TYR C   O    doub N N 340 
TYR C   OXT  sing N N 341 
TYR CB  CG   sing N N 342 
TYR CB  HB2  sing N N 343 
TYR CB  HB3  sing N N 344 
TYR CG  CD1  doub Y N 345 
TYR CG  CD2  sing Y N 346 
TYR CD1 CE1  sing Y N 347 
TYR CD1 HD1  sing N N 348 
TYR CD2 CE2  doub Y N 349 
TYR CD2 HD2  sing N N 350 
TYR CE1 CZ   doub Y N 351 
TYR CE1 HE1  sing N N 352 
TYR CE2 CZ   sing Y N 353 
TYR CE2 HE2  sing N N 354 
TYR CZ  OH   sing N N 355 
TYR OH  HH   sing N N 356 
TYR OXT HXT  sing N N 357 
VAL N   CA   sing N N 358 
VAL N   H    sing N N 359 
VAL N   H2   sing N N 360 
VAL CA  C    sing N N 361 
VAL CA  CB   sing N N 362 
VAL CA  HA   sing N N 363 
VAL C   O    doub N N 364 
VAL C   OXT  sing N N 365 
VAL CB  CG1  sing N N 366 
VAL CB  CG2  sing N N 367 
VAL CB  HB   sing N N 368 
VAL CG1 HG11 sing N N 369 
VAL CG1 HG12 sing N N 370 
VAL CG1 HG13 sing N N 371 
VAL CG2 HG21 sing N N 372 
VAL CG2 HG22 sing N N 373 
VAL CG2 HG23 sing N N 374 
VAL OXT HXT  sing N N 375 
# 
_atom_sites.entry_id                    3EO5 
_atom_sites.fract_transf_matrix[1][1]   -0.01327660 
_atom_sites.fract_transf_matrix[1][2]   0.01684319 
_atom_sites.fract_transf_matrix[1][3]   -0.00339655 
_atom_sites.fract_transf_matrix[2][1]   0.00423590 
_atom_sites.fract_transf_matrix[2][2]   0.00475605 
_atom_sites.fract_transf_matrix[2][3]   0.00702733 
_atom_sites.fract_transf_matrix[3][1]   0.00535493 
_atom_sites.fract_transf_matrix[3][2]   0.00314136 
_atom_sites.fract_transf_matrix[3][3]   -0.00535386 
_atom_sites.fract_transf_vector[1]      -0.021032 
_atom_sites.fract_transf_vector[2]      0.074015 
_atom_sites.fract_transf_vector[3]      0.521370 
# 
loop_
_atom_type.symbol 
C 
N 
O 
S 
# 
loop_
_atom_site.group_PDB 
_atom_site.id 
_atom_site.type_symbol 
_atom_site.label_atom_id 
_atom_site.label_alt_id 
_atom_site.label_comp_id 
_atom_site.label_asym_id 
_atom_site.label_entity_id 
_atom_site.label_seq_id 
_atom_site.pdbx_PDB_ins_code 
_atom_site.Cartn_x 
_atom_site.Cartn_y 
_atom_site.Cartn_z 
_atom_site.occupancy 
_atom_site.B_iso_or_equiv 
_atom_site.pdbx_formal_charge 
_atom_site.auth_seq_id 
_atom_site.auth_comp_id 
_atom_site.auth_asym_id 
_atom_site.auth_atom_id 
_atom_site.pdbx_PDB_model_num 
ATOM   1    N N   . MET A 1 1   ? -40.533 -15.210 21.974  1.00 40.93 ? 192 MET A N   1 
ATOM   2    C CA  . MET A 1 1   ? -41.000 -16.301 21.077  1.00 40.74 ? 192 MET A CA  1 
ATOM   3    C C   . MET A 1 1   ? -41.043 -15.800 19.623  1.00 36.93 ? 192 MET A C   1 
ATOM   4    O O   . MET A 1 1   ? -40.315 -14.871 19.268  1.00 37.45 ? 192 MET A O   1 
ATOM   5    C CB  . MET A 1 1   ? -42.339 -16.868 21.572  1.00 41.15 ? 192 MET A CB  1 
ATOM   6    C CG  . MET A 1 1   ? -42.842 -18.074 20.752  1.00 43.14 ? 192 MET A CG  1 
ATOM   7    S SD  . MET A 1 1   ? -43.226 -19.488 21.786  1.00 47.65 ? 192 MET A SD  1 
ATOM   8    C CE  . MET A 1 1   ? -43.050 -20.814 20.564  1.00 45.08 ? 192 MET A CE  1 
ATOM   9    N N   . GLY A 1 2   ? -41.867 -16.422 18.783  1.00 33.54 ? 193 GLY A N   1 
ATOM   10   C CA  . GLY A 1 2   ? -41.911 -16.109 17.353  1.00 29.12 ? 193 GLY A CA  1 
ATOM   11   C C   . GLY A 1 2   ? -40.766 -16.773 16.612  1.00 26.74 ? 193 GLY A C   1 
ATOM   12   O O   . GLY A 1 2   ? -39.915 -17.424 17.223  1.00 24.86 ? 193 GLY A O   1 
ATOM   13   N N   . ARG A 1 3   ? -40.734 -16.624 15.293  1.00 23.92 ? 194 ARG A N   1 
ATOM   14   C CA  . ARG A 1 3   ? -39.711 -17.274 14.491  1.00 23.38 ? 194 ARG A CA  1 
ATOM   15   C C   . ARG A 1 3   ? -38.338 -16.674 14.803  1.00 22.59 ? 194 ARG A C   1 
ATOM   16   O O   . ARG A 1 3   ? -38.219 -15.460 15.006  1.00 21.01 ? 194 ARG A O   1 
ATOM   17   C CB  . ARG A 1 3   ? -40.010 -17.155 13.003  1.00 23.43 ? 194 ARG A CB  1 
ATOM   18   C CG  . ARG A 1 3   ? -41.392 -17.690 12.709  1.00 25.91 ? 194 ARG A CG  1 
ATOM   19   C CD  . ARG A 1 3   ? -41.451 -18.317 11.410  1.00 30.11 ? 194 ARG A CD  1 
ATOM   20   N NE  . ARG A 1 3   ? -42.741 -18.974 11.203  1.00 29.23 ? 194 ARG A NE  1 
ATOM   21   C CZ  . ARG A 1 3   ? -43.300 -19.106 10.006  1.00 30.81 ? 194 ARG A CZ  1 
ATOM   22   N NH1 . ARG A 1 3   ? -42.693 -18.604 8.939   1.00 32.66 ? 194 ARG A NH1 1 
ATOM   23   N NH2 . ARG A 1 3   ? -44.457 -19.737 9.875   1.00 27.81 ? 194 ARG A NH2 1 
ATOM   24   N N   . ASN A 1 4   ? -37.325 -17.534 14.854  1.00 22.35 ? 195 ASN A N   1 
ATOM   25   C CA  . ASN A 1 4   ? -35.983 -17.053 15.191  1.00 23.13 ? 195 ASN A CA  1 
ATOM   26   C C   . ASN A 1 4   ? -35.362 -16.362 13.977  1.00 22.87 ? 195 ASN A C   1 
ATOM   27   O O   . ASN A 1 4   ? -35.274 -16.946 12.894  1.00 22.76 ? 195 ASN A O   1 
ATOM   28   C CB  . ASN A 1 4   ? -35.098 -18.226 15.643  1.00 23.91 ? 195 ASN A CB  1 
ATOM   29   C CG  . ASN A 1 4   ? -33.923 -17.776 16.495  1.00 25.21 ? 195 ASN A CG  1 
ATOM   30   O OD1 . ASN A 1 4   ? -33.353 -16.695 16.286  1.00 25.26 ? 195 ASN A OD1 1 
ATOM   31   N ND2 . ASN A 1 4   ? -33.558 -18.607 17.477  1.00 24.67 ? 195 ASN A ND2 1 
ATOM   32   N N   . ARG A 1 5   ? -34.922 -15.119 14.150  1.00 23.19 ? 196 ARG A N   1 
ATOM   33   C CA  . ARG A 1 5   ? -34.228 -14.444 13.039  1.00 23.83 ? 196 ARG A CA  1 
ATOM   34   C C   . ARG A 1 5   ? -32.811 -15.002 12.774  1.00 23.19 ? 196 ARG A C   1 
ATOM   35   O O   . ARG A 1 5   ? -32.247 -14.760 11.708  1.00 23.99 ? 196 ARG A O   1 
ATOM   36   C CB  . ARG A 1 5   ? -34.203 -12.927 13.243  1.00 24.39 ? 196 ARG A CB  1 
ATOM   37   C CG  . ARG A 1 5   ? -33.307 -12.446 14.333  1.00 26.21 ? 196 ARG A CG  1 
ATOM   38   C CD  . ARG A 1 5   ? -33.592 -10.979 14.605  1.00 31.66 ? 196 ARG A CD  1 
ATOM   39   N NE  . ARG A 1 5   ? -34.851 -10.845 15.329  1.00 34.77 ? 196 ARG A NE  1 
ATOM   40   C CZ  . ARG A 1 5   ? -35.474 -9.698  15.572  1.00 35.49 ? 196 ARG A CZ  1 
ATOM   41   N NH1 . ARG A 1 5   ? -34.983 -8.549  15.132  1.00 36.32 ? 196 ARG A NH1 1 
ATOM   42   N NH2 . ARG A 1 5   ? -36.607 -9.720  16.260  1.00 39.94 ? 196 ARG A NH2 1 
ATOM   43   N N   . ILE A 1 6   ? -32.265 -15.740 13.736  1.00 22.90 ? 197 ILE A N   1 
ATOM   44   C CA  . ILE A 1 6   ? -30.899 -16.295 13.645  1.00 23.04 ? 197 ILE A CA  1 
ATOM   45   C C   . ILE A 1 6   ? -30.884 -17.763 13.228  1.00 24.61 ? 197 ILE A C   1 
ATOM   46   O O   . ILE A 1 6   ? -31.595 -18.596 13.824  1.00 24.08 ? 197 ILE A O   1 
ATOM   47   C CB  . ILE A 1 6   ? -30.133 -16.181 14.979  1.00 22.87 ? 197 ILE A CB  1 
ATOM   48   C CG1 . ILE A 1 6   ? -30.159 -14.746 15.502  1.00 22.30 ? 197 ILE A CG1 1 
ATOM   49   C CG2 . ILE A 1 6   ? -28.656 -16.614 14.813  1.00 21.42 ? 197 ILE A CG2 1 
ATOM   50   C CD1 . ILE A 1 6   ? -29.541 -14.617 16.856  1.00 22.58 ? 197 ILE A CD1 1 
ATOM   51   N N   . LYS A 1 7   ? -30.106 -18.075 12.195  1.00 26.11 ? 198 LYS A N   1 
ATOM   52   C CA  . LYS A 1 7   ? -29.905 -19.460 11.765  1.00 29.25 ? 198 LYS A CA  1 
ATOM   53   C C   . LYS A 1 7   ? -28.414 -19.763 11.630  1.00 30.13 ? 198 LYS A C   1 
ATOM   54   O O   . LYS A 1 7   ? -27.611 -18.842 11.496  1.00 29.09 ? 198 LYS A O   1 
ATOM   55   C CB  . LYS A 1 7   ? -30.616 -19.742 10.435  1.00 30.25 ? 198 LYS A CB  1 
ATOM   56   C CG  . LYS A 1 7   ? -32.109 -19.316 10.403  1.00 34.06 ? 198 LYS A CG  1 
ATOM   57   C CD  . LYS A 1 7   ? -33.059 -20.389 9.799   1.00 38.42 ? 198 LYS A CD  1 
ATOM   58   C CE  . LYS A 1 7   ? -34.567 -20.096 10.110  1.00 38.12 ? 198 LYS A CE  1 
ATOM   59   N NZ  . LYS A 1 7   ? -34.913 -19.894 11.583  1.00 39.61 ? 198 LYS A NZ  1 
ATOM   60   N N   . LYS A 1 8   ? -28.066 -21.051 11.683  1.00 31.50 ? 199 LYS A N   1 
ATOM   61   C CA  . LYS A 1 8   ? -26.707 -21.525 11.395  1.00 33.77 ? 199 LYS A CA  1 
ATOM   62   C C   . LYS A 1 8   ? -26.594 -21.816 9.917   1.00 34.87 ? 199 LYS A C   1 
ATOM   63   O O   . LYS A 1 8   ? -27.459 -22.487 9.340   1.00 34.68 ? 199 LYS A O   1 
ATOM   64   C CB  . LYS A 1 8   ? -26.415 -22.831 12.114  1.00 34.14 ? 199 LYS A CB  1 
ATOM   65   C CG  . LYS A 1 8   ? -25.779 -22.732 13.464  1.00 36.79 ? 199 LYS A CG  1 
ATOM   66   C CD  . LYS A 1 8   ? -25.497 -24.142 13.974  1.00 38.67 ? 199 LYS A CD  1 
ATOM   67   C CE  . LYS A 1 8   ? -24.359 -24.184 14.977  1.00 41.09 ? 199 LYS A CE  1 
ATOM   68   N NZ  . LYS A 1 8   ? -24.139 -25.585 15.467  1.00 40.55 ? 199 LYS A NZ  1 
ATOM   69   N N   . VAL A 1 9   ? -25.522 -21.320 9.306   1.00 35.94 ? 200 VAL A N   1 
ATOM   70   C CA  . VAL A 1 9   ? -25.220 -21.582 7.895   1.00 36.94 ? 200 VAL A CA  1 
ATOM   71   C C   . VAL A 1 9   ? -23.729 -21.947 7.802   1.00 37.36 ? 200 VAL A C   1 
ATOM   72   O O   . VAL A 1 9   ? -22.890 -21.247 8.369   1.00 36.65 ? 200 VAL A O   1 
ATOM   73   C CB  . VAL A 1 9   ? -25.531 -20.363 6.998   1.00 36.97 ? 200 VAL A CB  1 
ATOM   74   C CG1 . VAL A 1 9   ? -25.061 -20.602 5.561   1.00 39.26 ? 200 VAL A CG1 1 
ATOM   75   C CG2 . VAL A 1 9   ? -27.034 -20.057 6.995   1.00 38.27 ? 200 VAL A CG2 1 
ATOM   76   N N   . THR A 1 10  ? -23.426 -23.051 7.117   1.00 37.60 ? 201 THR A N   1 
ATOM   77   C CA  . THR A 1 10  ? -22.036 -23.468 6.875   1.00 38.20 ? 201 THR A CA  1 
ATOM   78   C C   . THR A 1 10  ? -21.689 -23.214 5.414   1.00 38.70 ? 201 THR A C   1 
ATOM   79   O O   . THR A 1 10  ? -22.455 -23.576 4.518   1.00 38.50 ? 201 THR A O   1 
ATOM   80   C CB  . THR A 1 10  ? -21.775 -24.936 7.273   1.00 38.38 ? 201 THR A CB  1 
ATOM   81   O OG1 . THR A 1 10  ? -21.821 -25.070 8.705   1.00 38.77 ? 201 THR A OG1 1 
ATOM   82   C CG2 . THR A 1 10  ? -20.396 -25.393 6.801   1.00 38.21 ? 201 THR A CG2 1 
ATOM   83   N N   . GLU A 1 11  ? -20.549 -22.558 5.183   1.00 38.89 ? 202 GLU A N   1 
ATOM   84   C CA  . GLU A 1 11  ? -20.098 -22.217 3.839   1.00 39.57 ? 202 GLU A CA  1 
ATOM   85   C C   . GLU A 1 11  ? -18.670 -22.709 3.604   1.00 39.29 ? 202 GLU A C   1 
ATOM   86   O O   . GLU A 1 11  ? -17.833 -22.630 4.498   1.00 38.87 ? 202 GLU A O   1 
ATOM   87   C CB  . GLU A 1 11  ? -20.138 -20.704 3.630   1.00 39.75 ? 202 GLU A CB  1 
ATOM   88   C CG  . GLU A 1 11  ? -21.539 -20.106 3.550   1.00 40.86 ? 202 GLU A CG  1 
ATOM   89   C CD  . GLU A 1 11  ? -21.529 -18.593 3.457   1.00 41.57 ? 202 GLU A CD  1 
ATOM   90   O OE1 . GLU A 1 11  ? -20.470 -18.010 3.111   1.00 43.82 ? 202 GLU A OE1 1 
ATOM   91   O OE2 . GLU A 1 11  ? -22.592 -17.980 3.720   1.00 44.15 ? 202 GLU A OE2 1 
ATOM   92   N N   . ARG A 1 12  ? -18.412 -23.213 2.399   1.00 39.80 ? 203 ARG A N   1 
ATOM   93   C CA  . ARG A 1 12  ? -17.066 -23.620 1.991   1.00 39.54 ? 203 ARG A CA  1 
ATOM   94   C C   . ARG A 1 12  ? -16.400 -22.416 1.342   1.00 39.18 ? 203 ARG A C   1 
ATOM   95   O O   . ARG A 1 12  ? -16.877 -21.896 0.332   1.00 39.15 ? 203 ARG A O   1 
ATOM   96   C CB  . ARG A 1 12  ? -17.113 -24.822 1.040   1.00 40.27 ? 203 ARG A CB  1 
ATOM   97   C CG  . ARG A 1 12  ? -15.745 -25.426 0.710   1.00 41.42 ? 203 ARG A CG  1 
ATOM   98   C CD  . ARG A 1 12  ? -15.851 -26.901 0.367   1.00 42.59 ? 203 ARG A CD  1 
ATOM   99   N NE  . ARG A 1 12  ? -16.007 -27.731 1.560   1.00 44.13 ? 203 ARG A NE  1 
ATOM   100  C CZ  . ARG A 1 12  ? -16.153 -29.052 1.539   1.00 45.22 ? 203 ARG A CZ  1 
ATOM   101  N NH1 . ARG A 1 12  ? -16.151 -29.706 0.384   1.00 46.29 ? 203 ARG A NH1 1 
ATOM   102  N NH2 . ARG A 1 12  ? -16.285 -29.726 2.672   1.00 45.28 ? 203 ARG A NH2 1 
ATOM   103  N N   . LEU A 1 13  ? -15.317 -21.950 1.959   1.00 38.51 ? 204 LEU A N   1 
ATOM   104  C CA  . LEU A 1 13  ? -14.662 -20.705 1.558   1.00 38.30 ? 204 LEU A CA  1 
ATOM   105  C C   . LEU A 1 13  ? -13.176 -20.979 1.309   1.00 37.87 ? 204 LEU A C   1 
ATOM   106  O O   . LEU A 1 13  ? -12.651 -21.963 1.816   1.00 37.84 ? 204 LEU A O   1 
ATOM   107  C CB  . LEU A 1 13  ? -14.844 -19.633 2.644   1.00 38.20 ? 204 LEU A CB  1 
ATOM   108  C CG  . LEU A 1 13  ? -16.285 -19.217 2.997   1.00 38.46 ? 204 LEU A CG  1 
ATOM   109  C CD1 . LEU A 1 13  ? -16.307 -18.372 4.246   1.00 35.76 ? 204 LEU A CD1 1 
ATOM   110  C CD2 . LEU A 1 13  ? -16.981 -18.486 1.839   1.00 37.86 ? 204 LEU A CD2 1 
ATOM   111  N N   . PRO A 1 14  ? -12.508 -20.140 0.496   1.00 37.88 ? 205 PRO A N   1 
ATOM   112  C CA  . PRO A 1 14  ? -11.045 -20.286 0.390   1.00 37.00 ? 205 PRO A CA  1 
ATOM   113  C C   . PRO A 1 14  ? -10.288 -20.108 1.712   1.00 36.35 ? 205 PRO A C   1 
ATOM   114  O O   . PRO A 1 14  ? -10.739 -19.393 2.613   1.00 35.75 ? 205 PRO A O   1 
ATOM   115  C CB  . PRO A 1 14  ? -10.642 -19.184 -0.610  1.00 36.99 ? 205 PRO A CB  1 
ATOM   116  C CG  . PRO A 1 14  ? -11.803 -18.231 -0.633  1.00 38.44 ? 205 PRO A CG  1 
ATOM   117  C CD  . PRO A 1 14  ? -13.017 -19.086 -0.404  1.00 37.68 ? 205 PRO A CD  1 
ATOM   118  N N   . LEU A 1 15  ? -9.150  -20.787 1.812   1.00 35.29 ? 206 LEU A N   1 
ATOM   119  C CA  . LEU A 1 15  ? -8.224  -20.639 2.911   1.00 35.16 ? 206 LEU A CA  1 
ATOM   120  C C   . LEU A 1 15  ? -6.982  -20.051 2.253   1.00 34.47 ? 206 LEU A C   1 
ATOM   121  O O   . LEU A 1 15  ? -6.324  -20.734 1.464   1.00 33.99 ? 206 LEU A O   1 
ATOM   122  C CB  . LEU A 1 15  ? -7.897  -22.015 3.496   1.00 35.33 ? 206 LEU A CB  1 
ATOM   123  C CG  . LEU A 1 15  ? -7.952  -22.301 4.999   1.00 37.23 ? 206 LEU A CG  1 
ATOM   124  C CD1 . LEU A 1 15  ? -7.247  -23.636 5.268   1.00 38.14 ? 206 LEU A CD1 1 
ATOM   125  C CD2 . LEU A 1 15  ? -7.362  -21.197 5.858   1.00 38.17 ? 206 LEU A CD2 1 
ATOM   126  N N   . PRO A 1 16  ? -6.685  -18.768 2.516   1.00 33.70 ? 207 PRO A N   1 
ATOM   127  C CA  . PRO A 1 16  ? -5.596  -18.142 1.766   1.00 32.75 ? 207 PRO A CA  1 
ATOM   128  C C   . PRO A 1 16  ? -4.236  -18.660 2.219   1.00 31.58 ? 207 PRO A C   1 
ATOM   129  O O   . PRO A 1 16  ? -4.070  -18.979 3.401   1.00 31.31 ? 207 PRO A O   1 
ATOM   130  C CB  . PRO A 1 16  ? -5.761  -16.642 2.069   1.00 32.95 ? 207 PRO A CB  1 
ATOM   131  C CG  . PRO A 1 16  ? -6.516  -16.579 3.357   1.00 33.83 ? 207 PRO A CG  1 
ATOM   132  C CD  . PRO A 1 16  ? -7.341  -17.834 3.458   1.00 33.85 ? 207 PRO A CD  1 
ATOM   133  N N   . PRO A 1 17  ? -3.279  -18.774 1.282   1.00 30.19 ? 208 PRO A N   1 
ATOM   134  C CA  . PRO A 1 17  ? -1.959  -19.295 1.645   1.00 30.48 ? 208 PRO A CA  1 
ATOM   135  C C   . PRO A 1 17  ? -1.240  -18.365 2.604   1.00 30.42 ? 208 PRO A C   1 
ATOM   136  O O   . PRO A 1 17  ? -1.330  -17.144 2.446   1.00 28.85 ? 208 PRO A O   1 
ATOM   137  C CB  . PRO A 1 17  ? -1.197  -19.322 0.309   1.00 30.02 ? 208 PRO A CB  1 
ATOM   138  C CG  . PRO A 1 17  ? -2.212  -19.173 -0.745  1.00 30.54 ? 208 PRO A CG  1 
ATOM   139  C CD  . PRO A 1 17  ? -3.377  -18.440 -0.146  1.00 29.92 ? 208 PRO A CD  1 
ATOM   140  N N   . ASN A 1 18  ? -0.537  -18.935 3.590   1.00 31.17 ? 209 ASN A N   1 
ATOM   141  C CA  . ASN A 1 18  ? 0.444   -18.168 4.348   1.00 31.75 ? 209 ASN A CA  1 
ATOM   142  C C   . ASN A 1 18  ? 1.578   -17.805 3.409   1.00 31.24 ? 209 ASN A C   1 
ATOM   143  O O   . ASN A 1 18  ? 1.896   -18.554 2.467   1.00 31.34 ? 209 ASN A O   1 
ATOM   144  C CB  . ASN A 1 18  ? 0.993   -18.945 5.557   1.00 33.15 ? 209 ASN A CB  1 
ATOM   145  C CG  . ASN A 1 18  ? 0.036   -18.945 6.758   1.00 37.37 ? 209 ASN A CG  1 
ATOM   146  O OD1 . ASN A 1 18  ? -0.173  -17.912 7.435   1.00 41.54 ? 209 ASN A OD1 1 
ATOM   147  N ND2 . ASN A 1 18  ? -0.525  -20.118 7.050   1.00 39.69 ? 209 ASN A ND2 1 
ATOM   148  N N   . ALA A 1 19  ? 2.177   -16.644 3.647   1.00 29.89 ? 210 ALA A N   1 
ATOM   149  C CA  . ALA A 1 19  ? 3.267   -16.168 2.822   1.00 29.65 ? 210 ALA A CA  1 
ATOM   150  C C   . ALA A 1 19  ? 4.570   -16.436 3.547   1.00 29.80 ? 210 ALA A C   1 
ATOM   151  O O   . ALA A 1 19  ? 4.777   -15.957 4.664   1.00 30.92 ? 210 ALA A O   1 
ATOM   152  C CB  . ALA A 1 19  ? 3.106   -14.682 2.535   1.00 29.60 ? 210 ALA A CB  1 
ATOM   153  N N   . ARG A 1 20  ? 5.452   -17.216 2.945   1.00 28.85 ? 211 ARG A N   1 
ATOM   154  C CA  . ARG A 1 20  ? 6.765   -17.312 3.555   1.00 29.31 ? 211 ARG A CA  1 
ATOM   155  C C   . ARG A 1 20  ? 7.679   -16.270 2.919   1.00 28.52 ? 211 ARG A C   1 
ATOM   156  O O   . ARG A 1 20  ? 7.752   -16.143 1.683   1.00 27.40 ? 211 ARG A O   1 
ATOM   157  C CB  . ARG A 1 20  ? 7.328   -18.736 3.562   1.00 30.14 ? 211 ARG A CB  1 
ATOM   158  C CG  . ARG A 1 20  ? 8.176   -19.112 2.403   1.00 33.78 ? 211 ARG A CG  1 
ATOM   159  C CD  . ARG A 1 20  ? 9.067   -20.336 2.701   1.00 36.71 ? 211 ARG A CD  1 
ATOM   160  N NE  . ARG A 1 20  ? 10.271  -20.227 1.881   1.00 42.48 ? 211 ARG A NE  1 
ATOM   161  C CZ  . ARG A 1 20  ? 10.402  -20.703 0.648   1.00 44.19 ? 211 ARG A CZ  1 
ATOM   162  N NH1 . ARG A 1 20  ? 9.430   -21.385 0.068   1.00 45.27 ? 211 ARG A NH1 1 
ATOM   163  N NH2 . ARG A 1 20  ? 11.534  -20.510 -0.005  1.00 47.30 ? 211 ARG A NH2 1 
ATOM   164  N N   . ARG A 1 21  ? 8.320   -15.497 3.788   1.00 27.69 ? 212 ARG A N   1 
ATOM   165  C CA  . ARG A 1 21  ? 9.080   -14.326 3.358   1.00 27.93 ? 212 ARG A CA  1 
ATOM   166  C C   . ARG A 1 21  ? 10.509  -14.735 3.060   1.00 27.38 ? 212 ARG A C   1 
ATOM   167  O O   . ARG A 1 21  ? 11.168  -15.428 3.865   1.00 27.09 ? 212 ARG A O   1 
ATOM   168  C CB  . ARG A 1 21  ? 9.041   -13.219 4.415   1.00 27.25 ? 212 ARG A CB  1 
ATOM   169  C CG  . ARG A 1 21  ? 7.645   -12.822 4.886   1.00 30.15 ? 212 ARG A CG  1 
ATOM   170  C CD  . ARG A 1 21  ? 7.715   -11.903 6.099   1.00 30.67 ? 212 ARG A CD  1 
ATOM   171  N NE  . ARG A 1 21  ? 7.670   -10.498 5.702   1.00 39.41 ? 212 ARG A NE  1 
ATOM   172  C CZ  . ARG A 1 21  ? 8.580   -9.576  6.000   1.00 41.46 ? 212 ARG A CZ  1 
ATOM   173  N NH1 . ARG A 1 21  ? 9.636   -9.865  6.733   1.00 44.84 ? 212 ARG A NH1 1 
ATOM   174  N NH2 . ARG A 1 21  ? 8.415   -8.339  5.574   1.00 43.89 ? 212 ARG A NH2 1 
ATOM   175  N N   . VAL A 1 22  ? 10.969  -14.333 1.884   1.00 26.49 ? 213 VAL A N   1 
ATOM   176  C CA  . VAL A 1 22  ? 12.340  -14.568 1.453   1.00 26.66 ? 213 VAL A CA  1 
ATOM   177  C C   . VAL A 1 22  ? 13.008  -13.220 1.180   1.00 26.87 ? 213 VAL A C   1 
ATOM   178  O O   . VAL A 1 22  ? 12.538  -12.460 0.341   1.00 26.29 ? 213 VAL A O   1 
ATOM   179  C CB  . VAL A 1 22  ? 12.374  -15.427 0.179   1.00 26.54 ? 213 VAL A CB  1 
ATOM   180  C CG1 . VAL A 1 22  ? 13.792  -15.516 -0.385  1.00 28.05 ? 213 VAL A CG1 1 
ATOM   181  C CG2 . VAL A 1 22  ? 11.822  -16.822 0.477   1.00 26.13 ? 213 VAL A CG2 1 
ATOM   182  N N   . GLU A 1 23  ? 14.101  -12.940 1.892   1.00 27.00 ? 214 GLU A N   1 
ATOM   183  C CA  . GLU A 1 23  ? 14.826  -11.676 1.769   1.00 27.69 ? 214 GLU A CA  1 
ATOM   184  C C   . GLU A 1 23  ? 15.465  -11.510 0.408   1.00 27.05 ? 214 GLU A C   1 
ATOM   185  O O   . GLU A 1 23  ? 15.984  -12.464 -0.163  1.00 26.99 ? 214 GLU A O   1 
ATOM   186  C CB  . GLU A 1 23  ? 15.883  -11.549 2.874   1.00 27.91 ? 214 GLU A CB  1 
ATOM   187  C CG  . GLU A 1 23  ? 15.259  -11.433 4.263   1.00 29.21 ? 214 GLU A CG  1 
ATOM   188  C CD  . GLU A 1 23  ? 16.276  -11.281 5.390   1.00 31.07 ? 214 GLU A CD  1 
ATOM   189  O OE1 . GLU A 1 23  ? 17.484  -11.077 5.116   1.00 33.64 ? 214 GLU A OE1 1 
ATOM   190  O OE2 . GLU A 1 23  ? 15.846  -11.330 6.567   1.00 34.85 ? 214 GLU A OE2 1 
ATOM   191  N N   . ASP A 1 24  ? 15.417  -10.284 -0.112  1.00 26.07 ? 215 ASP A N   1 
ATOM   192  C CA  . ASP A 1 24  ? 16.080  -9.947  -1.352  1.00 26.36 ? 215 ASP A CA  1 
ATOM   193  C C   . ASP A 1 24  ? 16.900  -8.677  -1.115  1.00 26.39 ? 215 ASP A C   1 
ATOM   194  O O   . ASP A 1 24  ? 16.349  -7.576  -1.090  1.00 25.49 ? 215 ASP A O   1 
ATOM   195  C CB  . ASP A 1 24  ? 15.054  -9.712  -2.465  1.00 26.92 ? 215 ASP A CB  1 
ATOM   196  C CG  . ASP A 1 24  ? 15.708  -9.405  -3.811  1.00 28.34 ? 215 ASP A CG  1 
ATOM   197  O OD1 . ASP A 1 24  ? 16.923  -9.099  -3.854  1.00 29.58 ? 215 ASP A OD1 1 
ATOM   198  O OD2 . ASP A 1 24  ? 14.998  -9.471  -4.829  1.00 27.48 ? 215 ASP A OD2 1 
ATOM   199  N N   . PRO A 1 25  ? 18.217  -8.833  -0.918  1.00 26.67 ? 216 PRO A N   1 
ATOM   200  C CA  . PRO A 1 25  ? 19.087  -7.715  -0.597  1.00 27.01 ? 216 PRO A CA  1 
ATOM   201  C C   . PRO A 1 25  ? 19.290  -6.734  -1.752  1.00 27.40 ? 216 PRO A C   1 
ATOM   202  O O   . PRO A 1 25  ? 19.893  -5.679  -1.553  1.00 27.28 ? 216 PRO A O   1 
ATOM   203  C CB  . PRO A 1 25  ? 20.405  -8.401  -0.194  1.00 27.59 ? 216 PRO A CB  1 
ATOM   204  C CG  . PRO A 1 25  ? 20.392  -9.686  -0.912  1.00 27.68 ? 216 PRO A CG  1 
ATOM   205  C CD  . PRO A 1 25  ? 18.950  -10.115 -0.944  1.00 27.47 ? 216 PRO A CD  1 
ATOM   206  N N   . GLU A 1 26  ? 18.781  -7.062  -2.935  1.00 27.35 ? 217 GLU A N   1 
ATOM   207  C CA  . GLU A 1 26  ? 18.809  -6.108  -4.045  1.00 29.56 ? 217 GLU A CA  1 
ATOM   208  C C   . GLU A 1 26  ? 17.538  -5.245  -4.157  1.00 27.95 ? 217 GLU A C   1 
ATOM   209  O O   . GLU A 1 26  ? 17.495  -4.304  -4.936  1.00 27.54 ? 217 GLU A O   1 
ATOM   210  C CB  . GLU A 1 26  ? 19.075  -6.823  -5.362  1.00 29.12 ? 217 GLU A CB  1 
ATOM   211  C CG  . GLU A 1 26  ? 20.461  -7.479  -5.422  1.00 33.12 ? 217 GLU A CG  1 
ATOM   212  C CD  . GLU A 1 26  ? 20.706  -8.218  -6.737  1.00 34.95 ? 217 GLU A CD  1 
ATOM   213  O OE1 . GLU A 1 26  ? 19.893  -9.107  -7.115  1.00 41.84 ? 217 GLU A OE1 1 
ATOM   214  O OE2 . GLU A 1 26  ? 21.730  -7.911  -7.396  1.00 41.74 ? 217 GLU A OE2 1 
ATOM   215  N N   . MET A 1 27  ? 16.521  -5.550  -3.366  1.00 27.21 ? 218 MET A N   1 
ATOM   216  C CA  . MET A 1 27  ? 15.271  -4.815  -3.442  1.00 26.76 ? 218 MET A CA  1 
ATOM   217  C C   . MET A 1 27  ? 15.082  -3.891  -2.243  1.00 23.94 ? 218 MET A C   1 
ATOM   218  O O   . MET A 1 27  ? 15.428  -4.243  -1.119  1.00 23.00 ? 218 MET A O   1 
ATOM   219  C CB  . MET A 1 27  ? 14.118  -5.821  -3.573  1.00 27.22 ? 218 MET A CB  1 
ATOM   220  C CG  . MET A 1 27  ? 12.739  -5.228  -3.786  1.00 28.27 ? 218 MET A CG  1 
ATOM   221  S SD  . MET A 1 27  ? 11.500  -6.446  -4.387  1.00 33.97 ? 218 MET A SD  1 
ATOM   222  C CE  . MET A 1 27  ? 12.062  -8.002  -3.737  1.00 30.00 ? 218 MET A CE  1 
ATOM   223  N N   . ASN A 1 28  ? 14.527  -2.699  -2.485  1.00 22.08 ? 219 ASN A N   1 
ATOM   224  C CA  . ASN A 1 28  ? 14.326  -1.712  -1.427  1.00 20.90 ? 219 ASN A CA  1 
ATOM   225  C C   . ASN A 1 28  ? 13.515  -2.298  -0.297  1.00 20.93 ? 219 ASN A C   1 
ATOM   226  O O   . ASN A 1 28  ? 12.617  -3.103  -0.538  1.00 20.14 ? 219 ASN A O   1 
ATOM   227  C CB  . ASN A 1 28  ? 13.561  -0.480  -1.960  1.00 20.26 ? 219 ASN A CB  1 
ATOM   228  C CG  . ASN A 1 28  ? 14.431  0.438   -2.801  1.00 19.86 ? 219 ASN A CG  1 
ATOM   229  O OD1 . ASN A 1 28  ? 15.463  0.025   -3.353  1.00 19.79 ? 219 ASN A OD1 1 
ATOM   230  N ND2 . ASN A 1 28  ? 14.007  1.689   -2.915  1.00 19.61 ? 219 ASN A ND2 1 
ATOM   231  N N   . MET A 1 29  ? 13.797  -1.853  0.921   1.00 21.52 ? 220 MET A N   1 
ATOM   232  C CA  . MET A 1 29  ? 13.063  -2.316  2.097   1.00 23.14 ? 220 MET A CA  1 
ATOM   233  C C   . MET A 1 29  ? 11.584  -1.961  2.053   1.00 22.56 ? 220 MET A C   1 
ATOM   234  O O   . MET A 1 29  ? 10.778  -2.589  2.718   1.00 22.80 ? 220 MET A O   1 
ATOM   235  C CB  . MET A 1 29  ? 13.695  -1.739  3.370   1.00 23.54 ? 220 MET A CB  1 
ATOM   236  C CG  . MET A 1 29  ? 15.077  -2.294  3.627   1.00 24.10 ? 220 MET A CG  1 
ATOM   237  S SD  . MET A 1 29  ? 15.944  -1.388  4.931   1.00 26.99 ? 220 MET A SD  1 
ATOM   238  C CE  . MET A 1 29  ? 17.258  -2.590  5.267   1.00 27.34 ? 220 MET A CE  1 
ATOM   239  N N   . SER A 1 30  ? 11.236  -0.945  1.272   1.00 22.09 ? 221 SER A N   1 
ATOM   240  C CA  . SER A 1 30  ? 9.827   -0.560  1.098   1.00 21.97 ? 221 SER A CA  1 
ATOM   241  C C   . SER A 1 30  ? 9.026   -1.602  0.299   1.00 22.04 ? 221 SER A C   1 
ATOM   242  O O   . SER A 1 30  ? 7.791   -1.546  0.266   1.00 22.44 ? 221 SER A O   1 
ATOM   243  C CB  . SER A 1 30  ? 9.761   0.779   0.348   1.00 21.53 ? 221 SER A CB  1 
ATOM   244  O OG  . SER A 1 30  ? 10.265  0.606   -0.978  1.00 20.77 ? 221 SER A OG  1 
ATOM   245  N N   . ARG A 1 31  ? 9.708   -2.526  -0.382  1.00 22.16 ? 222 ARG A N   1 
ATOM   246  C CA  . ARG A 1 31  ? 9.025   -3.359  -1.383  1.00 22.28 ? 222 ARG A CA  1 
ATOM   247  C C   . ARG A 1 31  ? 8.797   -4.805  -0.964  1.00 23.15 ? 222 ARG A C   1 
ATOM   248  O O   . ARG A 1 31  ? 9.621   -5.420  -0.269  1.00 22.48 ? 222 ARG A O   1 
ATOM   249  C CB  . ARG A 1 31  ? 9.764   -3.329  -2.741  1.00 22.37 ? 222 ARG A CB  1 
ATOM   250  C CG  . ARG A 1 31  ? 10.011  -1.906  -3.259  1.00 23.46 ? 222 ARG A CG  1 
ATOM   251  C CD  . ARG A 1 31  ? 8.721   -1.339  -3.882  1.00 26.56 ? 222 ARG A CD  1 
ATOM   252  N NE  . ARG A 1 31  ? 8.946   -0.102  -4.643  1.00 25.57 ? 222 ARG A NE  1 
ATOM   253  C CZ  . ARG A 1 31  ? 8.077   0.427   -5.501  1.00 28.72 ? 222 ARG A CZ  1 
ATOM   254  N NH1 . ARG A 1 31  ? 6.908   -0.167  -5.742  1.00 30.86 ? 222 ARG A NH1 1 
ATOM   255  N NH2 . ARG A 1 31  ? 8.372   1.561   -6.131  1.00 26.19 ? 222 ARG A NH2 1 
ATOM   256  N N   . GLU A 1 32  ? 7.676   -5.338  -1.437  1.00 22.23 ? 223 GLU A N   1 
ATOM   257  C CA  . GLU A 1 32  ? 7.333   -6.743  -1.279  1.00 23.09 ? 223 GLU A CA  1 
ATOM   258  C C   . GLU A 1 32  ? 6.645   -7.197  -2.575  1.00 23.63 ? 223 GLU A C   1 
ATOM   259  O O   . GLU A 1 32  ? 5.786   -6.489  -3.125  1.00 22.90 ? 223 GLU A O   1 
ATOM   260  C CB  . GLU A 1 32  ? 6.412   -6.902  -0.057  1.00 23.94 ? 223 GLU A CB  1 
ATOM   261  C CG  . GLU A 1 32  ? 5.915   -8.295  0.125   1.00 26.71 ? 223 GLU A CG  1 
ATOM   262  C CD  . GLU A 1 32  ? 5.277   -8.516  1.472   1.00 31.14 ? 223 GLU A CD  1 
ATOM   263  O OE1 . GLU A 1 32  ? 4.662   -7.592  2.028   1.00 32.99 ? 223 GLU A OE1 1 
ATOM   264  O OE2 . GLU A 1 32  ? 5.369   -9.653  1.957   1.00 34.89 ? 223 GLU A OE2 1 
ATOM   265  N N   . VAL A 1 33  ? 7.036   -8.372  -3.047  1.00 23.71 ? 224 VAL A N   1 
ATOM   266  C CA  . VAL A 1 33  ? 6.648   -8.896  -4.325  1.00 25.32 ? 224 VAL A CA  1 
ATOM   267  C C   . VAL A 1 33  ? 6.132   -10.332 -4.126  1.00 26.08 ? 224 VAL A C   1 
ATOM   268  O O   . VAL A 1 33  ? 6.647   -11.053 -3.256  1.00 25.67 ? 224 VAL A O   1 
ATOM   269  C CB  . VAL A 1 33  ? 7.897   -8.788  -5.233  1.00 25.98 ? 224 VAL A CB  1 
ATOM   270  C CG1 . VAL A 1 33  ? 8.058   -9.931  -6.142  1.00 27.27 ? 224 VAL A CG1 1 
ATOM   271  C CG2 . VAL A 1 33  ? 7.883   -7.441  -5.943  1.00 26.38 ? 224 VAL A CG2 1 
ATOM   272  N N   . VAL A 1 34  ? 5.086   -10.722 -4.867  1.00 25.92 ? 225 VAL A N   1 
ATOM   273  C CA  . VAL A 1 34  ? 4.612   -12.118 -4.821  1.00 26.15 ? 225 VAL A CA  1 
ATOM   274  C C   . VAL A 1 34  ? 5.326   -12.956 -5.876  1.00 27.15 ? 225 VAL A C   1 
ATOM   275  O O   . VAL A 1 34  ? 4.989   -12.902 -7.057  1.00 27.30 ? 225 VAL A O   1 
ATOM   276  C CB  . VAL A 1 34  ? 3.069   -12.253 -4.962  1.00 25.81 ? 225 VAL A CB  1 
ATOM   277  C CG1 . VAL A 1 34  ? 2.665   -13.725 -4.841  1.00 26.01 ? 225 VAL A CG1 1 
ATOM   278  C CG2 . VAL A 1 34  ? 2.349   -11.453 -3.892  1.00 25.30 ? 225 VAL A CG2 1 
ATOM   279  N N   . GLU A 1 35  ? 6.313   -13.729 -5.433  1.00 27.89 ? 226 GLU A N   1 
ATOM   280  C CA  . GLU A 1 35  ? 7.089   -14.602 -6.314  1.00 30.17 ? 226 GLU A CA  1 
ATOM   281  C C   . GLU A 1 35  ? 6.324   -15.865 -6.718  1.00 29.57 ? 226 GLU A C   1 
ATOM   282  O O   . GLU A 1 35  ? 6.417   -16.314 -7.856  1.00 30.41 ? 226 GLU A O   1 
ATOM   283  C CB  . GLU A 1 35  ? 8.415   -14.972 -5.632  1.00 30.16 ? 226 GLU A CB  1 
ATOM   284  C CG  . GLU A 1 35  ? 9.375   -15.816 -6.475  1.00 32.07 ? 226 GLU A CG  1 
ATOM   285  C CD  . GLU A 1 35  ? 10.711  -16.014 -5.768  1.00 34.06 ? 226 GLU A CD  1 
ATOM   286  O OE1 . GLU A 1 35  ? 10.879  -17.013 -5.031  1.00 39.25 ? 226 GLU A OE1 1 
ATOM   287  O OE2 . GLU A 1 35  ? 11.584  -15.137 -5.911  1.00 38.19 ? 226 GLU A OE2 1 
ATOM   288  N N   . ASP A 1 36  ? 5.585   -16.434 -5.770  1.00 29.41 ? 227 ASP A N   1 
ATOM   289  C CA  . ASP A 1 36  ? 4.815   -17.663 -5.960  1.00 29.17 ? 227 ASP A CA  1 
ATOM   290  C C   . ASP A 1 36  ? 3.528   -17.421 -5.172  1.00 28.36 ? 227 ASP A C   1 
ATOM   291  O O   . ASP A 1 36  ? 3.593   -17.190 -3.977  1.00 27.47 ? 227 ASP A O   1 
ATOM   292  C CB  . ASP A 1 36  ? 5.601   -18.847 -5.371  1.00 29.53 ? 227 ASP A CB  1 
ATOM   293  C CG  . ASP A 1 36  ? 4.872   -20.197 -5.494  1.00 33.15 ? 227 ASP A CG  1 
ATOM   294  O OD1 . ASP A 1 36  ? 3.646   -20.248 -5.711  1.00 34.07 ? 227 ASP A OD1 1 
ATOM   295  O OD2 . ASP A 1 36  ? 5.553   -21.229 -5.320  1.00 37.08 ? 227 ASP A OD2 1 
ATOM   296  N N   . PRO A 1 37  ? 2.354   -17.468 -5.847  1.00 28.28 ? 228 PRO A N   1 
ATOM   297  C CA  . PRO A 1 37  ? 1.063   -17.161 -5.205  1.00 28.45 ? 228 PRO A CA  1 
ATOM   298  C C   . PRO A 1 37  ? 0.590   -18.241 -4.241  1.00 27.73 ? 228 PRO A C   1 
ATOM   299  O O   . PRO A 1 37  ? -0.420  -18.045 -3.555  1.00 28.23 ? 228 PRO A O   1 
ATOM   300  C CB  . PRO A 1 37  ? 0.102   -17.104 -6.403  1.00 28.82 ? 228 PRO A CB  1 
ATOM   301  C CG  . PRO A 1 37  ? 0.670   -18.094 -7.356  1.00 28.68 ? 228 PRO A CG  1 
ATOM   302  C CD  . PRO A 1 37  ? 2.164   -17.834 -7.265  1.00 28.17 ? 228 PRO A CD  1 
ATOM   303  N N   . GLY A 1 38  ? 1.308   -19.362 -4.190  1.00 27.01 ? 229 GLY A N   1 
ATOM   304  C CA  . GLY A 1 38  ? 0.874   -20.544 -3.451  1.00 27.55 ? 229 GLY A CA  1 
ATOM   305  C C   . GLY A 1 38  ? -0.400  -21.111 -4.062  1.00 27.88 ? 229 GLY A C   1 
ATOM   306  O O   . GLY A 1 38  ? -0.735  -20.793 -5.199  1.00 27.40 ? 229 GLY A O   1 
ATOM   307  N N   . VAL A 1 39  ? -1.124  -21.926 -3.302  1.00 28.61 ? 230 VAL A N   1 
ATOM   308  C CA  . VAL A 1 39  ? -2.402  -22.467 -3.779  1.00 29.79 ? 230 VAL A CA  1 
ATOM   309  C C   . VAL A 1 39  ? -3.418  -22.333 -2.637  1.00 29.71 ? 230 VAL A C   1 
ATOM   310  O O   . VAL A 1 39  ? -3.220  -22.916 -1.581  1.00 29.43 ? 230 VAL A O   1 
ATOM   311  C CB  . VAL A 1 39  ? -2.304  -23.974 -4.210  1.00 29.96 ? 230 VAL A CB  1 
ATOM   312  C CG1 . VAL A 1 39  ? -3.677  -24.503 -4.694  1.00 30.85 ? 230 VAL A CG1 1 
ATOM   313  C CG2 . VAL A 1 39  ? -1.257  -24.191 -5.316  1.00 30.17 ? 230 VAL A CG2 1 
ATOM   314  N N   . PRO A 1 40  ? -4.498  -21.566 -2.841  1.00 30.49 ? 231 PRO A N   1 
ATOM   315  C CA  . PRO A 1 40  ? -5.503  -21.481 -1.756  1.00 31.19 ? 231 PRO A CA  1 
ATOM   316  C C   . PRO A 1 40  ? -6.088  -22.831 -1.343  1.00 31.67 ? 231 PRO A C   1 
ATOM   317  O O   . PRO A 1 40  ? -6.247  -23.727 -2.178  1.00 32.30 ? 231 PRO A O   1 
ATOM   318  C CB  . PRO A 1 40  ? -6.590  -20.598 -2.365  1.00 31.03 ? 231 PRO A CB  1 
ATOM   319  C CG  . PRO A 1 40  ? -5.851  -19.775 -3.389  1.00 31.05 ? 231 PRO A CG  1 
ATOM   320  C CD  . PRO A 1 40  ? -4.877  -20.735 -3.992  1.00 30.43 ? 231 PRO A CD  1 
ATOM   321  N N   . GLY A 1 41  ? -6.383  -22.986 -0.060  1.00 31.94 ? 232 GLY A N   1 
ATOM   322  C CA  . GLY A 1 41  ? -7.063  -24.191 0.411   1.00 32.27 ? 232 GLY A CA  1 
ATOM   323  C C   . GLY A 1 41  ? -8.559  -23.931 0.496   1.00 32.13 ? 232 GLY A C   1 
ATOM   324  O O   . GLY A 1 41  ? -9.075  -22.978 -0.096  1.00 31.72 ? 232 GLY A O   1 
ATOM   325  N N   . THR A 1 42  ? -9.251  -24.786 1.238   1.00 32.39 ? 233 THR A N   1 
ATOM   326  C CA  . THR A 1 42  ? -10.691 -24.623 1.463   1.00 32.94 ? 233 THR A CA  1 
ATOM   327  C C   . THR A 1 42  ? -10.991 -24.900 2.913   1.00 31.99 ? 233 THR A C   1 
ATOM   328  O O   . THR A 1 42  ? -10.306 -25.698 3.582   1.00 32.00 ? 233 THR A O   1 
ATOM   329  C CB  . THR A 1 42  ? -11.561 -25.584 0.631   1.00 32.79 ? 233 THR A CB  1 
ATOM   330  O OG1 . THR A 1 42  ? -11.141 -26.924 0.890   1.00 35.85 ? 233 THR A OG1 1 
ATOM   331  C CG2 . THR A 1 42  ? -11.470 -25.292 -0.858  1.00 34.22 ? 233 THR A CG2 1 
ATOM   332  N N   . GLN A 1 43  ? -12.025 -24.231 3.410   1.00 31.60 ? 234 GLN A N   1 
ATOM   333  C CA  . GLN A 1 43  ? -12.423 -24.410 4.785   1.00 30.55 ? 234 GLN A CA  1 
ATOM   334  C C   . GLN A 1 43  ? -13.944 -24.310 4.847   1.00 30.83 ? 234 GLN A C   1 
ATOM   335  O O   . GLN A 1 43  ? -14.567 -23.635 4.019   1.00 30.73 ? 234 GLN A O   1 
ATOM   336  C CB  . GLN A 1 43  ? -11.765 -23.358 5.671   1.00 30.65 ? 234 GLN A CB  1 
ATOM   337  C CG  . GLN A 1 43  ? -12.064 -21.916 5.261   1.00 29.07 ? 234 GLN A CG  1 
ATOM   338  C CD  . GLN A 1 43  ? -11.449 -20.891 6.177   1.00 30.42 ? 234 GLN A CD  1 
ATOM   339  O OE1 . GLN A 1 43  ? -11.302 -21.108 7.381   1.00 31.89 ? 234 GLN A OE1 1 
ATOM   340  N NE2 . GLN A 1 43  ? -11.108 -19.738 5.609   1.00 29.65 ? 234 GLN A NE2 1 
ATOM   341  N N   . ASP A 1 44  ? -14.520 -25.016 5.813   1.00 30.94 ? 235 ASP A N   1 
ATOM   342  C CA  . ASP A 1 44  ? -15.940 -24.920 6.099   1.00 30.98 ? 235 ASP A CA  1 
ATOM   343  C C   . ASP A 1 44  ? -16.076 -23.979 7.262   1.00 29.82 ? 235 ASP A C   1 
ATOM   344  O O   . ASP A 1 44  ? -15.582 -24.255 8.352   1.00 29.63 ? 235 ASP A O   1 
ATOM   345  C CB  . ASP A 1 44  ? -16.514 -26.291 6.474   1.00 31.81 ? 235 ASP A CB  1 
ATOM   346  C CG  . ASP A 1 44  ? -16.743 -27.186 5.269   1.00 33.91 ? 235 ASP A CG  1 
ATOM   347  O OD1 . ASP A 1 44  ? -16.917 -26.670 4.134   1.00 36.85 ? 235 ASP A OD1 1 
ATOM   348  O OD2 . ASP A 1 44  ? -16.762 -28.424 5.462   1.00 36.50 ? 235 ASP A OD2 1 
ATOM   349  N N   . VAL A 1 45  ? -16.726 -22.848 7.019   1.00 29.23 ? 236 VAL A N   1 
ATOM   350  C CA  . VAL A 1 45  ? -16.956 -21.876 8.066   1.00 28.06 ? 236 VAL A CA  1 
ATOM   351  C C   . VAL A 1 45  ? -18.446 -21.883 8.422   1.00 27.93 ? 236 VAL A C   1 
ATOM   352  O O   . VAL A 1 45  ? -19.287 -21.757 7.548   1.00 28.14 ? 236 VAL A O   1 
ATOM   353  C CB  . VAL A 1 45  ? -16.507 -20.455 7.631   1.00 28.33 ? 236 VAL A CB  1 
ATOM   354  C CG1 . VAL A 1 45  ? -16.716 -19.481 8.775   1.00 27.28 ? 236 VAL A CG1 1 
ATOM   355  C CG2 . VAL A 1 45  ? -15.024 -20.483 7.173   1.00 28.91 ? 236 VAL A CG2 1 
ATOM   356  N N   . THR A 1 46  ? -18.742 -22.067 9.703   1.00 27.86 ? 237 THR A N   1 
ATOM   357  C CA  . THR A 1 46  ? -20.122 -22.012 10.204  1.00 28.26 ? 237 THR A CA  1 
ATOM   358  C C   . THR A 1 46  ? -20.389 -20.607 10.724  1.00 27.04 ? 237 THR A C   1 
ATOM   359  O O   . THR A 1 46  ? -19.616 -20.076 11.525  1.00 26.96 ? 237 THR A O   1 
ATOM   360  C CB  . THR A 1 46  ? -20.360 -23.026 11.323  1.00 28.06 ? 237 THR A CB  1 
ATOM   361  O OG1 . THR A 1 46  ? -19.984 -24.334 10.855  1.00 31.23 ? 237 THR A OG1 1 
ATOM   362  C CG2 . THR A 1 46  ? -21.846 -23.041 11.731  1.00 30.44 ? 237 THR A CG2 1 
ATOM   363  N N   . PHE A 1 47  ? -21.478 -20.016 10.245  1.00 26.55 ? 238 PHE A N   1 
ATOM   364  C CA  . PHE A 1 47  ? -21.855 -18.667 10.624  1.00 26.27 ? 238 PHE A CA  1 
ATOM   365  C C   . PHE A 1 47  ? -23.178 -18.731 11.359  1.00 26.18 ? 238 PHE A C   1 
ATOM   366  O O   . PHE A 1 47  ? -24.008 -19.581 11.053  1.00 26.02 ? 238 PHE A O   1 
ATOM   367  C CB  . PHE A 1 47  ? -22.074 -17.805 9.390   1.00 26.84 ? 238 PHE A CB  1 
ATOM   368  C CG  . PHE A 1 47  ? -20.834 -17.545 8.577   1.00 27.89 ? 238 PHE A CG  1 
ATOM   369  C CD1 . PHE A 1 47  ? -20.527 -18.344 7.487   1.00 29.27 ? 238 PHE A CD1 1 
ATOM   370  C CD2 . PHE A 1 47  ? -20.007 -16.469 8.881   1.00 27.22 ? 238 PHE A CD2 1 
ATOM   371  C CE1 . PHE A 1 47  ? -19.398 -18.098 6.716   1.00 30.43 ? 238 PHE A CE1 1 
ATOM   372  C CE2 . PHE A 1 47  ? -18.866 -16.209 8.114   1.00 29.27 ? 238 PHE A CE2 1 
ATOM   373  C CZ  . PHE A 1 47  ? -18.571 -17.025 7.025   1.00 29.78 ? 238 PHE A CZ  1 
ATOM   374  N N   . ALA A 1 48  ? -23.367 -17.836 12.321  1.00 25.58 ? 239 ALA A N   1 
ATOM   375  C CA  . ALA A 1 48  ? -24.715 -17.474 12.735  1.00 25.45 ? 239 ALA A CA  1 
ATOM   376  C C   . ALA A 1 48  ? -25.113 -16.276 11.897  1.00 25.78 ? 239 ALA A C   1 
ATOM   377  O O   . ALA A 1 48  ? -24.378 -15.273 11.822  1.00 25.64 ? 239 ALA A O   1 
ATOM   378  C CB  . ALA A 1 48  ? -24.768 -17.139 14.196  1.00 24.94 ? 239 ALA A CB  1 
ATOM   379  N N   . VAL A 1 49  ? -26.281 -16.380 11.274  1.00 24.73 ? 240 VAL A N   1 
ATOM   380  C CA  . VAL A 1 49  ? -26.745 -15.398 10.296  1.00 25.47 ? 240 VAL A CA  1 
ATOM   381  C C   . VAL A 1 49  ? -28.104 -14.899 10.765  1.00 25.66 ? 240 VAL A C   1 
ATOM   382  O O   . VAL A 1 49  ? -28.983 -15.711 11.088  1.00 25.28 ? 240 VAL A O   1 
ATOM   383  C CB  . VAL A 1 49  ? -26.885 -16.035 8.868   1.00 25.10 ? 240 VAL A CB  1 
ATOM   384  C CG1 . VAL A 1 49  ? -27.481 -15.048 7.883   1.00 26.43 ? 240 VAL A CG1 1 
ATOM   385  C CG2 . VAL A 1 49  ? -25.541 -16.472 8.355   1.00 26.46 ? 240 VAL A CG2 1 
ATOM   386  N N   . ALA A 1 50  ? -28.268 -13.581 10.832  1.00 25.41 ? 241 ALA A N   1 
ATOM   387  C CA  . ALA A 1 50  ? -29.553 -12.984 11.135  1.00 25.97 ? 241 ALA A CA  1 
ATOM   388  C C   . ALA A 1 50  ? -30.158 -12.453 9.836   1.00 26.50 ? 241 ALA A C   1 
ATOM   389  O O   . ALA A 1 50  ? -29.460 -11.896 8.987   1.00 25.92 ? 241 ALA A O   1 
ATOM   390  C CB  . ALA A 1 50  ? -29.416 -11.887 12.192  1.00 24.71 ? 241 ALA A CB  1 
ATOM   391  N N   . GLU A 1 51  ? -31.458 -12.667 9.667   1.00 27.78 ? 242 GLU A N   1 
ATOM   392  C CA  . GLU A 1 51  ? -32.151 -12.260 8.445   1.00 30.16 ? 242 GLU A CA  1 
ATOM   393  C C   . GLU A 1 51  ? -33.522 -11.777 8.840   1.00 29.24 ? 242 GLU A C   1 
ATOM   394  O O   . GLU A 1 51  ? -34.175 -12.394 9.670   1.00 28.86 ? 242 GLU A O   1 
ATOM   395  C CB  . GLU A 1 51  ? -32.341 -13.450 7.504   1.00 30.59 ? 242 GLU A CB  1 
ATOM   396  C CG  . GLU A 1 51  ? -31.155 -13.844 6.662   1.00 33.93 ? 242 GLU A CG  1 
ATOM   397  C CD  . GLU A 1 51  ? -31.409 -15.130 5.882   1.00 35.65 ? 242 GLU A CD  1 
ATOM   398  O OE1 . GLU A 1 51  ? -32.557 -15.651 5.951   1.00 42.96 ? 242 GLU A OE1 1 
ATOM   399  O OE2 . GLU A 1 51  ? -30.466 -15.618 5.202   1.00 41.14 ? 242 GLU A OE2 1 
ATOM   400  N N   . VAL A 1 52  ? -33.962 -10.677 8.244   1.00 29.99 ? 243 VAL A N   1 
ATOM   401  C CA  . VAL A 1 52  ? -35.329 -10.193 8.421   1.00 30.71 ? 243 VAL A CA  1 
ATOM   402  C C   . VAL A 1 52  ? -35.795 -9.766  7.039   1.00 32.30 ? 243 VAL A C   1 
ATOM   403  O O   . VAL A 1 52  ? -35.092 -9.014  6.341   1.00 31.85 ? 243 VAL A O   1 
ATOM   404  C CB  . VAL A 1 52  ? -35.413 -8.997  9.397   1.00 30.08 ? 243 VAL A CB  1 
ATOM   405  C CG1 . VAL A 1 52  ? -36.839 -8.358  9.389   1.00 30.23 ? 243 VAL A CG1 1 
ATOM   406  C CG2 . VAL A 1 52  ? -35.009 -9.398  10.808  1.00 29.28 ? 243 VAL A CG2 1 
ATOM   407  N N   . ASN A 1 53  ? -36.963 -10.263 6.634   1.00 34.17 ? 244 ASN A N   1 
ATOM   408  C CA  . ASN A 1 53  ? -37.539 -9.939  5.321   1.00 36.53 ? 244 ASN A CA  1 
ATOM   409  C C   . ASN A 1 53  ? -36.662 -10.383 4.164   1.00 37.56 ? 244 ASN A C   1 
ATOM   410  O O   . ASN A 1 53  ? -36.521 -9.666  3.162   1.00 38.62 ? 244 ASN A O   1 
ATOM   411  C CB  . ASN A 1 53  ? -37.874 -8.448  5.216   1.00 37.21 ? 244 ASN A CB  1 
ATOM   412  C CG  . ASN A 1 53  ? -39.007 -8.051  6.141   1.00 39.19 ? 244 ASN A CG  1 
ATOM   413  O OD1 . ASN A 1 53  ? -39.909 -8.848  6.385   1.00 43.99 ? 244 ASN A OD1 1 
ATOM   414  N ND2 . ASN A 1 53  ? -38.959 -6.837  6.677   1.00 40.71 ? 244 ASN A ND2 1 
ATOM   415  N N   . GLY A 1 54  ? -36.071 -11.567 4.316   1.00 38.11 ? 245 GLY A N   1 
ATOM   416  C CA  . GLY A 1 54  ? -35.207 -12.155 3.301   1.00 38.51 ? 245 GLY A CA  1 
ATOM   417  C C   . GLY A 1 54  ? -33.879 -11.439 3.119   1.00 38.61 ? 245 GLY A C   1 
ATOM   418  O O   . GLY A 1 54  ? -33.145 -11.726 2.165   1.00 39.49 ? 245 GLY A O   1 
ATOM   419  N N   . VAL A 1 55  ? -33.563 -10.524 4.034   1.00 37.83 ? 246 VAL A N   1 
ATOM   420  C CA  . VAL A 1 55  ? -32.331 -9.746  3.962   1.00 37.30 ? 246 VAL A CA  1 
ATOM   421  C C   . VAL A 1 55  ? -31.466 -10.012 5.180   1.00 36.37 ? 246 VAL A C   1 
ATOM   422  O O   . VAL A 1 55  ? -31.922 -9.890  6.318   1.00 35.65 ? 246 VAL A O   1 
ATOM   423  C CB  . VAL A 1 55  ? -32.604 -8.224  3.862   1.00 37.51 ? 246 VAL A CB  1 
ATOM   424  C CG1 . VAL A 1 55  ? -31.301 -7.458  3.566   1.00 38.49 ? 246 VAL A CG1 1 
ATOM   425  C CG2 . VAL A 1 55  ? -33.640 -7.921  2.777   1.00 39.24 ? 246 VAL A CG2 1 
ATOM   426  N N   . GLU A 1 56  ? -30.210 -10.368 4.931   1.00 34.90 ? 247 GLU A N   1 
ATOM   427  C CA  . GLU A 1 56  ? -29.238 -10.558 5.989   1.00 33.41 ? 247 GLU A CA  1 
ATOM   428  C C   . GLU A 1 56  ? -28.959 -9.264  6.744   1.00 32.52 ? 247 GLU A C   1 
ATOM   429  O O   . GLU A 1 56  ? -28.618 -8.243  6.155   1.00 32.57 ? 247 GLU A O   1 
ATOM   430  C CB  . GLU A 1 56  ? -27.944 -11.098 5.409   1.00 33.83 ? 247 GLU A CB  1 
ATOM   431  C CG  . GLU A 1 56  ? -26.965 -11.542 6.457   1.00 33.34 ? 247 GLU A CG  1 
ATOM   432  C CD  . GLU A 1 56  ? -25.785 -12.279 5.864   1.00 34.92 ? 247 GLU A CD  1 
ATOM   433  O OE1 . GLU A 1 56  ? -25.987 -13.259 5.117   1.00 35.42 ? 247 GLU A OE1 1 
ATOM   434  O OE2 . GLU A 1 56  ? -24.658 -11.880 6.166   1.00 34.22 ? 247 GLU A OE2 1 
ATOM   435  N N   . THR A 1 57  ? -29.096 -9.318  8.055   1.00 30.77 ? 248 THR A N   1 
ATOM   436  C CA  . THR A 1 57  ? -28.897 -8.142  8.886   1.00 29.82 ? 248 THR A CA  1 
ATOM   437  C C   . THR A 1 57  ? -27.608 -8.246  9.694   1.00 29.42 ? 248 THR A C   1 
ATOM   438  O O   . THR A 1 57  ? -27.156 -7.271  10.301  1.00 28.80 ? 248 THR A O   1 
ATOM   439  C CB  . THR A 1 57  ? -30.084 -7.949  9.822   1.00 29.62 ? 248 THR A CB  1 
ATOM   440  O OG1 . THR A 1 57  ? -30.290 -9.159  10.557  1.00 29.77 ? 248 THR A OG1 1 
ATOM   441  C CG2 . THR A 1 57  ? -31.343 -7.627  9.010   1.00 29.00 ? 248 THR A CG2 1 
ATOM   442  N N   . GLY A 1 58  ? -27.034 -9.446  9.727   1.00 28.48 ? 249 GLY A N   1 
ATOM   443  C CA  . GLY A 1 58  ? -25.814 -9.690  10.475  1.00 27.99 ? 249 GLY A CA  1 
ATOM   444  C C   . GLY A 1 58  ? -25.324 -11.110 10.267  1.00 28.20 ? 249 GLY A C   1 
ATOM   445  O O   . GLY A 1 58  ? -26.120 -12.016 9.988   1.00 27.19 ? 249 GLY A O   1 
ATOM   446  N N   . ARG A 1 59  ? -24.014 -11.302 10.387  1.00 28.74 ? 250 ARG A N   1 
ATOM   447  C CA  . ARG A 1 59  ? -23.430 -12.644 10.403  1.00 29.68 ? 250 ARG A CA  1 
ATOM   448  C C   . ARG A 1 59  ? -22.180 -12.638 11.280  1.00 30.25 ? 250 ARG A C   1 
ATOM   449  O O   . ARG A 1 59  ? -21.480 -11.601 11.397  1.00 30.00 ? 250 ARG A O   1 
ATOM   450  C CB  . ARG A 1 59  ? -23.184 -13.168 8.960   1.00 29.92 ? 250 ARG A CB  1 
ATOM   451  C CG  . ARG A 1 59  ? -21.732 -13.335 8.492   1.00 31.40 ? 250 ARG A CG  1 
ATOM   452  C CD  . ARG A 1 59  ? -21.593 -13.418 6.934   1.00 31.56 ? 250 ARG A CD  1 
ATOM   453  N NE  . ARG A 1 59  ? -22.822 -13.820 6.245   1.00 32.08 ? 250 ARG A NE  1 
ATOM   454  C CZ  . ARG A 1 59  ? -22.964 -14.923 5.515   1.00 36.55 ? 250 ARG A CZ  1 
ATOM   455  N NH1 . ARG A 1 59  ? -21.938 -15.746 5.336   1.00 39.67 ? 250 ARG A NH1 1 
ATOM   456  N NH2 . ARG A 1 59  ? -24.135 -15.203 4.955   1.00 34.66 ? 250 ARG A NH2 1 
ATOM   457  N N   . LEU A 1 60  ? -21.936 -13.773 11.929  1.00 29.98 ? 251 LEU A N   1 
ATOM   458  C CA  . LEU A 1 60  ? -20.787 -13.969 12.808  1.00 30.55 ? 251 LEU A CA  1 
ATOM   459  C C   . LEU A 1 60  ? -20.288 -15.407 12.633  1.00 31.02 ? 251 LEU A C   1 
ATOM   460  O O   . LEU A 1 60  ? -21.049 -16.360 12.861  1.00 30.25 ? 251 LEU A O   1 
ATOM   461  C CB  . LEU A 1 60  ? -21.213 -13.731 14.256  1.00 30.49 ? 251 LEU A CB  1 
ATOM   462  C CG  . LEU A 1 60  ? -20.345 -13.183 15.411  1.00 33.59 ? 251 LEU A CG  1 
ATOM   463  C CD1 . LEU A 1 60  ? -20.135 -14.204 16.513  1.00 34.80 ? 251 LEU A CD1 1 
ATOM   464  C CD2 . LEU A 1 60  ? -19.031 -12.473 14.972  1.00 32.91 ? 251 LEU A CD2 1 
ATOM   465  N N   . PRO A 1 61  ? -19.014 -15.573 12.220  1.00 31.58 ? 252 PRO A N   1 
ATOM   466  C CA  . PRO A 1 61  ? -18.420 -16.908 12.209  1.00 31.88 ? 252 PRO A CA  1 
ATOM   467  C C   . PRO A 1 61  ? -18.422 -17.481 13.627  1.00 32.50 ? 252 PRO A C   1 
ATOM   468  O O   . PRO A 1 61  ? -18.064 -16.778 14.588  1.00 32.89 ? 252 PRO A O   1 
ATOM   469  C CB  . PRO A 1 61  ? -16.980 -16.662 11.734  1.00 32.23 ? 252 PRO A CB  1 
ATOM   470  C CG  . PRO A 1 61  ? -16.731 -15.203 11.969  1.00 32.02 ? 252 PRO A CG  1 
ATOM   471  C CD  . PRO A 1 61  ? -18.051 -14.530 11.791  1.00 31.64 ? 252 PRO A CD  1 
ATOM   472  N N   . VAL A 1 62  ? -18.851 -18.733 13.762  1.00 32.40 ? 253 VAL A N   1 
ATOM   473  C CA  . VAL A 1 62  ? -18.904 -19.382 15.071  1.00 32.88 ? 253 VAL A CA  1 
ATOM   474  C C   . VAL A 1 62  ? -18.019 -20.624 15.144  1.00 33.62 ? 253 VAL A C   1 
ATOM   475  O O   . VAL A 1 62  ? -17.700 -21.099 16.242  1.00 34.71 ? 253 VAL A O   1 
ATOM   476  C CB  . VAL A 1 62  ? -20.369 -19.723 15.514  1.00 32.74 ? 253 VAL A CB  1 
ATOM   477  C CG1 . VAL A 1 62  ? -21.143 -18.444 15.844  1.00 31.27 ? 253 VAL A CG1 1 
ATOM   478  C CG2 . VAL A 1 62  ? -21.087 -20.543 14.460  1.00 33.00 ? 253 VAL A CG2 1 
ATOM   479  N N   . ALA A 1 63  ? -17.641 -21.142 13.980  1.00 34.18 ? 254 ALA A N   1 
ATOM   480  C CA  . ALA A 1 63  ? -16.770 -22.319 13.873  1.00 35.04 ? 254 ALA A CA  1 
ATOM   481  C C   . ALA A 1 63  ? -16.126 -22.396 12.496  1.00 35.09 ? 254 ALA A C   1 
ATOM   482  O O   . ALA A 1 63  ? -16.655 -21.881 11.515  1.00 34.46 ? 254 ALA A O   1 
ATOM   483  C CB  . ALA A 1 63  ? -17.548 -23.618 14.150  1.00 35.11 ? 254 ALA A CB  1 
ATOM   484  N N   . ASN A 1 64  ? -14.977 -23.062 12.434  1.00 35.93 ? 255 ASN A N   1 
ATOM   485  C CA  . ASN A 1 64  ? -14.310 -23.307 11.164  1.00 37.16 ? 255 ASN A CA  1 
ATOM   486  C C   . ASN A 1 64  ? -13.463 -24.565 11.222  1.00 37.18 ? 255 ASN A C   1 
ATOM   487  O O   . ASN A 1 64  ? -12.925 -24.922 12.266  1.00 37.46 ? 255 ASN A O   1 
ATOM   488  C CB  . ASN A 1 64  ? -13.457 -22.111 10.738  1.00 37.39 ? 255 ASN A CB  1 
ATOM   489  C CG  . ASN A 1 64  ? -12.290 -21.872 11.672  1.00 39.95 ? 255 ASN A CG  1 
ATOM   490  O OD1 . ASN A 1 64  ? -12.427 -21.217 12.703  1.00 42.61 ? 255 ASN A OD1 1 
ATOM   491  N ND2 . ASN A 1 64  ? -11.133 -22.414 11.315  1.00 42.07 ? 255 ASN A ND2 1 
ATOM   492  N N   . VAL A 1 65  ? -13.362 -25.234 10.087  1.00 37.18 ? 256 VAL A N   1 
ATOM   493  C CA  . VAL A 1 65  ? -12.545 -26.424 9.991   1.00 37.62 ? 256 VAL A CA  1 
ATOM   494  C C   . VAL A 1 65  ? -11.834 -26.406 8.643   1.00 37.45 ? 256 VAL A C   1 
ATOM   495  O O   . VAL A 1 65  ? -12.442 -26.096 7.620   1.00 37.36 ? 256 VAL A O   1 
ATOM   496  C CB  . VAL A 1 65  ? -13.404 -27.719 10.209  1.00 37.52 ? 256 VAL A CB  1 
ATOM   497  C CG1 . VAL A 1 65  ? -14.381 -27.964 9.042   1.00 37.63 ? 256 VAL A CG1 1 
ATOM   498  C CG2 . VAL A 1 65  ? -12.512 -28.942 10.470  1.00 38.46 ? 256 VAL A CG2 1 
ATOM   499  N N   . VAL A 1 66  ? -10.542 -26.715 8.653   1.00 37.71 ? 257 VAL A N   1 
ATOM   500  C CA  . VAL A 1 66  ? -9.803  -26.887 7.411   1.00 37.81 ? 257 VAL A CA  1 
ATOM   501  C C   . VAL A 1 66  ? -10.375 -28.096 6.666   1.00 38.01 ? 257 VAL A C   1 
ATOM   502  O O   . VAL A 1 66  ? -10.633 -29.143 7.262   1.00 38.13 ? 257 VAL A O   1 
ATOM   503  C CB  . VAL A 1 66  ? -8.283  -27.070 7.659   1.00 38.10 ? 257 VAL A CB  1 
ATOM   504  C CG1 . VAL A 1 66  ? -7.531  -27.296 6.336   1.00 38.98 ? 257 VAL A CG1 1 
ATOM   505  C CG2 . VAL A 1 66  ? -7.710  -25.873 8.404   1.00 38.43 ? 257 VAL A CG2 1 
ATOM   506  N N   . VAL A 1 67  ? -10.611 -27.924 5.377   1.00 38.05 ? 258 VAL A N   1 
ATOM   507  C CA  . VAL A 1 67  ? -10.966 -29.029 4.512   1.00 39.12 ? 258 VAL A CA  1 
ATOM   508  C C   . VAL A 1 67  ? -9.727  -29.443 3.710   1.00 39.18 ? 258 VAL A C   1 
ATOM   509  O O   . VAL A 1 67  ? -9.222  -30.557 3.881   1.00 39.54 ? 258 VAL A O   1 
ATOM   510  C CB  . VAL A 1 67  ? -12.165 -28.703 3.604   1.00 38.92 ? 258 VAL A CB  1 
ATOM   511  C CG1 . VAL A 1 67  ? -12.433 -29.861 2.629   1.00 40.08 ? 258 VAL A CG1 1 
ATOM   512  C CG2 . VAL A 1 67  ? -13.419 -28.446 4.453   1.00 39.09 ? 258 VAL A CG2 1 
ATOM   513  N N   . THR A 1 68  ? -9.241  -28.546 2.851   1.00 38.85 ? 259 THR A N   1 
ATOM   514  C CA  . THR A 1 68  ? -7.983  -28.753 2.139   1.00 38.71 ? 259 THR A CA  1 
ATOM   515  C C   . THR A 1 68  ? -7.017  -27.648 2.561   1.00 37.80 ? 259 THR A C   1 
ATOM   516  O O   . THR A 1 68  ? -7.352  -26.469 2.436   1.00 37.52 ? 259 THR A O   1 
ATOM   517  C CB  . THR A 1 68  ? -8.192  -28.702 0.622   1.00 39.04 ? 259 THR A CB  1 
ATOM   518  O OG1 . THR A 1 68  ? -9.166  -29.680 0.254   1.00 40.95 ? 259 THR A OG1 1 
ATOM   519  C CG2 . THR A 1 68  ? -6.887  -28.988 -0.127  1.00 40.55 ? 259 THR A CG2 1 
ATOM   520  N N   . PRO A 1 69  ? -5.827  -28.026 3.076   1.00 36.88 ? 260 PRO A N   1 
ATOM   521  C CA  . PRO A 1 69  ? -4.825  -27.031 3.457   1.00 35.92 ? 260 PRO A CA  1 
ATOM   522  C C   . PRO A 1 69  ? -4.360  -26.265 2.232   1.00 34.67 ? 260 PRO A C   1 
ATOM   523  O O   . PRO A 1 69  ? -4.386  -26.796 1.122   1.00 34.02 ? 260 PRO A O   1 
ATOM   524  C CB  . PRO A 1 69  ? -3.669  -27.884 4.012   1.00 36.25 ? 260 PRO A CB  1 
ATOM   525  C CG  . PRO A 1 69  ? -4.307  -29.208 4.367   1.00 37.22 ? 260 PRO A CG  1 
ATOM   526  C CD  . PRO A 1 69  ? -5.350  -29.401 3.318   1.00 37.03 ? 260 PRO A CD  1 
ATOM   527  N N   . ALA A 1 70  ? -3.977  -25.007 2.426   1.00 33.15 ? 261 ALA A N   1 
ATOM   528  C CA  . ALA A 1 70  ? -3.402  -24.229 1.333   1.00 32.18 ? 261 ALA A CA  1 
ATOM   529  C C   . ALA A 1 70  ? -1.953  -24.670 1.121   1.00 31.33 ? 261 ALA A C   1 
ATOM   530  O O   . ALA A 1 70  ? -1.333  -25.205 2.045   1.00 31.78 ? 261 ALA A O   1 
ATOM   531  C CB  . ALA A 1 70  ? -3.462  -22.744 1.652   1.00 31.25 ? 261 ALA A CB  1 
ATOM   532  N N   . HIS A 1 71  ? -1.430  -24.471 -0.085  1.00 30.50 ? 262 HIS A N   1 
ATOM   533  C CA  . HIS A 1 71  ? 0.017   -24.553 -0.276  1.00 30.67 ? 262 HIS A CA  1 
ATOM   534  C C   . HIS A 1 71  ? 0.573   -23.142 -0.093  1.00 29.52 ? 262 HIS A C   1 
ATOM   535  O O   . HIS A 1 71  ? 0.047   -22.199 -0.685  1.00 28.31 ? 262 HIS A O   1 
ATOM   536  C CB  A HIS A 1 71  ? 0.408   -25.081 -1.658  0.50 30.49 ? 262 HIS A CB  1 
ATOM   537  C CB  B HIS A 1 71  ? 0.340   -25.118 -1.662  0.50 30.79 ? 262 HIS A CB  1 
ATOM   538  C CG  A HIS A 1 71  ? 1.889   -25.240 -1.834  0.50 31.62 ? 262 HIS A CG  1 
ATOM   539  C CG  B HIS A 1 71  ? -0.132  -26.528 -1.857  0.50 32.80 ? 262 HIS A CG  1 
ATOM   540  N ND1 A HIS A 1 71  ? 2.720   -24.183 -2.142  0.50 32.14 ? 262 HIS A ND1 1 
ATOM   541  N ND1 B HIS A 1 71  ? 0.648   -27.625 -1.554  0.50 34.43 ? 262 HIS A ND1 1 
ATOM   542  C CD2 A HIS A 1 71  ? 2.691   -26.326 -1.718  0.50 32.63 ? 262 HIS A CD2 1 
ATOM   543  C CD2 B HIS A 1 71  ? -1.310  -27.019 -2.310  0.50 34.42 ? 262 HIS A CD2 1 
ATOM   544  C CE1 A HIS A 1 71  ? 3.966   -24.613 -2.220  0.50 32.79 ? 262 HIS A CE1 1 
ATOM   545  C CE1 B HIS A 1 71  ? -0.026  -28.730 -1.818  0.50 35.20 ? 262 HIS A CE1 1 
ATOM   546  N NE2 A HIS A 1 71  ? 3.977   -25.909 -1.966  0.50 32.43 ? 262 HIS A NE2 1 
ATOM   547  N NE2 B HIS A 1 71  ? -1.218  -28.390 -2.277  0.50 35.14 ? 262 HIS A NE2 1 
ATOM   548  N N   . GLU A 1 72  ? 1.615   -23.008 0.725   1.00 29.57 ? 263 GLU A N   1 
ATOM   549  C CA  . GLU A 1 72  ? 2.165   -21.685 1.048   1.00 29.75 ? 263 GLU A CA  1 
ATOM   550  C C   . GLU A 1 72  ? 2.624   -20.909 -0.182  1.00 28.12 ? 263 GLU A C   1 
ATOM   551  O O   . GLU A 1 72  ? 3.070   -21.480 -1.189  1.00 27.46 ? 263 GLU A O   1 
ATOM   552  C CB  . GLU A 1 72  ? 3.263   -21.739 2.126   1.00 30.01 ? 263 GLU A CB  1 
ATOM   553  C CG  . GLU A 1 72  ? 4.596   -22.309 1.642   1.00 33.49 ? 263 GLU A CG  1 
ATOM   554  C CD  . GLU A 1 72  ? 5.698   -22.295 2.688   1.00 33.66 ? 263 GLU A CD  1 
ATOM   555  O OE1 . GLU A 1 72  ? 5.459   -21.872 3.853   1.00 37.85 ? 263 GLU A OE1 1 
ATOM   556  O OE2 . GLU A 1 72  ? 6.819   -22.700 2.313   1.00 38.62 ? 263 GLU A OE2 1 
ATOM   557  N N   . ALA A 1 73  ? 2.474   -19.594 -0.088  1.00 26.46 ? 264 ALA A N   1 
ATOM   558  C CA  . ALA A 1 73  ? 2.999   -18.664 -1.066  1.00 25.48 ? 264 ALA A CA  1 
ATOM   559  C C   . ALA A 1 73  ? 4.439   -18.267 -0.716  1.00 24.71 ? 264 ALA A C   1 
ATOM   560  O O   . ALA A 1 73  ? 4.915   -18.534 0.387   1.00 24.28 ? 264 ALA A O   1 
ATOM   561  C CB  . ALA A 1 73  ? 2.113   -17.431 -1.104  1.00 25.15 ? 264 ALA A CB  1 
ATOM   562  N N   . VAL A 1 74  ? 5.131   -17.631 -1.661  1.00 24.50 ? 265 VAL A N   1 
ATOM   563  C CA  . VAL A 1 74  ? 6.482   -17.106 -1.414  1.00 24.31 ? 265 VAL A CA  1 
ATOM   564  C C   . VAL A 1 74  ? 6.475   -15.622 -1.771  1.00 24.12 ? 265 VAL A C   1 
ATOM   565  O O   . VAL A 1 74  ? 6.121   -15.239 -2.900  1.00 23.12 ? 265 VAL A O   1 
ATOM   566  C CB  . VAL A 1 74  ? 7.549   -17.816 -2.255  1.00 25.25 ? 265 VAL A CB  1 
ATOM   567  C CG1 . VAL A 1 74  ? 8.927   -17.226 -1.964  1.00 24.53 ? 265 VAL A CG1 1 
ATOM   568  C CG2 . VAL A 1 74  ? 7.518   -19.323 -1.994  1.00 25.08 ? 265 VAL A CG2 1 
ATOM   569  N N   . VAL A 1 75  ? 6.799   -14.791 -0.789  1.00 23.46 ? 266 VAL A N   1 
ATOM   570  C CA  . VAL A 1 75  ? 6.901   -13.352 -1.025  1.00 23.76 ? 266 VAL A CA  1 
ATOM   571  C C   . VAL A 1 75  ? 8.345   -12.910 -0.833  1.00 24.25 ? 266 VAL A C   1 
ATOM   572  O O   . VAL A 1 75  ? 8.983   -13.296 0.141   1.00 23.84 ? 266 VAL A O   1 
ATOM   573  C CB  . VAL A 1 75  ? 5.915   -12.517 -0.153  1.00 24.16 ? 266 VAL A CB  1 
ATOM   574  C CG1 . VAL A 1 75  ? 4.470   -12.990 -0.402  1.00 23.68 ? 266 VAL A CG1 1 
ATOM   575  C CG2 . VAL A 1 75  ? 6.248   -12.603 1.350   1.00 25.87 ? 266 VAL A CG2 1 
ATOM   576  N N   . ARG A 1 76  ? 8.856   -12.113 -1.767  1.00 24.27 ? 267 ARG A N   1 
ATOM   577  C CA  . ARG A 1 76  ? 10.204  -11.588 -1.644  1.00 24.98 ? 267 ARG A CA  1 
ATOM   578  C C   . ARG A 1 76  ? 10.075  -10.224 -1.001  1.00 25.24 ? 267 ARG A C   1 
ATOM   579  O O   . ARG A 1 76  ? 9.242   -9.392  -1.424  1.00 24.92 ? 267 ARG A O   1 
ATOM   580  C CB  . ARG A 1 76  ? 10.915  -11.496 -2.997  1.00 25.55 ? 267 ARG A CB  1 
ATOM   581  C CG  . ARG A 1 76  ? 11.428  -12.802 -3.529  1.00 29.47 ? 267 ARG A CG  1 
ATOM   582  C CD  . ARG A 1 76  ? 12.604  -12.573 -4.526  1.00 38.55 ? 267 ARG A CD  1 
ATOM   583  N NE  . ARG A 1 76  ? 12.402  -11.463 -5.475  1.00 42.28 ? 267 ARG A NE  1 
ATOM   584  C CZ  . ARG A 1 76  ? 11.663  -11.515 -6.590  1.00 44.73 ? 267 ARG A CZ  1 
ATOM   585  N NH1 . ARG A 1 76  ? 11.013  -12.628 -6.943  1.00 46.17 ? 267 ARG A NH1 1 
ATOM   586  N NH2 . ARG A 1 76  ? 11.562  -10.433 -7.364  1.00 44.07 ? 267 ARG A NH2 1 
ATOM   587  N N   . VAL A 1 77  ? 10.852  -10.018 0.057   1.00 23.69 ? 268 VAL A N   1 
ATOM   588  C CA  . VAL A 1 77  ? 10.793  -8.793  0.830   1.00 23.98 ? 268 VAL A CA  1 
ATOM   589  C C   . VAL A 1 77  ? 12.167  -8.104  0.734   1.00 23.81 ? 268 VAL A C   1 
ATOM   590  O O   . VAL A 1 77  ? 13.211  -8.748  0.860   1.00 23.18 ? 268 VAL A O   1 
ATOM   591  C CB  . VAL A 1 77  ? 10.374  -9.059  2.300   1.00 24.92 ? 268 VAL A CB  1 
ATOM   592  C CG1 . VAL A 1 77  ? 8.912   -9.555  2.363   1.00 25.88 ? 268 VAL A CG1 1 
ATOM   593  C CG2 . VAL A 1 77  ? 11.301  -10.096 2.972   1.00 25.85 ? 268 VAL A CG2 1 
ATOM   594  N N   . GLY A 1 78  ? 12.152  -6.807  0.469   1.00 23.41 ? 269 GLY A N   1 
ATOM   595  C CA  . GLY A 1 78  ? 13.389  -6.067  0.254   1.00 22.87 ? 269 GLY A CA  1 
ATOM   596  C C   . GLY A 1 78  ? 14.184  -5.850  1.529   1.00 23.45 ? 269 GLY A C   1 
ATOM   597  O O   . GLY A 1 78  ? 13.630  -5.485  2.572   1.00 22.58 ? 269 GLY A O   1 
ATOM   598  N N   . THR A 1 79  ? 15.491  -6.105  1.440   1.00 23.15 ? 270 THR A N   1 
ATOM   599  C CA  . THR A 1 79  ? 16.382  -5.865  2.558   1.00 23.86 ? 270 THR A CA  1 
ATOM   600  C C   . THR A 1 79  ? 17.611  -5.074  2.125   1.00 24.14 ? 270 THR A C   1 
ATOM   601  O O   . THR A 1 79  ? 18.627  -5.122  2.808   1.00 24.43 ? 270 THR A O   1 
ATOM   602  C CB  . THR A 1 79  ? 16.863  -7.198  3.179   1.00 23.81 ? 270 THR A CB  1 
ATOM   603  O OG1 . THR A 1 79  ? 17.482  -7.985  2.158   1.00 23.98 ? 270 THR A OG1 1 
ATOM   604  C CG2 . THR A 1 79  ? 15.700  -7.970  3.782   1.00 23.74 ? 270 THR A CG2 1 
ATOM   605  N N   . LYS A 1 80  ? 17.546  -4.387  0.981   1.00 23.77 ? 271 LYS A N   1 
ATOM   606  C CA  . LYS A 1 80  ? 18.682  -3.570  0.528   1.00 23.87 ? 271 LYS A CA  1 
ATOM   607  C C   . LYS A 1 80  ? 19.146  -2.555  1.598   1.00 24.02 ? 271 LYS A C   1 
ATOM   608  O O   . LYS A 1 80  ? 18.372  -1.701  2.045   1.00 23.77 ? 271 LYS A O   1 
ATOM   609  C CB  . LYS A 1 80  ? 18.369  -2.868  -0.799  1.00 23.74 ? 271 LYS A CB  1 
ATOM   610  C CG  . LYS A 1 80  ? 19.560  -2.091  -1.388  1.00 22.85 ? 271 LYS A CG  1 
ATOM   611  C CD  . LYS A 1 80  ? 19.184  -1.526  -2.777  1.00 22.72 ? 271 LYS A CD  1 
ATOM   612  C CE  . LYS A 1 80  ? 20.321  -0.696  -3.316  1.00 21.97 ? 271 LYS A CE  1 
ATOM   613  N NZ  . LYS A 1 80  ? 19.935  -0.024  -4.587  1.00 22.67 ? 271 LYS A NZ  1 
ATOM   614  N N   . PRO A 1 81  ? 20.418  -2.666  2.037   1.00 24.89 ? 272 PRO A N   1 
ATOM   615  C CA  . PRO A 1 81  ? 20.905  -1.776  3.098   1.00 24.88 ? 272 PRO A CA  1 
ATOM   616  C C   . PRO A 1 81  ? 20.817  -0.305  2.724   1.00 24.16 ? 272 PRO A C   1 
ATOM   617  O O   . PRO A 1 81  ? 21.060  0.056   1.577   1.00 24.94 ? 272 PRO A O   1 
ATOM   618  C CB  . PRO A 1 81  ? 22.364  -2.208  3.259   1.00 25.42 ? 272 PRO A CB  1 
ATOM   619  C CG  . PRO A 1 81  ? 22.350  -3.661  2.825   1.00 26.16 ? 272 PRO A CG  1 
ATOM   620  C CD  . PRO A 1 81  ? 21.455  -3.636  1.634   1.00 25.15 ? 272 PRO A CD  1 
ATOM   621  N N   . GLY A 1 82  ? 20.459  0.522   3.695   1.00 24.91 ? 273 GLY A N   1 
ATOM   622  C CA  . GLY A 1 82  ? 20.409  1.968   3.485   1.00 25.68 ? 273 GLY A CA  1 
ATOM   623  C C   . GLY A 1 82  ? 19.097  2.442   2.864   1.00 25.92 ? 273 GLY A C   1 
ATOM   624  O O   . GLY A 1 82  ? 18.928  3.652   2.635   1.00 26.78 ? 273 GLY A O   1 
ATOM   625  N N   . THR A 1 83  ? 18.158  1.519   2.613   1.00 25.53 ? 274 THR A N   1 
ATOM   626  C CA  . THR A 1 83  ? 16.862  1.898   1.984   1.00 24.91 ? 274 THR A CA  1 
ATOM   627  C C   . THR A 1 83  ? 15.730  2.088   2.986   1.00 25.85 ? 274 THR A C   1 
ATOM   628  O O   . THR A 1 83  ? 14.540  2.159   2.620   1.00 24.65 ? 274 THR A O   1 
ATOM   629  C CB  . THR A 1 83  ? 16.438  0.968   0.813   1.00 24.91 ? 274 THR A CB  1 
ATOM   630  O OG1 . THR A 1 83  ? 16.251  -0.370  1.284   1.00 24.07 ? 274 THR A OG1 1 
ATOM   631  C CG2 . THR A 1 83  ? 17.485  0.973   -0.299  1.00 23.29 ? 274 THR A CG2 1 
ATOM   632  N N   . GLU A 1 84  ? 16.098  2.196   4.265   1.00 26.84 ? 275 GLU A N   1 
ATOM   633  C CA  . GLU A 1 84  ? 15.145  2.525   5.322   1.00 28.22 ? 275 GLU A CA  1 
ATOM   634  C C   . GLU A 1 84  ? 14.392  3.768   4.917   1.00 28.46 ? 275 GLU A C   1 
ATOM   635  O O   . GLU A 1 84  ? 14.985  4.677   4.325   1.00 29.27 ? 275 GLU A O   1 
ATOM   636  C CB  . GLU A 1 84  ? 15.872  2.793   6.655   1.00 28.65 ? 275 GLU A CB  1 
ATOM   637  C CG  . GLU A 1 84  ? 16.451  1.560   7.304   1.00 30.71 ? 275 GLU A CG  1 
ATOM   638  C CD  . GLU A 1 84  ? 17.839  1.190   6.813   1.00 32.37 ? 275 GLU A CD  1 
ATOM   639  O OE1 . GLU A 1 84  ? 18.373  1.840   5.890   1.00 30.98 ? 275 GLU A OE1 1 
ATOM   640  O OE2 . GLU A 1 84  ? 18.404  0.223   7.375   1.00 34.40 ? 275 GLU A OE2 1 
ATOM   641  N N   . VAL A 1 85  ? 13.092  3.788   5.185   1.00 29.21 ? 276 VAL A N   1 
ATOM   642  C CA  . VAL A 1 85  ? 12.265  4.942   4.845   1.00 29.95 ? 276 VAL A CA  1 
ATOM   643  C C   . VAL A 1 85  ? 11.725  5.530   6.124   1.00 31.56 ? 276 VAL A C   1 
ATOM   644  O O   . VAL A 1 85  ? 11.048  4.826   6.883   1.00 31.43 ? 276 VAL A O   1 
ATOM   645  C CB  . VAL A 1 85  ? 11.069  4.589   3.923   1.00 30.57 ? 276 VAL A CB  1 
ATOM   646  C CG1 . VAL A 1 85  ? 10.405  5.841   3.460   1.00 27.64 ? 276 VAL A CG1 1 
ATOM   647  C CG2 . VAL A 1 85  ? 11.514  3.784   2.721   1.00 28.43 ? 276 VAL A CG2 1 
ATOM   648  N N   . PRO A 1 86  ? 11.991  6.824   6.363   1.00 32.76 ? 277 PRO A N   1 
ATOM   649  C CA  . PRO A 1 86  ? 11.446  7.491   7.537   1.00 33.77 ? 277 PRO A CA  1 
ATOM   650  C C   . PRO A 1 86  ? 9.913   7.471   7.582   1.00 35.25 ? 277 PRO A C   1 
ATOM   651  O O   . PRO A 1 86  ? 9.257   7.396   6.531   1.00 35.23 ? 277 PRO A O   1 
ATOM   652  C CB  . PRO A 1 86  ? 11.956  8.926   7.395   1.00 34.17 ? 277 PRO A CB  1 
ATOM   653  C CG  . PRO A 1 86  ? 12.352  9.076   5.957   1.00 33.92 ? 277 PRO A CG  1 
ATOM   654  C CD  . PRO A 1 86  ? 12.807  7.732   5.531   1.00 32.58 ? 277 PRO A CD  1 
ATOM   655  N N   . PRO A 1 87  ? 9.330   7.516   8.795   1.00 35.74 ? 278 PRO A N   1 
ATOM   656  C CA  . PRO A 1 87  ? 7.874   7.665   8.865   1.00 36.49 ? 278 PRO A CA  1 
ATOM   657  C C   . PRO A 1 87  ? 7.455   9.014   8.274   1.00 36.76 ? 278 PRO A C   1 
ATOM   658  O O   . PRO A 1 87  ? 8.223   9.985   8.328   1.00 36.22 ? 278 PRO A O   1 
ATOM   659  C CB  . PRO A 1 87  ? 7.561   7.613   10.373  1.00 36.35 ? 278 PRO A CB  1 
ATOM   660  C CG  . PRO A 1 87  ? 8.817   7.096   11.033  1.00 36.40 ? 278 PRO A CG  1 
ATOM   661  C CD  . PRO A 1 87  ? 9.959   7.418   10.127  1.00 36.56 ? 278 PRO A CD  1 
ATOM   662  N N   . VAL A 1 88  ? 6.263   9.048   7.689   1.00 37.71 ? 279 VAL A N   1 
ATOM   663  C CA  . VAL A 1 88  ? 5.673   10.287  7.172   1.00 39.01 ? 279 VAL A CA  1 
ATOM   664  C C   . VAL A 1 88  ? 5.139   11.104  8.366   1.00 40.33 ? 279 VAL A C   1 
ATOM   665  O O   . VAL A 1 88  ? 4.375   10.585  9.178   1.00 41.07 ? 279 VAL A O   1 
ATOM   666  C CB  . VAL A 1 88  ? 4.572   9.978   6.103   1.00 38.71 ? 279 VAL A CB  1 
ATOM   667  C CG1 . VAL A 1 88  ? 3.774   11.236  5.717   1.00 37.45 ? 279 VAL A CG1 1 
ATOM   668  C CG2 . VAL A 1 88  ? 5.194   9.315   4.862   1.00 37.92 ? 279 VAL A CG2 1 
ATOM   669  N N   . ILE A 1 89  ? 5.544   12.369  8.459   1.00 41.97 ? 280 ILE A N   1 
ATOM   670  C CA  . ILE A 1 89  ? 5.300   13.207  9.653   1.00 43.24 ? 280 ILE A CA  1 
ATOM   671  C C   . ILE A 1 89  ? 3.845   13.689  9.819   1.00 43.79 ? 280 ILE A C   1 
ATOM   672  O O   . ILE A 1 89  ? 2.928   13.232  9.126   1.00 44.41 ? 280 ILE A O   1 
ATOM   673  C CB  . ILE A 1 89  ? 6.269   14.434  9.707   1.00 43.76 ? 280 ILE A CB  1 
ATOM   674  C CG1 . ILE A 1 89  ? 7.740   13.972  9.729   1.00 43.54 ? 280 ILE A CG1 1 
ATOM   675  C CG2 . ILE A 1 89  ? 5.960   15.330  10.926  1.00 44.44 ? 280 ILE A CG2 1 
ATOM   676  C CD1 . ILE A 1 89  ? 8.723   14.992  9.201   1.00 43.82 ? 280 ILE A CD1 1 
ATOM   677  N N   . SER A 1 92  ? 1.303   14.622  5.278   1.00 40.78 ? 283 SER A N   1 
ATOM   678  C CA  . SER A 1 92  ? -0.016  14.712  4.632   1.00 39.77 ? 283 SER A CA  1 
ATOM   679  C C   . SER A 1 92  ? -0.280  16.117  4.079   1.00 38.04 ? 283 SER A C   1 
ATOM   680  O O   . SER A 1 92  ? -1.277  16.346  3.344   1.00 37.57 ? 283 SER A O   1 
ATOM   681  C CB  . SER A 1 92  ? -1.144  14.292  5.577   1.00 40.32 ? 283 SER A CB  1 
ATOM   682  O OG  . SER A 1 92  ? -1.823  15.431  6.124   1.00 44.08 ? 283 SER A OG  1 
ATOM   683  N N   . ILE A 1 93  ? 0.603   17.065  4.417   1.00 35.66 ? 284 ILE A N   1 
ATOM   684  C CA  . ILE A 1 93  ? 0.704   18.230  3.536   1.00 32.39 ? 284 ILE A CA  1 
ATOM   685  C C   . ILE A 1 93  ? 1.132   17.702  2.158   1.00 29.67 ? 284 ILE A C   1 
ATOM   686  O O   . ILE A 1 93  ? 0.700   18.227  1.122   1.00 27.46 ? 284 ILE A O   1 
ATOM   687  C CB  . ILE A 1 93  ? 1.668   19.338  3.994   1.00 33.14 ? 284 ILE A CB  1 
ATOM   688  C CG1 . ILE A 1 93  ? 1.582   20.484  2.967   1.00 33.49 ? 284 ILE A CG1 1 
ATOM   689  C CG2 . ILE A 1 93  ? 3.100   18.811  4.143   1.00 34.87 ? 284 ILE A CG2 1 
ATOM   690  C CD1 . ILE A 1 93  ? 2.393   21.700  3.279   1.00 37.13 ? 284 ILE A CD1 1 
ATOM   691  N N   . TRP A 1 94  ? 1.944   16.640  2.151   1.00 26.46 ? 285 TRP A N   1 
ATOM   692  C CA  . TRP A 1 94  ? 2.387   16.054  0.870   1.00 24.40 ? 285 TRP A CA  1 
ATOM   693  C C   . TRP A 1 94  ? 1.282   15.399  0.067   1.00 24.07 ? 285 TRP A C   1 
ATOM   694  O O   . TRP A 1 94  ? 1.315   15.423  -1.181  1.00 23.17 ? 285 TRP A O   1 
ATOM   695  C CB  . TRP A 1 94  ? 3.566   15.092  1.080   1.00 24.27 ? 285 TRP A CB  1 
ATOM   696  C CG  . TRP A 1 94  ? 4.723   15.804  1.724   1.00 23.13 ? 285 TRP A CG  1 
ATOM   697  C CD1 . TRP A 1 94  ? 5.190   15.628  2.991   1.00 25.54 ? 285 TRP A CD1 1 
ATOM   698  C CD2 . TRP A 1 94  ? 5.522   16.836  1.138   1.00 22.49 ? 285 TRP A CD2 1 
ATOM   699  N NE1 . TRP A 1 94  ? 6.250   16.476  3.229   1.00 24.12 ? 285 TRP A NE1 1 
ATOM   700  C CE2 . TRP A 1 94  ? 6.477   17.225  2.108   1.00 23.44 ? 285 TRP A CE2 1 
ATOM   701  C CE3 . TRP A 1 94  ? 5.553   17.446  -0.123  1.00 20.74 ? 285 TRP A CE3 1 
ATOM   702  C CZ2 . TRP A 1 94  ? 7.438   18.199  1.857   1.00 23.32 ? 285 TRP A CZ2 1 
ATOM   703  C CZ3 . TRP A 1 94  ? 6.506   18.449  -0.363  1.00 24.19 ? 285 TRP A CZ3 1 
ATOM   704  C CH2 . TRP A 1 94  ? 7.441   18.800  0.627   1.00 23.90 ? 285 TRP A CH2 1 
ATOM   705  N N   . ASP A 1 95  ? 0.310   14.789  0.750   1.00 22.61 ? 286 ASP A N   1 
ATOM   706  C CA  . ASP A 1 95  ? -0.808  14.186  0.021   1.00 22.87 ? 286 ASP A CA  1 
ATOM   707  C C   . ASP A 1 95  ? -1.641  15.281  -0.624  1.00 22.73 ? 286 ASP A C   1 
ATOM   708  O O   . ASP A 1 95  ? -2.132  15.105  -1.738  1.00 22.54 ? 286 ASP A O   1 
ATOM   709  C CB  . ASP A 1 95  ? -1.646  13.302  0.942   1.00 22.76 ? 286 ASP A CB  1 
ATOM   710  C CG  . ASP A 1 95  ? -0.901  12.051  1.359   1.00 25.95 ? 286 ASP A CG  1 
ATOM   711  O OD1 . ASP A 1 95  ? -0.360  11.340  0.485   1.00 23.66 ? 286 ASP A OD1 1 
ATOM   712  O OD2 . ASP A 1 95  ? -0.807  11.792  2.579   1.00 28.46 ? 286 ASP A OD2 1 
ATOM   713  N N   . ALA A 1 96  ? -1.767  16.423  0.061   1.00 22.87 ? 287 ALA A N   1 
ATOM   714  C CA  . ALA A 1 96  ? -2.495  17.563  -0.500  1.00 22.82 ? 287 ALA A CA  1 
ATOM   715  C C   . ALA A 1 96  ? -1.732  18.068  -1.722  1.00 22.78 ? 287 ALA A C   1 
ATOM   716  O O   . ALA A 1 96  ? -2.320  18.324  -2.778  1.00 21.82 ? 287 ALA A O   1 
ATOM   717  C CB  . ALA A 1 96  ? -2.652  18.659  0.500   1.00 23.47 ? 287 ALA A CB  1 
ATOM   718  N N   . ILE A 1 97  ? -0.417  18.211  -1.573  1.00 21.54 ? 288 ILE A N   1 
ATOM   719  C CA  . ILE A 1 97  ? 0.420   18.666  -2.687  1.00 21.53 ? 288 ILE A CA  1 
ATOM   720  C C   . ILE A 1 97  ? 0.336   17.714  -3.875  1.00 21.18 ? 288 ILE A C   1 
ATOM   721  O O   . ILE A 1 97  ? 0.189   18.174  -5.009  1.00 21.93 ? 288 ILE A O   1 
ATOM   722  C CB  . ILE A 1 97  ? 1.888   18.969  -2.231  1.00 20.34 ? 288 ILE A CB  1 
ATOM   723  C CG1 . ILE A 1 97  ? 1.897   20.213  -1.334  1.00 21.42 ? 288 ILE A CG1 1 
ATOM   724  C CG2 . ILE A 1 97  ? 2.835   19.126  -3.456  1.00 19.95 ? 288 ILE A CG2 1 
ATOM   725  C CD1 . ILE A 1 97  ? 3.268   20.530  -0.675  1.00 21.10 ? 288 ILE A CD1 1 
ATOM   726  N N   . ALA A 1 98  ? 0.413   16.399  -3.635  1.00 21.84 ? 289 ALA A N   1 
ATOM   727  C CA  . ALA A 1 98  ? 0.305   15.393  -4.699  1.00 21.77 ? 289 ALA A CA  1 
ATOM   728  C C   . ALA A 1 98  ? -1.075  15.390  -5.347  1.00 22.85 ? 289 ALA A C   1 
ATOM   729  O O   . ALA A 1 98  ? -1.191  15.102  -6.530  1.00 21.90 ? 289 ALA A O   1 
ATOM   730  C CB  . ALA A 1 98  ? 0.633   13.990  -4.185  1.00 22.07 ? 289 ALA A CB  1 
ATOM   731  N N   . GLY A 1 99  ? -2.115  15.686  -4.565  1.00 23.65 ? 290 GLY A N   1 
ATOM   732  C CA  . GLY A 1 99  ? -3.471  15.874  -5.130  1.00 24.59 ? 290 GLY A CA  1 
ATOM   733  C C   . GLY A 1 99  ? -3.480  16.994  -6.162  1.00 24.97 ? 290 GLY A C   1 
ATOM   734  O O   . GLY A 1 99  ? -3.977  16.820  -7.281  1.00 25.76 ? 290 GLY A O   1 
ATOM   735  N N   . CYS A 1 100 ? -2.920  18.142  -5.775  1.00 25.44 ? 291 CYS A N   1 
ATOM   736  C CA  . CYS A 1 100 ? -2.752  19.296  -6.646  1.00 24.71 ? 291 CYS A CA  1 
ATOM   737  C C   . CYS A 1 100 ? -1.828  18.995  -7.837  1.00 24.57 ? 291 CYS A C   1 
ATOM   738  O O   . CYS A 1 100 ? -2.123  19.380  -8.963  1.00 24.25 ? 291 CYS A O   1 
ATOM   739  C CB  . CYS A 1 100 ? -2.218  20.482  -5.837  1.00 24.43 ? 291 CYS A CB  1 
ATOM   740  S SG  . CYS A 1 100 ? -1.907  22.032  -6.748  1.00 28.57 ? 291 CYS A SG  1 
ATOM   741  N N   . GLU A 1 101 ? -0.701  18.332  -7.581  1.00 23.45 ? 292 GLU A N   1 
ATOM   742  C CA  . GLU A 1 101 ? 0.332   18.185  -8.623  1.00 23.94 ? 292 GLU A CA  1 
ATOM   743  C C   . GLU A 1 101 ? -0.001  17.095  -9.623  1.00 23.77 ? 292 GLU A C   1 
ATOM   744  O O   . GLU A 1 101 ? 0.320   17.222  -10.800 1.00 24.68 ? 292 GLU A O   1 
ATOM   745  C CB  . GLU A 1 101 ? 1.723   17.899  -8.017  1.00 22.98 ? 292 GLU A CB  1 
ATOM   746  C CG  . GLU A 1 101 ? 2.341   19.061  -7.235  1.00 23.09 ? 292 GLU A CG  1 
ATOM   747  C CD  . GLU A 1 101 ? 2.948   20.155  -8.122  1.00 23.13 ? 292 GLU A CD  1 
ATOM   748  O OE1 . GLU A 1 101 ? 2.848   20.070  -9.366  1.00 19.91 ? 292 GLU A OE1 1 
ATOM   749  O OE2 . GLU A 1 101 ? 3.514   21.113  -7.560  1.00 24.69 ? 292 GLU A OE2 1 
ATOM   750  N N   . ALA A 1 102 ? -0.644  16.028  -9.156  1.00 23.51 ? 293 ALA A N   1 
ATOM   751  C CA  . ALA A 1 102 ? -0.693  14.793  -9.917  1.00 23.98 ? 293 ALA A CA  1 
ATOM   752  C C   . ALA A 1 102 ? -1.966  14.001  -9.688  1.00 23.95 ? 293 ALA A C   1 
ATOM   753  O O   . ALA A 1 102 ? -2.018  12.826  -10.068 1.00 23.65 ? 293 ALA A O   1 
ATOM   754  C CB  . ALA A 1 102 ? 0.508   13.912  -9.549  1.00 23.68 ? 293 ALA A CB  1 
ATOM   755  N N   . GLY A 1 103 ? -2.953  14.614  -9.033  1.00 24.53 ? 294 GLY A N   1 
ATOM   756  C CA  . GLY A 1 103 ? -4.192  13.909  -8.656  1.00 25.13 ? 294 GLY A CA  1 
ATOM   757  C C   . GLY A 1 103 ? -3.965  12.659  -7.821  1.00 25.17 ? 294 GLY A C   1 
ATOM   758  O O   . GLY A 1 103 ? -4.722  11.676  -7.932  1.00 25.25 ? 294 GLY A O   1 
ATOM   759  N N   . GLY A 1 104 ? -2.904  12.673  -7.009  1.00 24.87 ? 295 GLY A N   1 
ATOM   760  C CA  . GLY A 1 104 ? -2.619  11.570  -6.070  1.00 24.23 ? 295 GLY A CA  1 
ATOM   761  C C   . GLY A 1 104 ? -1.979  10.362  -6.713  1.00 24.11 ? 295 GLY A C   1 
ATOM   762  O O   . GLY A 1 104 ? -1.870  9.296   -6.095  1.00 24.72 ? 295 GLY A O   1 
ATOM   763  N N   . ASN A 1 105 ? -1.560  10.512  -7.970  1.00 23.19 ? 296 ASN A N   1 
ATOM   764  C CA  . ASN A 1 105 ? -0.909  9.434   -8.685  1.00 22.67 ? 296 ASN A CA  1 
ATOM   765  C C   . ASN A 1 105 ? 0.606   9.479   -8.474  1.00 22.18 ? 296 ASN A C   1 
ATOM   766  O O   . ASN A 1 105 ? 1.327   10.204  -9.165  1.00 21.91 ? 296 ASN A O   1 
ATOM   767  C CB  . ASN A 1 105 ? -1.238  9.457   -10.178 1.00 23.39 ? 296 ASN A CB  1 
ATOM   768  C CG  . ASN A 1 105 ? -0.533  8.339   -10.953 1.00 25.05 ? 296 ASN A CG  1 
ATOM   769  O OD1 . ASN A 1 105 ? 0.125   7.458   -10.370 1.00 24.39 ? 296 ASN A OD1 1 
ATOM   770  N ND2 . ASN A 1 105 ? -0.674  8.364   -12.270 1.00 24.98 ? 296 ASN A ND2 1 
ATOM   771  N N   . TRP A 1 106 ? 1.080   8.686   -7.523  1.00 21.23 ? 297 TRP A N   1 
ATOM   772  C CA  . TRP A 1 106 ? 2.486   8.744   -7.145  1.00 20.65 ? 297 TRP A CA  1 
ATOM   773  C C   . TRP A 1 106 ? 3.425   8.203   -8.241  1.00 20.91 ? 297 TRP A C   1 
ATOM   774  O O   . TRP A 1 106 ? 4.623   8.514   -8.239  1.00 20.85 ? 297 TRP A O   1 
ATOM   775  C CB  . TRP A 1 106 ? 2.672   8.030   -5.793  1.00 20.91 ? 297 TRP A CB  1 
ATOM   776  C CG  . TRP A 1 106 ? 2.062   8.839   -4.693  1.00 18.98 ? 297 TRP A CG  1 
ATOM   777  C CD1 . TRP A 1 106 ? 0.790   8.737   -4.197  1.00 20.36 ? 297 TRP A CD1 1 
ATOM   778  C CD2 . TRP A 1 106 ? 2.687   9.916   -3.988  1.00 20.71 ? 297 TRP A CD2 1 
ATOM   779  N NE1 . TRP A 1 106 ? 0.594   9.669   -3.205  1.00 21.26 ? 297 TRP A NE1 1 
ATOM   780  C CE2 . TRP A 1 106 ? 1.744   10.409  -3.058  1.00 21.01 ? 297 TRP A CE2 1 
ATOM   781  C CE3 . TRP A 1 106 ? 3.959   10.513  -4.051  1.00 19.62 ? 297 TRP A CE3 1 
ATOM   782  C CZ2 . TRP A 1 106 ? 2.032   11.467  -2.191  1.00 20.72 ? 297 TRP A CZ2 1 
ATOM   783  C CZ3 . TRP A 1 106 ? 4.250   11.558  -3.200  1.00 18.72 ? 297 TRP A CZ3 1 
ATOM   784  C CH2 . TRP A 1 106 ? 3.289   12.032  -2.267  1.00 20.63 ? 297 TRP A CH2 1 
ATOM   785  N N   . ALA A 1 107 ? 2.879   7.445   -9.196  1.00 21.16 ? 298 ALA A N   1 
ATOM   786  C CA  . ALA A 1 107 ? 3.701   6.874   -10.269 1.00 21.05 ? 298 ALA A CA  1 
ATOM   787  C C   . ALA A 1 107 ? 3.613   7.655   -11.572 1.00 21.02 ? 298 ALA A C   1 
ATOM   788  O O   . ALA A 1 107 ? 4.136   7.210   -12.593 1.00 20.84 ? 298 ALA A O   1 
ATOM   789  C CB  . ALA A 1 107 ? 3.347   5.395   -10.500 1.00 21.79 ? 298 ALA A CB  1 
ATOM   790  N N   . ILE A 1 108 ? 2.975   8.821   -11.538 1.00 21.31 ? 299 ILE A N   1 
ATOM   791  C CA  . ILE A 1 108 ? 2.814   9.639   -12.762 1.00 21.12 ? 299 ILE A CA  1 
ATOM   792  C C   . ILE A 1 108 ? 4.157   9.954   -13.454 1.00 21.62 ? 299 ILE A C   1 
ATOM   793  O O   . ILE A 1 108 ? 5.159   10.302  -12.823 1.00 18.44 ? 299 ILE A O   1 
ATOM   794  C CB  . ILE A 1 108 ? 1.985   10.926  -12.494 1.00 21.75 ? 299 ILE A CB  1 
ATOM   795  C CG1 . ILE A 1 108 ? 1.454   11.561  -13.801 1.00 23.04 ? 299 ILE A CG1 1 
ATOM   796  C CG2 . ILE A 1 108 ? 2.775   11.949  -11.669 1.00 22.45 ? 299 ILE A CG2 1 
ATOM   797  C CD1 . ILE A 1 108 ? 0.649   12.867  -13.555 1.00 22.96 ? 299 ILE A CD1 1 
ATOM   798  N N   . ASN A 1 109 ? 4.164   9.815   -14.776 1.00 21.32 ? 300 ASN A N   1 
ATOM   799  C CA  . ASN A 1 109 ? 5.339   10.055  -15.577 1.00 22.76 ? 300 ASN A CA  1 
ATOM   800  C C   . ASN A 1 109 ? 4.844   10.353  -16.997 1.00 22.79 ? 300 ASN A C   1 
ATOM   801  O O   . ASN A 1 109 ? 4.752   9.457   -17.833 1.00 24.38 ? 300 ASN A O   1 
ATOM   802  C CB  . ASN A 1 109 ? 6.264   8.836   -15.565 1.00 22.75 ? 300 ASN A CB  1 
ATOM   803  C CG  . ASN A 1 109 ? 7.500   9.019   -16.442 1.00 24.97 ? 300 ASN A CG  1 
ATOM   804  O OD1 . ASN A 1 109 ? 7.826   10.118  -16.879 1.00 25.77 ? 300 ASN A OD1 1 
ATOM   805  N ND2 . ASN A 1 109 ? 8.172   7.916   -16.730 1.00 28.41 ? 300 ASN A ND2 1 
ATOM   806  N N   . THR A 1 110 ? 4.521   11.611  -17.238 1.00 22.55 ? 301 THR A N   1 
ATOM   807  C CA  . THR A 1 110 ? 3.818   12.011  -18.469 1.00 22.43 ? 301 THR A CA  1 
ATOM   808  C C   . THR A 1 110 ? 4.771   12.476  -19.567 1.00 22.56 ? 301 THR A C   1 
ATOM   809  O O   . THR A 1 110 ? 4.324   12.804  -20.678 1.00 22.34 ? 301 THR A O   1 
ATOM   810  C CB  . THR A 1 110 ? 2.837   13.152  -18.202 1.00 22.98 ? 301 THR A CB  1 
ATOM   811  O OG1 . THR A 1 110 ? 3.558   14.269  -17.654 1.00 22.29 ? 301 THR A OG1 1 
ATOM   812  C CG2 . THR A 1 110 ? 1.731   12.737  -17.241 1.00 23.38 ? 301 THR A CG2 1 
ATOM   813  N N   . GLY A 1 111 ? 6.068   12.529  -19.262 1.00 21.99 ? 302 GLY A N   1 
ATOM   814  C CA  . GLY A 1 111 ? 7.086   13.014  -20.204 1.00 22.62 ? 302 GLY A CA  1 
ATOM   815  C C   . GLY A 1 111 ? 7.260   14.525  -20.229 1.00 22.86 ? 302 GLY A C   1 
ATOM   816  O O   . GLY A 1 111 ? 7.893   15.076  -21.139 1.00 22.91 ? 302 GLY A O   1 
ATOM   817  N N   . ASN A 1 112 ? 6.713   15.201  -19.219 1.00 21.22 ? 303 ASN A N   1 
ATOM   818  C CA  . ASN A 1 112 ? 6.798   16.654  -19.105 1.00 20.89 ? 303 ASN A CA  1 
ATOM   819  C C   . ASN A 1 112 ? 8.070   17.157  -18.407 1.00 21.02 ? 303 ASN A C   1 
ATOM   820  O O   . ASN A 1 112 ? 8.218   18.358  -18.167 1.00 21.14 ? 303 ASN A O   1 
ATOM   821  C CB  . ASN A 1 112 ? 5.543   17.177  -18.381 1.00 20.50 ? 303 ASN A CB  1 
ATOM   822  C CG  . ASN A 1 112 ? 5.448   16.654  -16.947 1.00 18.71 ? 303 ASN A CG  1 
ATOM   823  O OD1 . ASN A 1 112 ? 6.239   15.809  -16.566 1.00 19.13 ? 303 ASN A OD1 1 
ATOM   824  N ND2 . ASN A 1 112 ? 4.486   17.159  -16.166 1.00 17.82 ? 303 ASN A ND2 1 
ATOM   825  N N   . GLY A 1 113 ? 8.993   16.241  -18.088 1.00 21.27 ? 304 GLY A N   1 
ATOM   826  C CA  . GLY A 1 113 ? 10.212  16.615  -17.366 1.00 20.80 ? 304 GLY A CA  1 
ATOM   827  C C   . GLY A 1 113 ? 10.038  16.622  -15.837 1.00 21.16 ? 304 GLY A C   1 
ATOM   828  O O   . GLY A 1 113 ? 10.955  17.024  -15.103 1.00 20.82 ? 304 GLY A O   1 
ATOM   829  N N   . TYR A 1 114 ? 8.859   16.202  -15.380 1.00 20.21 ? 305 TYR A N   1 
ATOM   830  C CA  . TYR A 1 114 ? 8.595   16.037  -13.947 1.00 20.33 ? 305 TYR A CA  1 
ATOM   831  C C   . TYR A 1 114 ? 8.118   14.618  -13.644 1.00 20.35 ? 305 TYR A C   1 
ATOM   832  O O   . TYR A 1 114 ? 7.595   13.925  -14.537 1.00 19.79 ? 305 TYR A O   1 
ATOM   833  C CB  . TYR A 1 114 ? 7.567   17.061  -13.463 1.00 20.45 ? 305 TYR A CB  1 
ATOM   834  C CG  . TYR A 1 114 ? 7.957   18.476  -13.773 1.00 21.85 ? 305 TYR A CG  1 
ATOM   835  C CD1 . TYR A 1 114 ? 7.419   19.150  -14.886 1.00 21.50 ? 305 TYR A CD1 1 
ATOM   836  C CD2 . TYR A 1 114 ? 8.865   19.155  -12.959 1.00 20.88 ? 305 TYR A CD2 1 
ATOM   837  C CE1 . TYR A 1 114 ? 7.767   20.465  -15.149 1.00 23.31 ? 305 TYR A CE1 1 
ATOM   838  C CE2 . TYR A 1 114 ? 9.222   20.474  -13.221 1.00 23.87 ? 305 TYR A CE2 1 
ATOM   839  C CZ  . TYR A 1 114 ? 8.680   21.115  -14.327 1.00 24.05 ? 305 TYR A CZ  1 
ATOM   840  O OH  . TYR A 1 114 ? 9.037   22.415  -14.594 1.00 25.65 ? 305 TYR A OH  1 
ATOM   841  N N   . TYR A 1 115 ? 8.299   14.181  -12.382 1.00 19.12 ? 306 TYR A N   1 
ATOM   842  C CA  . TYR A 1 115 ? 8.130   12.767  -12.048 1.00 19.16 ? 306 TYR A CA  1 
ATOM   843  C C   . TYR A 1 115 ? 7.458   12.574  -10.694 1.00 18.85 ? 306 TYR A C   1 
ATOM   844  O O   . TYR A 1 115 ? 7.837   13.236  -9.732  1.00 18.03 ? 306 TYR A O   1 
ATOM   845  C CB  . TYR A 1 115 ? 9.490   12.041  -12.064 1.00 19.90 ? 306 TYR A CB  1 
ATOM   846  C CG  . TYR A 1 115 ? 10.217  12.239  -13.374 1.00 20.98 ? 306 TYR A CG  1 
ATOM   847  C CD1 . TYR A 1 115 ? 11.088  13.314  -13.555 1.00 21.64 ? 306 TYR A CD1 1 
ATOM   848  C CD2 . TYR A 1 115 ? 9.982   11.387  -14.442 1.00 22.79 ? 306 TYR A CD2 1 
ATOM   849  C CE1 . TYR A 1 115 ? 11.736  13.507  -14.789 1.00 21.17 ? 306 TYR A CE1 1 
ATOM   850  C CE2 . TYR A 1 115 ? 10.618  11.573  -15.664 1.00 23.01 ? 306 TYR A CE2 1 
ATOM   851  C CZ  . TYR A 1 115 ? 11.485  12.630  -15.818 1.00 23.95 ? 306 TYR A CZ  1 
ATOM   852  O OH  . TYR A 1 115 ? 12.089  12.817  -17.041 1.00 24.95 ? 306 TYR A OH  1 
ATOM   853  N N   . GLY A 1 116 ? 6.494   11.651  -10.657 1.00 18.85 ? 307 GLY A N   1 
ATOM   854  C CA  . GLY A 1 116 ? 5.892   11.198  -9.411  1.00 18.95 ? 307 GLY A CA  1 
ATOM   855  C C   . GLY A 1 116 ? 4.892   12.164  -8.817  1.00 18.46 ? 307 GLY A C   1 
ATOM   856  O O   . GLY A 1 116 ? 4.583   13.211  -9.398  1.00 18.40 ? 307 GLY A O   1 
ATOM   857  N N   . GLY A 1 117 ? 4.401   11.808  -7.629  1.00 18.56 ? 308 GLY A N   1 
ATOM   858  C CA  . GLY A 1 117 ? 3.260   12.486  -7.018  1.00 19.11 ? 308 GLY A CA  1 
ATOM   859  C C   . GLY A 1 117 ? 3.417   13.976  -6.802  1.00 19.03 ? 308 GLY A C   1 
ATOM   860  O O   . GLY A 1 117 ? 2.435   14.706  -6.865  1.00 19.51 ? 308 GLY A O   1 
ATOM   861  N N   . VAL A 1 118 ? 4.640   14.445  -6.538  1.00 18.99 ? 309 VAL A N   1 
ATOM   862  C CA  . VAL A 1 118 ? 4.857   15.869  -6.280  1.00 18.38 ? 309 VAL A CA  1 
ATOM   863  C C   . VAL A 1 118 ? 5.687   16.512  -7.402  1.00 17.77 ? 309 VAL A C   1 
ATOM   864  O O   . VAL A 1 118 ? 6.238   17.593  -7.245  1.00 18.05 ? 309 VAL A O   1 
ATOM   865  C CB  . VAL A 1 118 ? 5.433   16.173  -4.849  1.00 18.39 ? 309 VAL A CB  1 
ATOM   866  C CG1 . VAL A 1 118 ? 4.461   15.641  -3.775  1.00 17.60 ? 309 VAL A CG1 1 
ATOM   867  C CG2 . VAL A 1 118 ? 6.871   15.593  -4.629  1.00 18.98 ? 309 VAL A CG2 1 
ATOM   868  N N   . GLN A 1 119 ? 5.766   15.802  -8.522  1.00 17.79 ? 310 GLN A N   1 
ATOM   869  C CA  . GLN A 1 119 ? 6.322   16.384  -9.752  1.00 17.96 ? 310 GLN A CA  1 
ATOM   870  C C   . GLN A 1 119 ? 7.709   16.968  -9.529  1.00 17.27 ? 310 GLN A C   1 
ATOM   871  O O   . GLN A 1 119 ? 7.961   18.081  -9.909  1.00 19.08 ? 310 GLN A O   1 
ATOM   872  C CB  . GLN A 1 119 ? 5.355   17.437  -10.330 1.00 17.93 ? 310 GLN A CB  1 
ATOM   873  C CG  . GLN A 1 119 ? 4.045   16.784  -10.835 1.00 17.17 ? 310 GLN A CG  1 
ATOM   874  C CD  . GLN A 1 119 ? 4.245   16.048  -12.172 1.00 19.74 ? 310 GLN A CD  1 
ATOM   875  O OE1 . GLN A 1 119 ? 4.495   14.833  -12.225 1.00 23.26 ? 310 GLN A OE1 1 
ATOM   876  N NE2 . GLN A 1 119 ? 4.166   16.797  -13.249 1.00 18.34 ? 310 GLN A NE2 1 
ATOM   877  N N   . PHE A 1 120 ? 8.619   16.165  -8.959  1.00 17.61 ? 311 PHE A N   1 
ATOM   878  C CA  . PHE A 1 120 ? 10.047  16.508  -8.913  1.00 17.56 ? 311 PHE A CA  1 
ATOM   879  C C   . PHE A 1 120 ? 10.590  16.589  -10.334 1.00 17.76 ? 311 PHE A C   1 
ATOM   880  O O   . PHE A 1 120 ? 10.271  15.727  -11.148 1.00 18.40 ? 311 PHE A O   1 
ATOM   881  C CB  . PHE A 1 120 ? 10.836  15.369  -8.287  1.00 17.60 ? 311 PHE A CB  1 
ATOM   882  C CG  . PHE A 1 120 ? 10.904  15.403  -6.761  1.00 18.43 ? 311 PHE A CG  1 
ATOM   883  C CD1 . PHE A 1 120 ? 10.169  14.481  -5.996  1.00 18.02 ? 311 PHE A CD1 1 
ATOM   884  C CD2 . PHE A 1 120 ? 11.745  16.295  -6.108  1.00 20.06 ? 311 PHE A CD2 1 
ATOM   885  C CE1 . PHE A 1 120 ? 10.248  14.487  -4.604  1.00 16.63 ? 311 PHE A CE1 1 
ATOM   886  C CE2 . PHE A 1 120 ? 11.830  16.300  -4.708  1.00 19.78 ? 311 PHE A CE2 1 
ATOM   887  C CZ  . PHE A 1 120 ? 11.095  15.394  -3.975  1.00 18.53 ? 311 PHE A CZ  1 
ATOM   888  N N   . ASP A 1 121 ? 11.482  17.529  -10.585 1.00 18.55 ? 312 ASP A N   1 
ATOM   889  C CA  . ASP A 1 121 ? 12.368  17.363  -11.737 1.00 19.93 ? 312 ASP A CA  1 
ATOM   890  C C   . ASP A 1 121 ? 13.539  16.447  -11.373 1.00 20.37 ? 312 ASP A C   1 
ATOM   891  O O   . ASP A 1 121 ? 13.773  16.106  -10.184 1.00 19.19 ? 312 ASP A O   1 
ATOM   892  C CB  . ASP A 1 121 ? 12.778  18.702  -12.403 1.00 19.86 ? 312 ASP A CB  1 
ATOM   893  C CG  . ASP A 1 121 ? 13.602  19.620  -11.490 1.00 23.27 ? 312 ASP A CG  1 
ATOM   894  O OD1 . ASP A 1 121 ? 14.379  19.129  -10.650 1.00 23.00 ? 312 ASP A OD1 1 
ATOM   895  O OD2 . ASP A 1 121 ? 13.501  20.864  -11.657 1.00 25.08 ? 312 ASP A OD2 1 
ATOM   896  N N   . GLN A 1 122 ? 14.254  15.988  -12.392 1.00 19.56 ? 313 GLN A N   1 
ATOM   897  C CA  . GLN A 1 122 ? 15.300  15.007  -12.145 1.00 19.76 ? 313 GLN A CA  1 
ATOM   898  C C   . GLN A 1 122 ? 16.429  15.542  -11.274 1.00 19.30 ? 313 GLN A C   1 
ATOM   899  O O   . GLN A 1 122 ? 16.922  14.839  -10.395 1.00 19.70 ? 313 GLN A O   1 
ATOM   900  C CB  . GLN A 1 122 ? 15.852  14.458  -13.457 1.00 19.35 ? 313 GLN A CB  1 
ATOM   901  C CG  . GLN A 1 122 ? 16.789  13.253  -13.274 1.00 20.53 ? 313 GLN A CG  1 
ATOM   902  C CD  . GLN A 1 122 ? 16.114  12.054  -12.624 1.00 21.52 ? 313 GLN A CD  1 
ATOM   903  O OE1 . GLN A 1 122 ? 14.917  11.818  -12.811 1.00 21.02 ? 313 GLN A OE1 1 
ATOM   904  N NE2 . GLN A 1 122 ? 16.893  11.271  -11.880 1.00 22.61 ? 313 GLN A NE2 1 
ATOM   905  N N   . GLY A 1 123 ? 16.837  16.786  -11.512 1.00 19.68 ? 314 GLY A N   1 
ATOM   906  C CA  . GLY A 1 123 ? 17.958  17.357  -10.771 1.00 19.24 ? 314 GLY A CA  1 
ATOM   907  C C   . GLY A 1 123 ? 17.651  17.484  -9.293  1.00 19.55 ? 314 GLY A C   1 
ATOM   908  O O   . GLY A 1 123 ? 18.519  17.240  -8.439  1.00 19.15 ? 314 GLY A O   1 
ATOM   909  N N   . THR A 1 124 ? 16.410  17.856  -8.999  1.00 18.86 ? 315 THR A N   1 
ATOM   910  C CA  . THR A 1 124 ? 15.951  18.017  -7.625  1.00 18.68 ? 315 THR A CA  1 
ATOM   911  C C   . THR A 1 124 ? 15.836  16.664  -6.923  1.00 18.15 ? 315 THR A C   1 
ATOM   912  O O   . THR A 1 124 ? 16.278  16.516  -5.794  1.00 17.75 ? 315 THR A O   1 
ATOM   913  C CB  . THR A 1 124 ? 14.636  18.826  -7.584  1.00 18.97 ? 315 THR A CB  1 
ATOM   914  O OG1 . THR A 1 124 ? 14.855  20.115  -8.190  1.00 20.35 ? 315 THR A OG1 1 
ATOM   915  C CG2 . THR A 1 124 ? 14.136  19.034  -6.140  1.00 20.20 ? 315 THR A CG2 1 
ATOM   916  N N   . TRP A 1 125 ? 15.270  15.667  -7.603  1.00 17.78 ? 316 TRP A N   1 
ATOM   917  C CA  . TRP A 1 125 ? 15.273  14.303  -7.083  1.00 17.80 ? 316 TRP A CA  1 
ATOM   918  C C   . TRP A 1 125 ? 16.686  13.837  -6.707  1.00 18.51 ? 316 TRP A C   1 
ATOM   919  O O   . TRP A 1 125 ? 16.909  13.351  -5.601  1.00 18.48 ? 316 TRP A O   1 
ATOM   920  C CB  . TRP A 1 125 ? 14.657  13.366  -8.109  1.00 17.13 ? 316 TRP A CB  1 
ATOM   921  C CG  . TRP A 1 125 ? 14.593  11.937  -7.697  1.00 16.77 ? 316 TRP A CG  1 
ATOM   922  C CD1 . TRP A 1 125 ? 15.315  10.909  -8.191  1.00 15.71 ? 316 TRP A CD1 1 
ATOM   923  C CD2 . TRP A 1 125 ? 13.734  11.386  -6.688  1.00 14.50 ? 316 TRP A CD2 1 
ATOM   924  N NE1 . TRP A 1 125 ? 14.962  9.728   -7.561  1.00 18.37 ? 316 TRP A NE1 1 
ATOM   925  C CE2 . TRP A 1 125 ? 13.977  9.994   -6.646  1.00 16.07 ? 316 TRP A CE2 1 
ATOM   926  C CE3 . TRP A 1 125 ? 12.774  11.933  -5.833  1.00 15.33 ? 316 TRP A CE3 1 
ATOM   927  C CZ2 . TRP A 1 125 ? 13.325  9.136   -5.736  1.00 16.31 ? 316 TRP A CZ2 1 
ATOM   928  C CZ3 . TRP A 1 125 ? 12.100  11.078  -4.934  1.00 14.82 ? 316 TRP A CZ3 1 
ATOM   929  C CH2 . TRP A 1 125 ? 12.370  9.702   -4.906  1.00 16.33 ? 316 TRP A CH2 1 
ATOM   930  N N   . GLU A 1 126 ? 17.650  13.999  -7.618  1.00 18.14 ? 317 GLU A N   1 
ATOM   931  C CA  . GLU A 1 126 ? 19.029  13.553  -7.340  1.00 19.14 ? 317 GLU A CA  1 
ATOM   932  C C   . GLU A 1 126 ? 19.730  14.361  -6.262  1.00 18.07 ? 317 GLU A C   1 
ATOM   933  O O   . GLU A 1 126 ? 20.406  13.788  -5.379  1.00 19.05 ? 317 GLU A O   1 
ATOM   934  C CB  . GLU A 1 126 ? 19.868  13.532  -8.623  1.00 19.26 ? 317 GLU A CB  1 
ATOM   935  C CG  . GLU A 1 126 ? 19.266  12.616  -9.691  1.00 18.23 ? 317 GLU A CG  1 
ATOM   936  C CD  . GLU A 1 126 ? 20.155  12.439  -10.920 1.00 21.28 ? 317 GLU A CD  1 
ATOM   937  O OE1 . GLU A 1 126 ? 21.289  12.957  -10.882 1.00 24.43 ? 317 GLU A OE1 1 
ATOM   938  O OE2 . GLU A 1 126 ? 19.714  11.772  -11.885 1.00 19.66 ? 317 GLU A OE2 1 
ATOM   939  N N   . ALA A 1 127 ? 19.579  15.676  -6.314  1.00 17.89 ? 318 ALA A N   1 
ATOM   940  C CA  . ALA A 1 127 ? 20.265  16.569  -5.383  1.00 18.30 ? 318 ALA A CA  1 
ATOM   941  C C   . ALA A 1 127 ? 19.839  16.283  -3.952  1.00 18.35 ? 318 ALA A C   1 
ATOM   942  O O   . ALA A 1 127 ? 20.620  16.457  -3.021  1.00 18.15 ? 318 ALA A O   1 
ATOM   943  C CB  . ALA A 1 127 ? 19.986  18.045  -5.709  1.00 18.44 ? 318 ALA A CB  1 
ATOM   944  N N   . ASN A 1 128 ? 18.606  15.844  -3.776  1.00 17.52 ? 319 ASN A N   1 
ATOM   945  C CA  . ASN A 1 128 ? 18.072  15.653  -2.427  1.00 18.17 ? 319 ASN A CA  1 
ATOM   946  C C   . ASN A 1 128 ? 18.005  14.188  -2.007  1.00 18.03 ? 319 ASN A C   1 
ATOM   947  O O   . ASN A 1 128 ? 17.277  13.816  -1.066  1.00 19.94 ? 319 ASN A O   1 
ATOM   948  C CB  . ASN A 1 128 ? 16.738  16.367  -2.322  1.00 17.91 ? 319 ASN A CB  1 
ATOM   949  C CG  . ASN A 1 128 ? 16.902  17.847  -2.455  1.00 20.34 ? 319 ASN A CG  1 
ATOM   950  O OD1 . ASN A 1 128 ? 16.652  18.427  -3.532  1.00 20.65 ? 319 ASN A OD1 1 
ATOM   951  N ND2 . ASN A 1 128 ? 17.376  18.480  -1.385  1.00 14.72 ? 319 ASN A ND2 1 
ATOM   952  N N   . GLY A 1 129 ? 18.797  13.370  -2.686  1.00 17.94 ? 320 GLY A N   1 
ATOM   953  C CA  . GLY A 1 129 ? 19.126  12.042  -2.181  1.00 17.39 ? 320 GLY A CA  1 
ATOM   954  C C   . GLY A 1 129 ? 18.279  10.931  -2.753  1.00 17.99 ? 320 GLY A C   1 
ATOM   955  O O   . GLY A 1 129 ? 18.429  9.774   -2.356  1.00 18.61 ? 320 GLY A O   1 
ATOM   956  N N   . GLY A 1 130 ? 17.395  11.282  -3.691  1.00 18.31 ? 321 GLY A N   1 
ATOM   957  C CA  . GLY A 1 130 ? 16.428  10.328  -4.252  1.00 18.37 ? 321 GLY A CA  1 
ATOM   958  C C   . GLY A 1 130 ? 17.006  9.084   -4.892  1.00 18.29 ? 321 GLY A C   1 
ATOM   959  O O   . GLY A 1 130 ? 16.351  8.026   -4.937  1.00 17.92 ? 321 GLY A O   1 
ATOM   960  N N   . LEU A 1 131 ? 18.231  9.178   -5.399  1.00 18.51 ? 322 LEU A N   1 
ATOM   961  C CA  . LEU A 1 131 ? 18.847  7.986   -6.000  1.00 18.86 ? 322 LEU A CA  1 
ATOM   962  C C   . LEU A 1 131 ? 19.038  6.824   -5.026  1.00 19.12 ? 322 LEU A C   1 
ATOM   963  O O   . LEU A 1 131 ? 19.218  5.676   -5.454  1.00 19.48 ? 322 LEU A O   1 
ATOM   964  C CB  . LEU A 1 131 ? 20.153  8.327   -6.745  1.00 19.10 ? 322 LEU A CB  1 
ATOM   965  C CG  . LEU A 1 131 ? 20.027  9.340   -7.917  1.00 20.49 ? 322 LEU A CG  1 
ATOM   966  C CD1 . LEU A 1 131 ? 21.411  9.698   -8.512  1.00 22.17 ? 322 LEU A CD1 1 
ATOM   967  C CD2 . LEU A 1 131 ? 19.133  8.821   -9.014  1.00 20.62 ? 322 LEU A CD2 1 
ATOM   968  N N   . ARG A 1 132 ? 18.989  7.107   -3.725  1.00 19.61 ? 323 ARG A N   1 
ATOM   969  C CA  . ARG A 1 132 ? 19.056  6.036   -2.717  1.00 20.93 ? 323 ARG A CA  1 
ATOM   970  C C   . ARG A 1 132 ? 17.890  5.073   -2.924  1.00 19.14 ? 323 ARG A C   1 
ATOM   971  O O   . ARG A 1 132 ? 18.023  3.866   -2.715  1.00 20.00 ? 323 ARG A O   1 
ATOM   972  C CB  . ARG A 1 132 ? 19.033  6.628   -1.299  1.00 20.38 ? 323 ARG A CB  1 
ATOM   973  C CG  . ARG A 1 132 ? 19.267  5.636   -0.130  1.00 22.35 ? 323 ARG A CG  1 
ATOM   974  C CD  . ARG A 1 132 ? 19.760  6.414   1.113   1.00 25.71 ? 323 ARG A CD  1 
ATOM   975  N NE  . ARG A 1 132 ? 21.009  5.870   1.715   1.00 35.48 ? 323 ARG A NE  1 
ATOM   976  C CZ  . ARG A 1 132 ? 22.180  6.500   1.791   1.00 37.47 ? 323 ARG A CZ  1 
ATOM   977  N NH1 . ARG A 1 132 ? 22.352  7.705   1.298   1.00 43.88 ? 323 ARG A NH1 1 
ATOM   978  N NH2 . ARG A 1 132 ? 23.207  5.913   2.372   1.00 44.85 ? 323 ARG A NH2 1 
ATOM   979  N N   . TYR A 1 133 ? 16.753  5.626   -3.351  1.00 19.07 ? 324 TYR A N   1 
ATOM   980  C CA  . TYR A 1 133 ? 15.507  4.884   -3.476  1.00 18.92 ? 324 TYR A CA  1 
ATOM   981  C C   . TYR A 1 133 ? 15.194  4.409   -4.884  1.00 19.15 ? 324 TYR A C   1 
ATOM   982  O O   . TYR A 1 133 ? 14.738  3.275   -5.064  1.00 19.42 ? 324 TYR A O   1 
ATOM   983  C CB  . TYR A 1 133 ? 14.340  5.733   -2.938  1.00 18.92 ? 324 TYR A CB  1 
ATOM   984  C CG  . TYR A 1 133 ? 14.487  6.069   -1.458  1.00 20.72 ? 324 TYR A CG  1 
ATOM   985  C CD1 . TYR A 1 133 ? 14.461  7.391   -1.014  1.00 21.69 ? 324 TYR A CD1 1 
ATOM   986  C CD2 . TYR A 1 133 ? 14.646  5.043   -0.498  1.00 19.19 ? 324 TYR A CD2 1 
ATOM   987  C CE1 . TYR A 1 133 ? 14.595  7.699   0.374   1.00 23.95 ? 324 TYR A CE1 1 
ATOM   988  C CE2 . TYR A 1 133 ? 14.783  5.334   0.870   1.00 19.31 ? 324 TYR A CE2 1 
ATOM   989  C CZ  . TYR A 1 133 ? 14.761  6.643   1.301   1.00 23.23 ? 324 TYR A CZ  1 
ATOM   990  O OH  . TYR A 1 133 ? 14.890  6.893   2.658   1.00 25.26 ? 324 TYR A OH  1 
ATOM   991  N N   . ALA A 1 134 ? 15.393  5.280   -5.879  1.00 18.89 ? 325 ALA A N   1 
ATOM   992  C CA  . ALA A 1 134 ? 15.024  4.941   -7.239  1.00 18.85 ? 325 ALA A CA  1 
ATOM   993  C C   . ALA A 1 134 ? 15.648  5.891   -8.245  1.00 19.00 ? 325 ALA A C   1 
ATOM   994  O O   . ALA A 1 134 ? 15.970  7.042   -7.926  1.00 18.72 ? 325 ALA A O   1 
ATOM   995  C CB  . ALA A 1 134 ? 13.471  4.907   -7.404  1.00 17.85 ? 325 ALA A CB  1 
ATOM   996  N N   . PRO A 1 135 ? 15.857  5.402   -9.473  1.00 19.80 ? 326 PRO A N   1 
ATOM   997  C CA  . PRO A 1 135 ? 16.418  6.241   -10.537 1.00 19.68 ? 326 PRO A CA  1 
ATOM   998  C C   . PRO A 1 135 ? 15.656  7.552   -10.794 1.00 19.38 ? 326 PRO A C   1 
ATOM   999  O O   . PRO A 1 135 ? 16.265  8.534   -11.231 1.00 19.15 ? 326 PRO A O   1 
ATOM   1000 C CB  . PRO A 1 135 ? 16.363  5.317   -11.774 1.00 20.11 ? 326 PRO A CB  1 
ATOM   1001 C CG  . PRO A 1 135 ? 16.493  3.957   -11.219 1.00 20.17 ? 326 PRO A CG  1 
ATOM   1002 C CD  . PRO A 1 135 ? 15.672  4.006   -9.912  1.00 20.27 ? 326 PRO A CD  1 
ATOM   1003 N N   . ARG A 1 136 ? 14.338  7.540   -10.552 1.00 19.34 ? 327 ARG A N   1 
ATOM   1004 C CA  . ARG A 1 136 ? 13.464  8.705   -10.755 1.00 18.96 ? 327 ARG A CA  1 
ATOM   1005 C C   . ARG A 1 136 ? 12.388  8.687   -9.673  1.00 18.50 ? 327 ARG A C   1 
ATOM   1006 O O   . ARG A 1 136 ? 12.084  7.622   -9.126  1.00 19.00 ? 327 ARG A O   1 
ATOM   1007 C CB  . ARG A 1 136 ? 12.711  8.613   -12.084 1.00 18.78 ? 327 ARG A CB  1 
ATOM   1008 C CG  . ARG A 1 136 ? 13.574  8.521   -13.340 1.00 20.39 ? 327 ARG A CG  1 
ATOM   1009 C CD  . ARG A 1 136 ? 12.703  8.704   -14.579 1.00 21.06 ? 327 ARG A CD  1 
ATOM   1010 N NE  . ARG A 1 136 ? 11.552  7.809   -14.585 1.00 21.92 ? 327 ARG A NE  1 
ATOM   1011 C CZ  . ARG A 1 136 ? 11.502  6.625   -15.185 1.00 22.77 ? 327 ARG A CZ  1 
ATOM   1012 N NH1 . ARG A 1 136 ? 10.381  5.915   -15.113 1.00 21.72 ? 327 ARG A NH1 1 
ATOM   1013 N NH2 . ARG A 1 136 ? 12.564  6.151   -15.842 1.00 22.27 ? 327 ARG A NH2 1 
ATOM   1014 N N   . ALA A 1 137 ? 11.776  9.835   -9.416  1.00 18.19 ? 328 ALA A N   1 
ATOM   1015 C CA  . ALA A 1 137 ? 10.745  9.925   -8.356  1.00 18.42 ? 328 ALA A CA  1 
ATOM   1016 C C   . ALA A 1 137 ? 9.560   8.994   -8.585  1.00 19.07 ? 328 ALA A C   1 
ATOM   1017 O O   . ALA A 1 137 ? 9.004   8.437   -7.626  1.00 17.85 ? 328 ALA A O   1 
ATOM   1018 C CB  . ALA A 1 137 ? 10.256  11.343  -8.223  1.00 17.98 ? 328 ALA A CB  1 
ATOM   1019 N N   . ASP A 1 138 ? 9.133   8.855   -9.846  1.00 19.40 ? 329 ASP A N   1 
ATOM   1020 C CA  . ASP A 1 138 ? 7.941   8.049   -10.158 1.00 19.84 ? 329 ASP A CA  1 
ATOM   1021 C C   . ASP A 1 138 ? 8.169   6.559   -9.928  1.00 20.06 ? 329 ASP A C   1 
ATOM   1022 O O   . ASP A 1 138 ? 7.203   5.805   -9.832  1.00 20.03 ? 329 ASP A O   1 
ATOM   1023 C CB  . ASP A 1 138 ? 7.454   8.269   -11.615 1.00 20.37 ? 329 ASP A CB  1 
ATOM   1024 C CG  . ASP A 1 138 ? 8.498   7.865   -12.647 1.00 21.46 ? 329 ASP A CG  1 
ATOM   1025 O OD1 . ASP A 1 138 ? 9.591   8.475   -12.644 1.00 20.85 ? 329 ASP A OD1 1 
ATOM   1026 O OD2 . ASP A 1 138 ? 8.247   6.920   -13.439 1.00 23.04 ? 329 ASP A OD2 1 
ATOM   1027 N N   . LEU A 1 139 ? 9.437   6.134   -9.833  1.00 19.71 ? 330 LEU A N   1 
ATOM   1028 C CA  . LEU A 1 139 ? 9.779   4.723   -9.578  1.00 20.06 ? 330 LEU A CA  1 
ATOM   1029 C C   . LEU A 1 139 ? 9.896   4.385   -8.081  1.00 20.57 ? 330 LEU A C   1 
ATOM   1030 O O   . LEU A 1 139 ? 10.104  3.225   -7.710  1.00 20.31 ? 330 LEU A O   1 
ATOM   1031 C CB  . LEU A 1 139 ? 11.089  4.375   -10.287 1.00 20.39 ? 330 LEU A CB  1 
ATOM   1032 C CG  . LEU A 1 139 ? 11.020  4.455   -11.817 1.00 22.34 ? 330 LEU A CG  1 
ATOM   1033 C CD1 . LEU A 1 139 ? 12.382  4.129   -12.413 1.00 24.80 ? 330 LEU A CD1 1 
ATOM   1034 C CD2 . LEU A 1 139 ? 9.916   3.531   -12.358 1.00 24.51 ? 330 LEU A CD2 1 
ATOM   1035 N N   . ALA A 1 140 ? 9.765   5.414   -7.252  1.00 19.49 ? 331 ALA A N   1 
ATOM   1036 C CA  . ALA A 1 140 ? 9.852   5.281   -5.811  1.00 19.67 ? 331 ALA A CA  1 
ATOM   1037 C C   . ALA A 1 140 ? 8.450   5.249   -5.227  1.00 19.51 ? 331 ALA A C   1 
ATOM   1038 O O   . ALA A 1 140 ? 7.474   5.675   -5.832  1.00 19.10 ? 331 ALA A O   1 
ATOM   1039 C CB  . ALA A 1 140 ? 10.668  6.453   -5.222  1.00 19.19 ? 331 ALA A CB  1 
ATOM   1040 N N   . THR A 1 141 ? 8.359   4.708   -4.031  1.00 19.88 ? 332 THR A N   1 
ATOM   1041 C CA  . THR A 1 141 ? 7.104   4.590   -3.305  1.00 20.34 ? 332 THR A CA  1 
ATOM   1042 C C   . THR A 1 141 ? 6.642   5.987   -2.830  1.00 19.32 ? 332 THR A C   1 
ATOM   1043 O O   . THR A 1 141 ? 7.463   6.912   -2.725  1.00 18.44 ? 332 THR A O   1 
ATOM   1044 C CB  . THR A 1 141 ? 7.526   3.647   -2.148  1.00 21.19 ? 332 THR A CB  1 
ATOM   1045 O OG1 . THR A 1 141 ? 6.803   2.424   -2.168  1.00 27.36 ? 332 THR A OG1 1 
ATOM   1046 C CG2 . THR A 1 141 ? 7.662   4.292   -0.877  1.00 17.38 ? 332 THR A CG2 1 
ATOM   1047 N N   . ARG A 1 142 ? 5.338   6.172   -2.575  1.00 18.83 ? 333 ARG A N   1 
ATOM   1048 C CA  . ARG A 1 142 ? 4.875   7.415   -1.926  1.00 18.09 ? 333 ARG A CA  1 
ATOM   1049 C C   . ARG A 1 142 ? 5.770   7.845   -0.759  1.00 18.13 ? 333 ARG A C   1 
ATOM   1050 O O   . ARG A 1 142 ? 6.159   9.009   -0.663  1.00 17.43 ? 333 ARG A O   1 
ATOM   1051 C CB  . ARG A 1 142 ? 3.421   7.283   -1.414  1.00 18.50 ? 333 ARG A CB  1 
ATOM   1052 C CG  . ARG A 1 142 ? 3.021   8.394   -0.397  1.00 17.72 ? 333 ARG A CG  1 
ATOM   1053 C CD  . ARG A 1 142 ? 1.538   8.180   0.071   1.00 18.57 ? 333 ARG A CD  1 
ATOM   1054 N NE  . ARG A 1 142 ? 1.159   9.100   1.141   1.00 21.80 ? 333 ARG A NE  1 
ATOM   1055 C CZ  . ARG A 1 142 ? 1.339   8.882   2.445   1.00 22.86 ? 333 ARG A CZ  1 
ATOM   1056 N NH1 . ARG A 1 142 ? 1.923   7.764   2.887   1.00 22.07 ? 333 ARG A NH1 1 
ATOM   1057 N NH2 . ARG A 1 142 ? 0.936   9.806   3.323   1.00 23.34 ? 333 ARG A NH2 1 
ATOM   1058 N N   . GLU A 1 143 ? 6.056   6.915   0.157   1.00 17.51 ? 334 GLU A N   1 
ATOM   1059 C CA  . GLU A 1 143 ? 6.783   7.269   1.386   1.00 18.16 ? 334 GLU A CA  1 
ATOM   1060 C C   . GLU A 1 143 ? 8.245   7.655   1.126   1.00 17.67 ? 334 GLU A C   1 
ATOM   1061 O O   . GLU A 1 143 ? 8.790   8.540   1.794   1.00 18.32 ? 334 GLU A O   1 
ATOM   1062 C CB  . GLU A 1 143 ? 6.655   6.150   2.423   1.00 18.90 ? 334 GLU A CB  1 
ATOM   1063 C CG  . GLU A 1 143 ? 5.187   5.912   2.844   1.00 20.02 ? 334 GLU A CG  1 
ATOM   1064 C CD  . GLU A 1 143 ? 4.316   5.190   1.797   1.00 22.72 ? 334 GLU A CD  1 
ATOM   1065 O OE1 . GLU A 1 143 ? 4.812   4.369   1.014   1.00 21.88 ? 334 GLU A OE1 1 
ATOM   1066 O OE2 . GLU A 1 143 ? 3.094   5.422   1.793   1.00 25.22 ? 334 GLU A OE2 1 
ATOM   1067 N N   . GLU A 1 144 ? 8.853   6.996   0.134   1.00 17.29 ? 335 GLU A N   1 
ATOM   1068 C CA  . GLU A 1 144 ? 10.193  7.362   -0.354  1.00 17.37 ? 335 GLU A CA  1 
ATOM   1069 C C   . GLU A 1 144 ? 10.201  8.759   -0.973  1.00 16.77 ? 335 GLU A C   1 
ATOM   1070 O O   . GLU A 1 144 ? 11.084  9.586   -0.675  1.00 16.07 ? 335 GLU A O   1 
ATOM   1071 C CB  . GLU A 1 144 ? 10.687  6.318   -1.375  1.00 17.28 ? 335 GLU A CB  1 
ATOM   1072 C CG  . GLU A 1 144 ? 10.961  4.960   -0.743  1.00 16.47 ? 335 GLU A CG  1 
ATOM   1073 C CD  . GLU A 1 144 ? 11.239  3.819   -1.730  1.00 19.03 ? 335 GLU A CD  1 
ATOM   1074 O OE1 . GLU A 1 144 ? 10.929  3.965   -2.939  1.00 17.64 ? 335 GLU A OE1 1 
ATOM   1075 O OE2 . GLU A 1 144 ? 11.763  2.753   -1.299  1.00 20.14 ? 335 GLU A OE2 1 
ATOM   1076 N N   . GLN A 1 145 ? 9.192   9.042   -1.814  1.00 15.49 ? 336 GLN A N   1 
ATOM   1077 C CA  . GLN A 1 145 ? 9.079   10.365  -2.416  1.00 15.96 ? 336 GLN A CA  1 
ATOM   1078 C C   . GLN A 1 145 ? 8.899   11.439  -1.354  1.00 15.62 ? 336 GLN A C   1 
ATOM   1079 O O   . GLN A 1 145 ? 9.529   12.511  -1.429  1.00 16.16 ? 336 GLN A O   1 
ATOM   1080 C CB  . GLN A 1 145 ? 7.936   10.403  -3.433  1.00 15.92 ? 336 GLN A CB  1 
ATOM   1081 C CG  . GLN A 1 145 ? 8.196   9.494   -4.634  1.00 16.71 ? 336 GLN A CG  1 
ATOM   1082 C CD  . GLN A 1 145 ? 7.057   9.574   -5.646  1.00 16.16 ? 336 GLN A CD  1 
ATOM   1083 O OE1 . GLN A 1 145 ? 6.728   10.653  -6.144  1.00 16.68 ? 336 GLN A OE1 1 
ATOM   1084 N NE2 . GLN A 1 145 ? 6.465   8.441   -5.946  1.00 16.97 ? 336 GLN A NE2 1 
ATOM   1085 N N   . ILE A 1 146 ? 8.101   11.133  -0.330  1.00 15.97 ? 337 ILE A N   1 
ATOM   1086 C CA  . ILE A 1 146 ? 7.905   12.090  0.767   1.00 16.96 ? 337 ILE A CA  1 
ATOM   1087 C C   . ILE A 1 146 ? 9.209   12.324  1.569   1.00 16.03 ? 337 ILE A C   1 
ATOM   1088 O O   . ILE A 1 146 ? 9.522   13.467  1.942   1.00 16.10 ? 337 ILE A O   1 
ATOM   1089 C CB  . ILE A 1 146 ? 6.723   11.693  1.680   1.00 16.16 ? 337 ILE A CB  1 
ATOM   1090 C CG1 . ILE A 1 146 ? 5.397   11.945  0.927   1.00 17.20 ? 337 ILE A CG1 1 
ATOM   1091 C CG2 . ILE A 1 146 ? 6.779   12.498  2.997   1.00 17.80 ? 337 ILE A CG2 1 
ATOM   1092 C CD1 . ILE A 1 146 ? 4.139   11.461  1.736   1.00 18.26 ? 337 ILE A CD1 1 
ATOM   1093 N N   . ALA A 1 147 ? 9.978   11.258  1.790   1.00 16.79 ? 338 ALA A N   1 
ATOM   1094 C CA  . ALA A 1 147 ? 11.274  11.374  2.459   1.00 16.58 ? 338 ALA A CA  1 
ATOM   1095 C C   . ALA A 1 147 ? 12.144  12.385  1.731   1.00 16.78 ? 338 ALA A C   1 
ATOM   1096 O O   . ALA A 1 147 ? 12.752  13.268  2.345   1.00 16.64 ? 338 ALA A O   1 
ATOM   1097 C CB  . ALA A 1 147 ? 11.968  9.995   2.509   1.00 17.47 ? 338 ALA A CB  1 
ATOM   1098 N N   . VAL A 1 148 ? 12.218  12.236  0.404   1.00 16.05 ? 339 VAL A N   1 
ATOM   1099 C CA  . VAL A 1 148 ? 13.032  13.161  -0.421  1.00 16.16 ? 339 VAL A CA  1 
ATOM   1100 C C   . VAL A 1 148 ? 12.416  14.555  -0.468  1.00 16.72 ? 339 VAL A C   1 
ATOM   1101 O O   . VAL A 1 148 ? 13.127  15.556  -0.461  1.00 15.89 ? 339 VAL A O   1 
ATOM   1102 C CB  . VAL A 1 148 ? 13.265  12.582  -1.831  1.00 16.08 ? 339 VAL A CB  1 
ATOM   1103 C CG1 . VAL A 1 148 ? 14.113  13.550  -2.706  1.00 15.61 ? 339 VAL A CG1 1 
ATOM   1104 C CG2 . VAL A 1 148 ? 13.953  11.224  -1.730  1.00 15.98 ? 339 VAL A CG2 1 
ATOM   1105 N N   . ALA A 1 149 ? 11.082  14.630  -0.510  1.00 16.09 ? 340 ALA A N   1 
ATOM   1106 C CA  . ALA A 1 149 ? 10.399  15.921  -0.460  1.00 17.03 ? 340 ALA A CA  1 
ATOM   1107 C C   . ALA A 1 149 ? 10.724  16.685  0.832   1.00 16.97 ? 340 ALA A C   1 
ATOM   1108 O O   . ALA A 1 149 ? 10.910  17.897  0.805   1.00 16.80 ? 340 ALA A O   1 
ATOM   1109 C CB  . ALA A 1 149 ? 8.878   15.726  -0.602  1.00 16.89 ? 340 ALA A CB  1 
ATOM   1110 N N   . GLU A 1 150 ? 10.775  15.968  1.960   1.00 17.68 ? 341 GLU A N   1 
ATOM   1111 C CA  . GLU A 1 150 ? 11.130  16.564  3.245   1.00 17.85 ? 341 GLU A CA  1 
ATOM   1112 C C   . GLU A 1 150 ? 12.563  17.080  3.233   1.00 17.41 ? 341 GLU A C   1 
ATOM   1113 O O   . GLU A 1 150 ? 12.823  18.180  3.735   1.00 16.69 ? 341 GLU A O   1 
ATOM   1114 C CB  . GLU A 1 150 ? 10.940  15.548  4.385   1.00 18.09 ? 341 GLU A CB  1 
ATOM   1115 C CG  . GLU A 1 150 ? 9.482   15.348  4.777   1.00 19.81 ? 341 GLU A CG  1 
ATOM   1116 C CD  . GLU A 1 150 ? 8.900   16.470  5.601   1.00 27.04 ? 341 GLU A CD  1 
ATOM   1117 O OE1 . GLU A 1 150 ? 7.648   16.534  5.661   1.00 30.76 ? 341 GLU A OE1 1 
ATOM   1118 O OE2 . GLU A 1 150 ? 9.643   17.270  6.215   1.00 27.52 ? 341 GLU A OE2 1 
ATOM   1119 N N   . VAL A 1 151 ? 13.480  16.305  2.635   1.00 17.08 ? 342 VAL A N   1 
ATOM   1120 C CA  . VAL A 1 151 ? 14.884  16.766  2.509   1.00 17.78 ? 342 VAL A CA  1 
ATOM   1121 C C   . VAL A 1 151 ? 14.921  18.020  1.650   1.00 17.42 ? 342 VAL A C   1 
ATOM   1122 O O   . VAL A 1 151 ? 15.616  18.997  1.959   1.00 17.34 ? 342 VAL A O   1 
ATOM   1123 C CB  . VAL A 1 151 ? 15.786  15.692  1.878   1.00 18.07 ? 342 VAL A CB  1 
ATOM   1124 C CG1 . VAL A 1 151 ? 17.134  16.306  1.461   1.00 19.09 ? 342 VAL A CG1 1 
ATOM   1125 C CG2 . VAL A 1 151 ? 15.977  14.511  2.843   1.00 17.82 ? 342 VAL A CG2 1 
ATOM   1126 N N   . THR A 1 152 ? 14.160  17.985  0.555   1.00 17.51 ? 343 THR A N   1 
ATOM   1127 C CA  . THR A 1 152 ? 14.120  19.129  -0.369  1.00 17.86 ? 343 THR A CA  1 
ATOM   1128 C C   . THR A 1 152 ? 13.611  20.378  0.330   1.00 18.65 ? 343 THR A C   1 
ATOM   1129 O O   . THR A 1 152 ? 14.208  21.461  0.214   1.00 19.62 ? 343 THR A O   1 
ATOM   1130 C CB  . THR A 1 152 ? 13.281  18.813  -1.639  1.00 17.45 ? 343 THR A CB  1 
ATOM   1131 O OG1 . THR A 1 152 ? 13.789  17.625  -2.238  1.00 16.54 ? 343 THR A OG1 1 
ATOM   1132 C CG2 . THR A 1 152 ? 13.342  19.977  -2.658  1.00 17.14 ? 343 THR A CG2 1 
ATOM   1133 N N   . ARG A 1 153 ? 12.542  20.224  1.096   1.00 19.27 ? 344 ARG A N   1 
ATOM   1134 C CA  . ARG A 1 153 ? 11.940  21.344  1.837   1.00 20.65 ? 344 ARG A CA  1 
ATOM   1135 C C   . ARG A 1 153 ? 12.948  21.895  2.859   1.00 20.06 ? 344 ARG A C   1 
ATOM   1136 O O   . ARG A 1 153 ? 13.179  23.132  2.941   1.00 19.30 ? 344 ARG A O   1 
ATOM   1137 C CB  . ARG A 1 153 ? 10.672  20.826  2.529   1.00 21.02 ? 344 ARG A CB  1 
ATOM   1138 C CG  . ARG A 1 153 ? 9.738   21.865  3.116   1.00 27.16 ? 344 ARG A CG  1 
ATOM   1139 C CD  . ARG A 1 153 ? 9.578   21.544  4.586   1.00 32.16 ? 344 ARG A CD  1 
ATOM   1140 N NE  . ARG A 1 153 ? 10.314  22.559  5.334   1.00 38.55 ? 344 ARG A NE  1 
ATOM   1141 C CZ  . ARG A 1 153 ? 11.038  22.362  6.428   1.00 37.50 ? 344 ARG A CZ  1 
ATOM   1142 N NH1 . ARG A 1 153 ? 11.198  21.155  6.951   1.00 40.27 ? 344 ARG A NH1 1 
ATOM   1143 N NH2 . ARG A 1 153 ? 11.629  23.405  6.979   1.00 41.20 ? 344 ARG A NH2 1 
ATOM   1144 N N   . LEU A 1 154 ? 13.582  21.004  3.623   1.00 19.92 ? 345 LEU A N   1 
ATOM   1145 C CA  . LEU A 1 154 ? 14.547  21.480  4.640   1.00 19.98 ? 345 LEU A CA  1 
ATOM   1146 C C   . LEU A 1 154 ? 15.697  22.261  3.973   1.00 20.00 ? 345 LEU A C   1 
ATOM   1147 O O   . LEU A 1 154 ? 16.086  23.344  4.431   1.00 19.75 ? 345 LEU A O   1 
ATOM   1148 C CB  . LEU A 1 154 ? 15.074  20.291  5.473   1.00 20.38 ? 345 LEU A CB  1 
ATOM   1149 C CG  . LEU A 1 154 ? 15.874  20.569  6.761   1.00 21.90 ? 345 LEU A CG  1 
ATOM   1150 C CD1 . LEU A 1 154 ? 15.873  19.361  7.710   1.00 24.32 ? 345 LEU A CD1 1 
ATOM   1151 C CD2 . LEU A 1 154 ? 17.298  20.923  6.457   1.00 27.00 ? 345 LEU A CD2 1 
ATOM   1152 N N   . ARG A 1 155 ? 16.241  21.707  2.894   1.00 20.29 ? 346 ARG A N   1 
ATOM   1153 C CA  . ARG A 1 155 ? 17.418  22.277  2.240   1.00 21.53 ? 346 ARG A CA  1 
ATOM   1154 C C   . ARG A 1 155 ? 17.128  23.488  1.339   1.00 23.09 ? 346 ARG A C   1 
ATOM   1155 O O   . ARG A 1 155 ? 17.947  24.411  1.247   1.00 22.09 ? 346 ARG A O   1 
ATOM   1156 C CB  . ARG A 1 155 ? 18.120  21.200  1.395   1.00 20.67 ? 346 ARG A CB  1 
ATOM   1157 C CG  . ARG A 1 155 ? 18.718  20.085  2.239   1.00 20.91 ? 346 ARG A CG  1 
ATOM   1158 C CD  . ARG A 1 155 ? 19.411  18.946  1.441   1.00 22.75 ? 346 ARG A CD  1 
ATOM   1159 N NE  . ARG A 1 155 ? 20.201  19.288  0.246   1.00 30.80 ? 346 ARG A NE  1 
ATOM   1160 C CZ  . ARG A 1 155 ? 20.936  20.367  0.107   1.00 31.10 ? 346 ARG A CZ  1 
ATOM   1161 N NH1 . ARG A 1 155 ? 20.964  21.232  1.099   1.00 39.78 ? 346 ARG A NH1 1 
ATOM   1162 N NH2 . ARG A 1 155 ? 21.641  20.605  -1.002  1.00 27.98 ? 346 ARG A NH2 1 
ATOM   1163 N N   . GLN A 1 156 ? 15.971  23.479  0.666   1.00 23.60 ? 347 GLN A N   1 
ATOM   1164 C CA  . GLN A 1 156 ? 15.725  24.439  -0.415  1.00 25.39 ? 347 GLN A CA  1 
ATOM   1165 C C   . GLN A 1 156 ? 14.432  25.250  -0.256  1.00 25.16 ? 347 GLN A C   1 
ATOM   1166 O O   . GLN A 1 156 ? 14.256  26.285  -0.924  1.00 26.32 ? 347 GLN A O   1 
ATOM   1167 C CB  . GLN A 1 156 ? 15.755  23.699  -1.774  1.00 24.99 ? 347 GLN A CB  1 
ATOM   1168 C CG  . GLN A 1 156 ? 17.125  23.015  -2.040  1.00 28.63 ? 347 GLN A CG  1 
ATOM   1169 C CD  . GLN A 1 156 ? 17.226  22.190  -3.335  1.00 28.33 ? 347 GLN A CD  1 
ATOM   1170 O OE1 . GLN A 1 156 ? 16.253  21.629  -3.823  1.00 30.46 ? 347 GLN A OE1 1 
ATOM   1171 N NE2 . GLN A 1 156 ? 18.449  22.089  -3.866  1.00 34.46 ? 347 GLN A NE2 1 
ATOM   1172 N N   . GLY A 1 157 ? 13.524  24.790  0.595   1.00 24.72 ? 348 GLY A N   1 
ATOM   1173 C CA  . GLY A 1 157 ? 12.232  25.460  0.765   1.00 25.12 ? 348 GLY A CA  1 
ATOM   1174 C C   . GLY A 1 157 ? 11.130  24.909  -0.136  1.00 25.03 ? 348 GLY A C   1 
ATOM   1175 O O   . GLY A 1 157 ? 11.197  23.766  -0.616  1.00 23.84 ? 348 GLY A O   1 
ATOM   1176 N N   . TRP A 1 158 ? 10.099  25.726  -0.366  1.00 24.99 ? 349 TRP A N   1 
ATOM   1177 C CA  . TRP A 1 158 ? 8.896   25.258  -1.047  1.00 25.23 ? 349 TRP A CA  1 
ATOM   1178 C C   . TRP A 1 158 ? 8.907   25.589  -2.542  1.00 25.77 ? 349 TRP A C   1 
ATOM   1179 O O   . TRP A 1 158 ? 7.928   25.292  -3.236  1.00 25.49 ? 349 TRP A O   1 
ATOM   1180 C CB  . TRP A 1 158 ? 7.636   25.873  -0.421  1.00 24.91 ? 349 TRP A CB  1 
ATOM   1181 C CG  . TRP A 1 158 ? 7.355   25.409  0.969   1.00 24.32 ? 349 TRP A CG  1 
ATOM   1182 C CD1 . TRP A 1 158 ? 7.512   26.143  2.122   1.00 23.79 ? 349 TRP A CD1 1 
ATOM   1183 C CD2 . TRP A 1 158 ? 6.863   24.128  1.372   1.00 22.61 ? 349 TRP A CD2 1 
ATOM   1184 N NE1 . TRP A 1 158 ? 7.151   25.393  3.205   1.00 24.47 ? 349 TRP A NE1 1 
ATOM   1185 C CE2 . TRP A 1 158 ? 6.748   24.155  2.786   1.00 24.69 ? 349 TRP A CE2 1 
ATOM   1186 C CE3 . TRP A 1 158 ? 6.494   22.963  0.684   1.00 23.87 ? 349 TRP A CE3 1 
ATOM   1187 C CZ2 . TRP A 1 158 ? 6.282   23.068  3.518   1.00 24.92 ? 349 TRP A CZ2 1 
ATOM   1188 C CZ3 . TRP A 1 158 ? 6.037   21.883  1.411   1.00 24.56 ? 349 TRP A CZ3 1 
ATOM   1189 C CH2 . TRP A 1 158 ? 5.940   21.938  2.821   1.00 26.18 ? 349 TRP A CH2 1 
ATOM   1190 N N   . GLY A 1 159 ? 10.005  26.195  -3.011  1.00 25.86 ? 350 GLY A N   1 
ATOM   1191 C CA  . GLY A 1 159 ? 10.136  26.670  -4.402  1.00 25.60 ? 350 GLY A CA  1 
ATOM   1192 C C   . GLY A 1 159 ? 9.880   25.661  -5.504  1.00 25.24 ? 350 GLY A C   1 
ATOM   1193 O O   . GLY A 1 159 ? 9.485   26.041  -6.622  1.00 25.96 ? 350 GLY A O   1 
ATOM   1194 N N   . ALA A 1 160 ? 10.100  24.379  -5.216  1.00 24.15 ? 351 ALA A N   1 
ATOM   1195 C CA  . ALA A 1 160 ? 9.810   23.303  -6.171  1.00 24.35 ? 351 ALA A CA  1 
ATOM   1196 C C   . ALA A 1 160 ? 8.307   23.187  -6.486  1.00 23.87 ? 351 ALA A C   1 
ATOM   1197 O O   . ALA A 1 160 ? 7.930   22.597  -7.496  1.00 23.86 ? 351 ALA A O   1 
ATOM   1198 C CB  . ALA A 1 160 ? 10.347  21.966  -5.652  1.00 23.81 ? 351 ALA A CB  1 
ATOM   1199 N N   . TRP A 1 161 ? 7.458   23.757  -5.621  1.00 23.19 ? 352 TRP A N   1 
ATOM   1200 C CA  . TRP A 1 161 ? 6.008   23.628  -5.787  1.00 23.57 ? 352 TRP A CA  1 
ATOM   1201 C C   . TRP A 1 161 ? 5.401   25.028  -5.714  1.00 24.09 ? 352 TRP A C   1 
ATOM   1202 O O   . TRP A 1 161 ? 4.714   25.351  -4.754  1.00 24.33 ? 352 TRP A O   1 
ATOM   1203 C CB  . TRP A 1 161 ? 5.418   22.654  -4.728  1.00 22.83 ? 352 TRP A CB  1 
ATOM   1204 C CG  . TRP A 1 161 ? 6.191   21.335  -4.684  1.00 22.45 ? 352 TRP A CG  1 
ATOM   1205 C CD1 . TRP A 1 161 ? 6.040   20.269  -5.529  1.00 21.30 ? 352 TRP A CD1 1 
ATOM   1206 C CD2 . TRP A 1 161 ? 7.291   21.007  -3.820  1.00 22.63 ? 352 TRP A CD2 1 
ATOM   1207 N NE1 . TRP A 1 161 ? 6.960   19.285  -5.228  1.00 21.46 ? 352 TRP A NE1 1 
ATOM   1208 C CE2 . TRP A 1 161 ? 7.727   19.705  -4.172  1.00 23.39 ? 352 TRP A CE2 1 
ATOM   1209 C CE3 . TRP A 1 161 ? 7.933   21.672  -2.758  1.00 24.59 ? 352 TRP A CE3 1 
ATOM   1210 C CZ2 . TRP A 1 161 ? 8.787   19.055  -3.507  1.00 22.69 ? 352 TRP A CZ2 1 
ATOM   1211 C CZ3 . TRP A 1 161 ? 8.992   21.017  -2.085  1.00 22.90 ? 352 TRP A CZ3 1 
ATOM   1212 C CH2 . TRP A 1 161 ? 9.404   19.721  -2.469  1.00 23.10 ? 352 TRP A CH2 1 
ATOM   1213 N N   . PRO A 1 162 ? 5.659   25.869  -6.737  1.00 25.23 ? 353 PRO A N   1 
ATOM   1214 C CA  . PRO A 1 162 ? 5.322   27.287  -6.672  1.00 26.17 ? 353 PRO A CA  1 
ATOM   1215 C C   . PRO A 1 162 ? 3.815   27.583  -6.743  1.00 26.79 ? 353 PRO A C   1 
ATOM   1216 O O   . PRO A 1 162 ? 3.420   28.719  -6.582  1.00 27.94 ? 353 PRO A O   1 
ATOM   1217 C CB  . PRO A 1 162 ? 6.020   27.858  -7.910  1.00 26.47 ? 353 PRO A CB  1 
ATOM   1218 C CG  . PRO A 1 162 ? 6.000   26.762  -8.880  1.00 25.61 ? 353 PRO A CG  1 
ATOM   1219 C CD  . PRO A 1 162 ? 6.268   25.527  -8.039  1.00 25.75 ? 353 PRO A CD  1 
ATOM   1220 N N   . VAL A 1 163 ? 2.991   26.574  -7.002  1.00 26.68 ? 354 VAL A N   1 
ATOM   1221 C CA  . VAL A 1 163 ? 1.525   26.743  -6.964  1.00 26.43 ? 354 VAL A CA  1 
ATOM   1222 C C   . VAL A 1 163 ? 0.913   25.848  -5.881  1.00 25.93 ? 354 VAL A C   1 
ATOM   1223 O O   . VAL A 1 163 ? 0.139   26.308  -5.027  1.00 25.91 ? 354 VAL A O   1 
ATOM   1224 C CB  . VAL A 1 163 ? 0.879   26.430  -8.348  1.00 26.19 ? 354 VAL A CB  1 
ATOM   1225 C CG1 . VAL A 1 163 ? -0.669  26.433  -8.247  1.00 26.86 ? 354 VAL A CG1 1 
ATOM   1226 C CG2 . VAL A 1 163 ? 1.355   27.417  -9.395  1.00 27.33 ? 354 VAL A CG2 1 
ATOM   1227 N N   . CYS A 1 164 ? 1.298   24.578  -5.889  1.00 25.26 ? 355 CYS A N   1 
ATOM   1228 C CA  . CYS A 1 164 ? 0.625   23.584  -5.056  1.00 24.75 ? 355 CYS A CA  1 
ATOM   1229 C C   . CYS A 1 164 ? 0.896   23.687  -3.559  1.00 25.22 ? 355 CYS A C   1 
ATOM   1230 O O   . CYS A 1 164 ? 0.031   23.320  -2.751  1.00 24.64 ? 355 CYS A O   1 
ATOM   1231 C CB  . CYS A 1 164 ? 0.896   22.174  -5.587  1.00 24.46 ? 355 CYS A CB  1 
ATOM   1232 S SG  . CYS A 1 164 ? 0.113   21.968  -7.221  1.00 25.18 ? 355 CYS A SG  1 
ATOM   1233 N N   . ALA A 1 165 ? 2.078   24.176  -3.185  1.00 25.47 ? 356 ALA A N   1 
ATOM   1234 C CA  . ALA A 1 165 ? 2.446   24.222  -1.761  1.00 26.12 ? 356 ALA A CA  1 
ATOM   1235 C C   . ALA A 1 165 ? 1.554   25.250  -1.036  1.00 26.61 ? 356 ALA A C   1 
ATOM   1236 O O   . ALA A 1 165 ? 0.949   24.936  -0.009  1.00 26.01 ? 356 ALA A O   1 
ATOM   1237 C CB  . ALA A 1 165 ? 3.934   24.558  -1.597  1.00 25.96 ? 356 ALA A CB  1 
ATOM   1238 N N   . ALA A 1 166 ? 1.447   26.449  -1.610  1.00 27.92 ? 357 ALA A N   1 
ATOM   1239 C CA  . ALA A 1 166 ? 0.560   27.497  -1.075  1.00 29.50 ? 357 ALA A CA  1 
ATOM   1240 C C   . ALA A 1 166 ? -0.891  27.038  -1.091  1.00 30.59 ? 357 ALA A C   1 
ATOM   1241 O O   . ALA A 1 166 ? -1.635  27.253  -0.123  1.00 31.19 ? 357 ALA A O   1 
ATOM   1242 C CB  . ALA A 1 166 ? 0.726   28.795  -1.855  1.00 29.77 ? 357 ALA A CB  1 
ATOM   1243 N N   . ARG A 1 167 ? -1.295  26.379  -2.174  1.00 30.44 ? 358 ARG A N   1 
ATOM   1244 C CA  . ARG A 1 167 ? -2.655  25.863  -2.275  1.00 31.17 ? 358 ARG A CA  1 
ATOM   1245 C C   . ARG A 1 167 ? -2.935  24.868  -1.144  1.00 31.59 ? 358 ARG A C   1 
ATOM   1246 O O   . ARG A 1 167 ? -4.042  24.826  -0.584  1.00 30.66 ? 358 ARG A O   1 
ATOM   1247 C CB  . ARG A 1 167 ? -2.859  25.215  -3.649  1.00 31.32 ? 358 ARG A CB  1 
ATOM   1248 C CG  . ARG A 1 167 ? -4.297  25.133  -4.098  1.00 32.31 ? 358 ARG A CG  1 
ATOM   1249 C CD  . ARG A 1 167 ? -4.391  24.809  -5.587  1.00 32.02 ? 358 ARG A CD  1 
ATOM   1250 N NE  . ARG A 1 167 ? -4.301  25.990  -6.437  1.00 32.55 ? 358 ARG A NE  1 
ATOM   1251 C CZ  . ARG A 1 167 ? -4.256  25.952  -7.767  1.00 31.74 ? 358 ARG A CZ  1 
ATOM   1252 N NH1 . ARG A 1 167 ? -4.289  24.793  -8.396  1.00 31.87 ? 358 ARG A NH1 1 
ATOM   1253 N NH2 . ARG A 1 167 ? -4.184  27.070  -8.469  1.00 33.68 ? 358 ARG A NH2 1 
ATOM   1254 N N   . ALA A 1 168 ? -1.909  24.096  -0.785  1.00 31.71 ? 359 ALA A N   1 
ATOM   1255 C CA  . ALA A 1 168 ? -2.023  23.073  0.252   1.00 32.85 ? 359 ALA A CA  1 
ATOM   1256 C C   . ALA A 1 168 ? -1.893  23.632  1.667   1.00 34.07 ? 359 ALA A C   1 
ATOM   1257 O O   . ALA A 1 168 ? -2.006  22.883  2.639   1.00 34.41 ? 359 ALA A O   1 
ATOM   1258 C CB  . ALA A 1 168 ? -0.992  21.963  0.017   1.00 32.30 ? 359 ALA A CB  1 
ATOM   1259 N N   . GLY A 1 169 ? -1.627  24.931  1.779   1.00 35.49 ? 360 GLY A N   1 
ATOM   1260 C CA  . GLY A 1 169 ? -1.517  25.600  3.072   1.00 37.77 ? 360 GLY A CA  1 
ATOM   1261 C C   . GLY A 1 169 ? -0.146  25.502  3.712   1.00 39.61 ? 360 GLY A C   1 
ATOM   1262 O O   . GLY A 1 169 ? -0.029  25.495  4.942   1.00 39.97 ? 360 GLY A O   1 
ATOM   1263 N N   . ALA A 1 170 ? 0.890   25.441  2.875   1.00 40.93 ? 361 ALA A N   1 
ATOM   1264 C CA  . ALA A 1 170 ? 2.275   25.280  3.317   1.00 42.80 ? 361 ALA A CA  1 
ATOM   1265 C C   . ALA A 1 170 ? 2.806   26.511  4.028   1.00 44.21 ? 361 ALA A C   1 
ATOM   1266 O O   . ALA A 1 170 ? 2.498   27.644  3.625   1.00 44.50 ? 361 ALA A O   1 
ATOM   1267 C CB  . ALA A 1 170 ? 3.172   24.953  2.122   1.00 42.66 ? 361 ALA A CB  1 
ATOM   1268 N N   . ARG A 1 171 ? 3.616   26.266  5.066   1.00 45.46 ? 362 ARG A N   1 
ATOM   1269 C CA  . ARG A 1 171 ? 4.337   27.295  5.849   1.00 46.87 ? 362 ARG A CA  1 
ATOM   1270 C C   . ARG A 1 171 ? 4.283   28.709  5.248   1.00 47.53 ? 362 ARG A C   1 
ATOM   1271 O O   . ARG A 1 171 ? 4.653   29.702  5.903   1.00 48.90 ? 362 ARG A O   1 
ATOM   1272 C CB  . ARG A 1 171 ? 5.808   26.889  6.082   1.00 46.24 ? 362 ARG A CB  1 
ATOM   1273 C CG  . ARG A 1 171 ? 6.037   25.394  6.340   1.00 46.98 ? 362 ARG A CG  1 
ATOM   1274 C CD  . ARG A 1 171 ? 7.519   25.062  6.675   1.00 47.29 ? 362 ARG A CD  1 
HETATM 1275 O O   . HOH B 2 .   ? -31.976 -8.445  12.731  1.00 21.52 ? 363 HOH A O   1 
HETATM 1276 O O   . HOH B 2 .   ? 7.201   13.161  -7.060  1.00 16.95 ? 364 HOH A O   1 
HETATM 1277 O O   . HOH B 2 .   ? 18.332  4.554   -7.836  1.00 19.30 ? 365 HOH A O   1 
HETATM 1278 O O   . HOH B 2 .   ? 11.609  19.585  -8.488  1.00 19.59 ? 366 HOH A O   1 
HETATM 1279 O O   . HOH B 2 .   ? 20.343  11.134  -5.015  1.00 18.07 ? 367 HOH A O   1 
HETATM 1280 O O   . HOH B 2 .   ? 13.615  16.656  -15.193 1.00 20.87 ? 368 HOH A O   1 
HETATM 1281 O O   . HOH B 2 .   ? 17.478  1.569   -4.277  1.00 21.04 ? 369 HOH A O   1 
HETATM 1282 O O   . HOH B 2 .   ? 4.792   13.676  -15.089 1.00 19.04 ? 370 HOH A O   1 
HETATM 1283 O O   . HOH B 2 .   ? 12.867  12.197  -10.854 1.00 18.29 ? 371 HOH A O   1 
HETATM 1284 O O   . HOH B 2 .   ? 10.960  1.799   -4.541  1.00 23.67 ? 372 HOH A O   1 
HETATM 1285 O O   . HOH B 2 .   ? -1.707  10.480  -1.516  1.00 28.42 ? 373 HOH A O   1 
HETATM 1286 O O   . HOH B 2 .   ? 12.938  1.460   0.796   1.00 25.34 ? 374 HOH A O   1 
HETATM 1287 O O   . HOH B 2 .   ? -38.315 -12.211 8.072   1.00 25.96 ? 375 HOH A O   1 
HETATM 1288 O O   . HOH B 2 .   ? 18.888  -9.733  3.333   1.00 30.20 ? 376 HOH A O   1 
HETATM 1289 O O   . HOH B 2 .   ? 6.090   5.492   -13.478 1.00 25.20 ? 377 HOH A O   1 
HETATM 1290 O O   . HOH B 2 .   ? 7.004   2.866   1.127   1.00 19.41 ? 378 HOH A O   1 
HETATM 1291 O O   . HOH B 2 .   ? 8.883   9.137   4.501   1.00 22.59 ? 379 HOH A O   1 
HETATM 1292 O O   . HOH B 2 .   ? 2.058   16.397  -18.377 1.00 25.35 ? 380 HOH A O   1 
HETATM 1293 O O   . HOH B 2 .   ? 13.877  22.463  -7.141  1.00 35.98 ? 381 HOH A O   1 
HETATM 1294 O O   . HOH B 2 .   ? 14.780  11.387  -15.528 1.00 26.06 ? 382 HOH A O   1 
HETATM 1295 O O   . HOH B 2 .   ? 20.502  -0.740  6.236   1.00 26.47 ? 383 HOH A O   1 
HETATM 1296 O O   . HOH B 2 .   ? 13.933  14.766  -17.132 1.00 30.97 ? 384 HOH A O   1 
HETATM 1297 O O   . HOH B 2 .   ? 3.331   23.872  -7.904  1.00 24.13 ? 385 HOH A O   1 
HETATM 1298 O O   . HOH B 2 .   ? 22.195  20.530  -3.844  1.00 33.72 ? 386 HOH A O   1 
HETATM 1299 O O   . HOH B 2 .   ? 17.412  2.198   -7.047  1.00 28.03 ? 387 HOH A O   1 
HETATM 1300 O O   . HOH B 2 .   ? 7.811   12.787  -16.902 1.00 27.65 ? 388 HOH A O   1 
HETATM 1301 O O   . HOH B 2 .   ? -2.712  12.875  -3.002  1.00 27.93 ? 389 HOH A O   1 
HETATM 1302 O O   . HOH B 2 .   ? 13.569  -2.048  -5.229  1.00 27.22 ? 390 HOH A O   1 
HETATM 1303 O O   . HOH B 2 .   ? 1.245   19.611  -11.725 1.00 36.30 ? 391 HOH A O   1 
HETATM 1304 O O   . HOH B 2 .   ? 5.601   -3.257  -2.120  1.00 33.09 ? 392 HOH A O   1 
HETATM 1305 O O   . HOH B 2 .   ? 18.383  24.716  4.621   1.00 28.17 ? 393 HOH A O   1 
HETATM 1306 O O   . HOH B 2 .   ? 9.865   13.563  -18.557 1.00 29.99 ? 394 HOH A O   1 
HETATM 1307 O O   . HOH B 2 .   ? 19.715  -5.498  5.095   1.00 28.23 ? 395 HOH A O   1 
HETATM 1308 O O   . HOH B 2 .   ? 11.775  19.846  -15.508 1.00 26.71 ? 396 HOH A O   1 
HETATM 1309 O O   . HOH B 2 .   ? -35.266 -13.819 16.793  1.00 29.46 ? 397 HOH A O   1 
HETATM 1310 O O   . HOH B 2 .   ? 16.717  -1.576  -5.380  1.00 31.91 ? 398 HOH A O   1 
HETATM 1311 O O   . HOH B 2 .   ? 7.129   20.638  -19.088 1.00 23.95 ? 399 HOH A O   1 
HETATM 1312 O O   . HOH B 2 .   ? 13.446  13.019  4.961   1.00 27.83 ? 400 HOH A O   1 
HETATM 1313 O O   . HOH B 2 .   ? 9.092   20.466  -8.762  1.00 33.55 ? 401 HOH A O   1 
HETATM 1314 O O   . HOH B 2 .   ? 21.086  17.409  -9.176  1.00 23.14 ? 402 HOH A O   1 
HETATM 1315 O O   . HOH B 2 .   ? 5.537   5.098   -7.648  1.00 27.10 ? 403 HOH A O   1 
HETATM 1316 O O   . HOH B 2 .   ? 3.485   4.256   -3.434  1.00 31.38 ? 404 HOH A O   1 
HETATM 1317 O O   . HOH B 2 .   ? -0.506  -21.808 3.848   1.00 28.26 ? 405 HOH A O   1 
HETATM 1318 O O   . HOH B 2 .   ? 15.197  -15.086 3.584   1.00 33.05 ? 406 HOH A O   1 
HETATM 1319 O O   . HOH B 2 .   ? 16.310  18.597  -13.731 1.00 26.24 ? 407 HOH A O   1 
HETATM 1320 O O   . HOH B 2 .   ? 14.025  22.791  -4.555  1.00 25.16 ? 408 HOH A O   1 
HETATM 1321 O O   . HOH B 2 .   ? 12.332  27.668  -2.175  1.00 32.80 ? 409 HOH A O   1 
HETATM 1322 O O   . HOH B 2 .   ? 1.870   8.381   -16.135 1.00 33.49 ? 410 HOH A O   1 
HETATM 1323 O O   . HOH B 2 .   ? 9.759   22.881  -9.963  1.00 34.57 ? 411 HOH A O   1 
HETATM 1324 O O   . HOH B 2 .   ? 11.925  23.658  -3.303  1.00 28.22 ? 412 HOH A O   1 
HETATM 1325 O O   . HOH B 2 .   ? -36.092 -15.548 18.922  1.00 39.97 ? 413 HOH A O   1 
HETATM 1326 O O   . HOH B 2 .   ? 20.111  4.727   -9.760  1.00 31.97 ? 414 HOH A O   1 
HETATM 1327 O O   . HOH B 2 .   ? -33.129 -20.719 13.648  1.00 32.20 ? 415 HOH A O   1 
HETATM 1328 O O   . HOH B 2 .   ? 3.234   27.371  -3.648  1.00 29.49 ? 416 HOH A O   1 
HETATM 1329 O O   . HOH B 2 .   ? 8.241   -16.413 6.424   1.00 39.05 ? 417 HOH A O   1 
HETATM 1330 O O   . HOH B 2 .   ? 12.082  1.238   6.151   1.00 36.38 ? 418 HOH A O   1 
HETATM 1331 O O   . HOH B 2 .   ? 20.808  -3.444  6.517   1.00 33.39 ? 419 HOH A O   1 
HETATM 1332 O O   . HOH B 2 .   ? -0.088  22.251  -11.607 1.00 52.66 ? 420 HOH A O   1 
HETATM 1333 O O   . HOH B 2 .   ? -24.099 -9.384  6.906   1.00 36.71 ? 421 HOH A O   1 
HETATM 1334 O O   . HOH B 2 .   ? -14.462 -19.186 13.178  1.00 48.03 ? 422 HOH A O   1 
HETATM 1335 O O   . HOH B 2 .   ? -5.075  28.591  -4.949  1.00 38.24 ? 423 HOH A O   1 
HETATM 1336 O O   . HOH B 2 .   ? 6.391   2.358   -7.870  1.00 41.62 ? 424 HOH A O   1 
HETATM 1337 O O   . HOH B 2 .   ? 20.303  12.603  -14.356 1.00 41.90 ? 425 HOH A O   1 
HETATM 1338 O O   . HOH B 2 .   ? -0.354  6.359   -6.560  1.00 28.41 ? 426 HOH A O   1 
HETATM 1339 O O   . HOH B 2 .   ? 12.627  21.877  -14.083 1.00 34.94 ? 427 HOH A O   1 
HETATM 1340 O O   . HOH B 2 .   ? -5.202  22.331  -7.134  1.00 36.44 ? 428 HOH A O   1 
HETATM 1341 O O   . HOH B 2 .   ? -37.919 -20.310 14.641  1.00 32.73 ? 429 HOH A O   1 
HETATM 1342 O O   . HOH B 2 .   ? 6.641   13.523  6.387   1.00 49.23 ? 430 HOH A O   1 
HETATM 1343 O O   . HOH B 2 .   ? 8.047   2.607   3.556   1.00 35.23 ? 431 HOH A O   1 
HETATM 1344 O O   . HOH B 2 .   ? -2.891  29.321  -3.399  1.00 36.43 ? 432 HOH A O   1 
HETATM 1345 O O   . HOH B 2 .   ? 5.805   0.449   0.659   1.00 29.37 ? 433 HOH A O   1 
HETATM 1346 O O   . HOH B 2 .   ? 10.933  8.675   -18.064 1.00 41.76 ? 434 HOH A O   1 
HETATM 1347 O O   . HOH B 2 .   ? 20.447  2.629   -2.413  1.00 27.03 ? 435 HOH A O   1 
HETATM 1348 O O   . HOH B 2 .   ? -33.538 -5.265  15.488  1.00 29.11 ? 436 HOH A O   1 
HETATM 1349 O O   . HOH B 2 .   ? -10.209 -23.148 8.826   1.00 34.61 ? 437 HOH A O   1 
HETATM 1350 O O   . HOH B 2 .   ? 9.018   11.528  5.955   1.00 24.72 ? 438 HOH A O   1 
HETATM 1351 O O   . HOH B 2 .   ? 4.887   6.661   7.136   1.00 40.39 ? 439 HOH A O   1 
HETATM 1352 O O   . HOH B 2 .   ? 18.401  8.153   -12.804 1.00 32.74 ? 440 HOH A O   1 
HETATM 1353 O O   . HOH B 2 .   ? 6.890   19.988  5.915   1.00 46.39 ? 441 HOH A O   1 
HETATM 1354 O O   . HOH B 2 .   ? 3.437   -14.403 -8.795  1.00 29.21 ? 442 HOH A O   1 
HETATM 1355 O O   . HOH B 2 .   ? 15.503  -13.062 -2.856  1.00 37.19 ? 443 HOH A O   1 
HETATM 1356 O O   . HOH B 2 .   ? -2.927  -17.388 -4.074  1.00 30.71 ? 444 HOH A O   1 
HETATM 1357 O O   . HOH B 2 .   ? 3.844   -16.779 -10.237 1.00 33.13 ? 445 HOH A O   1 
HETATM 1358 O O   . HOH B 2 .   ? 0.554   6.320   -14.164 1.00 31.94 ? 446 HOH A O   1 
HETATM 1359 O O   . HOH B 2 .   ? 14.130  16.133  6.159   1.00 33.34 ? 447 HOH A O   1 
HETATM 1360 O O   . HOH B 2 .   ? 9.081   10.158  -19.372 1.00 41.68 ? 448 HOH A O   1 
HETATM 1361 O O   . HOH B 2 .   ? 8.827   14.319  -23.556 1.00 38.41 ? 449 HOH A O   1 
HETATM 1362 O O   . HOH B 2 .   ? 11.272  12.855  6.696   1.00 30.88 ? 450 HOH A O   1 
HETATM 1363 O O   . HOH B 2 .   ? 10.265  28.196  1.111   1.00 40.84 ? 451 HOH A O   1 
HETATM 1364 O O   . HOH B 2 .   ? 6.827   21.955  7.306   1.00 44.58 ? 452 HOH A O   1 
HETATM 1365 O O   . HOH B 2 .   ? -3.591  -24.110 4.996   1.00 41.22 ? 453 HOH A O   1 
HETATM 1366 O O   . HOH B 2 .   ? -10.079 -22.389 -2.566  1.00 37.46 ? 454 HOH A O   1 
HETATM 1367 O O   . HOH B 2 .   ? 10.473  23.808  -12.957 1.00 37.49 ? 455 HOH A O   1 
HETATM 1368 O O   . HOH B 2 .   ? -5.191  12.897  -3.655  1.00 36.72 ? 456 HOH A O   1 
HETATM 1369 O O   . HOH B 2 .   ? -3.447  -21.362 5.247   1.00 42.11 ? 457 HOH A O   1 
HETATM 1370 O O   . HOH B 2 .   ? 3.157   2.905   -0.576  1.00 41.18 ? 458 HOH A O   1 
HETATM 1371 O O   . HOH B 2 .   ? -35.879 -13.516 6.635   1.00 42.36 ? 459 HOH A O   1 
HETATM 1372 O O   . HOH B 2 .   ? 3.480   24.771  -10.291 1.00 38.34 ? 460 HOH A O   1 
HETATM 1373 O O   . HOH B 2 .   ? -8.999  -17.440 -3.046  1.00 38.28 ? 461 HOH A O   1 
HETATM 1374 O O   . HOH B 2 .   ? 15.544  6.774   -15.908 1.00 35.25 ? 462 HOH A O   1 
HETATM 1375 O O   . HOH B 2 .   ? -0.805  -15.751 -9.891  1.00 33.27 ? 463 HOH A O   1 
HETATM 1376 O O   . HOH B 2 .   ? 8.218   -5.949  4.066   1.00 41.89 ? 464 HOH A O   1 
HETATM 1377 O O   . HOH B 2 .   ? 20.407  26.362  3.620   1.00 35.13 ? 465 HOH A O   1 
HETATM 1378 O O   . HOH B 2 .   ? 21.432  16.154  -11.371 1.00 46.47 ? 466 HOH A O   1 
HETATM 1379 O O   . HOH B 2 .   ? 23.002  -1.143  -0.213  1.00 44.81 ? 467 HOH A O   1 
HETATM 1380 O O   . HOH B 2 .   ? 6.367   5.204   -16.222 1.00 34.15 ? 468 HOH A O   1 
HETATM 1381 O O   . HOH B 2 .   ? 13.309  10.189  -17.854 1.00 40.87 ? 469 HOH A O   1 
HETATM 1382 O O   . HOH B 2 .   ? 6.067   3.007   -12.400 1.00 34.47 ? 470 HOH A O   1 
HETATM 1383 O O   . HOH B 2 .   ? -38.949 -18.418 21.287  1.00 49.35 ? 471 HOH A O   1 
HETATM 1384 O O   . HOH B 2 .   ? -2.155  -17.215 9.447   1.00 47.23 ? 472 HOH A O   1 
HETATM 1385 O O   . HOH B 2 .   ? 19.730  15.647  -13.281 1.00 41.39 ? 473 HOH A O   1 
HETATM 1386 O O   . HOH B 2 .   ? -16.489 -14.932 15.602  1.00 42.10 ? 474 HOH A O   1 
HETATM 1387 O O   . HOH B 2 .   ? -30.290 -22.760 12.347  1.00 36.73 ? 475 HOH A O   1 
HETATM 1388 O O   . HOH B 2 .   ? 6.600   27.881  -3.514  1.00 35.25 ? 476 HOH A O   1 
HETATM 1389 O O   . HOH B 2 .   ? -0.816  28.865  -5.225  1.00 31.15 ? 477 HOH A O   1 
HETATM 1390 O O   . HOH B 2 .   ? -4.305  -26.145 -1.614  1.00 37.17 ? 478 HOH A O   1 
HETATM 1391 O O   . HOH B 2 .   ? -7.255  -17.490 -1.074  1.00 39.93 ? 479 HOH A O   1 
HETATM 1392 O O   . HOH B 2 .   ? 18.601  -10.742 -5.215  1.00 44.42 ? 480 HOH A O   1 
HETATM 1393 O O   . HOH B 2 .   ? -9.608  -19.721 -3.942  1.00 42.08 ? 481 HOH A O   1 
HETATM 1394 O O   . HOH B 2 .   ? 23.112  11.613  -12.337 1.00 50.61 ? 482 HOH A O   1 
HETATM 1395 O O   . HOH B 2 .   ? -2.667  -17.505 -8.947  0.50 33.31 ? 483 HOH A O   1 
HETATM 1396 O O   . HOH B 2 .   ? 1.183   14.687  10.655  1.00 52.14 ? 484 HOH A O   1 
HETATM 1397 O O   . HOH B 2 .   ? 2.056   -22.373 -6.396  1.00 57.14 ? 485 HOH A O   1 
HETATM 1398 O O   . HOH B 2 .   ? -17.471 -25.192 10.341  1.00 34.65 ? 486 HOH A O   1 
HETATM 1399 O O   . HOH B 2 .   ? 2.734   -25.383 2.175   1.00 40.68 ? 487 HOH A O   1 
HETATM 1400 O O   . HOH B 2 .   ? 7.392   -14.853 -9.875  1.00 36.68 ? 488 HOH A O   1 
HETATM 1401 O O   . HOH B 2 .   ? 22.373  -4.942  -1.808  1.00 35.57 ? 489 HOH A O   1 
HETATM 1402 O O   . HOH B 2 .   ? -6.525  14.307  -5.642  1.00 45.40 ? 490 HOH A O   1 
HETATM 1403 O O   . HOH B 2 .   ? 1.697   12.521  -21.653 1.00 41.32 ? 491 HOH A O   1 
HETATM 1404 O O   . HOH B 2 .   ? 20.683  9.508   -12.778 1.00 41.03 ? 492 HOH A O   1 
HETATM 1405 O O   . HOH B 2 .   ? -9.475  -27.313 11.319  1.00 45.20 ? 493 HOH A O   1 
HETATM 1406 O O   . HOH B 2 .   ? -34.304 -5.547  9.354   1.00 41.45 ? 494 HOH A O   1 
HETATM 1407 O O   . HOH B 2 .   ? 2.143   7.161   5.538   1.00 40.46 ? 495 HOH A O   1 
HETATM 1408 O O   . HOH B 2 .   ? -5.028  18.561  -2.995  1.00 41.60 ? 496 HOH A O   1 
HETATM 1409 O O   . HOH B 2 .   ? -2.646  -20.621 -7.106  1.00 44.46 ? 497 HOH A O   1 
HETATM 1410 O O   . HOH B 2 .   ? -3.365  11.610  -12.100 1.00 41.93 ? 498 HOH A O   1 
HETATM 1411 O O   . HOH B 2 .   ? 14.814  -17.651 3.019   1.00 48.22 ? 499 HOH A O   1 
HETATM 1412 O O   . HOH B 2 .   ? -2.874  8.420   -3.909  1.00 39.93 ? 500 HOH A O   1 
HETATM 1413 O O   . HOH B 2 .   ? 23.576  13.139  -8.892  1.00 40.57 ? 501 HOH A O   1 
HETATM 1414 O O   . HOH B 2 .   ? 10.452  -1.503  -7.800  1.00 55.51 ? 502 HOH A O   1 
HETATM 1415 O O   . HOH B 2 .   ? 19.863  -12.006 1.845   1.00 46.57 ? 503 HOH A O   1 
HETATM 1416 O O   . HOH B 2 .   ? -3.575  24.219  -11.017 1.00 55.07 ? 504 HOH A O   1 
HETATM 1417 O O   . HOH B 2 .   ? -34.319 -6.587  6.555   1.00 35.89 ? 505 HOH A O   1 
HETATM 1418 O O   . HOH B 2 .   ? -0.488  13.597  -20.338 1.00 45.85 ? 506 HOH A O   1 
HETATM 1419 O O   . HOH B 2 .   ? 13.155  0.713   -6.060  1.00 44.47 ? 507 HOH A O   1 
HETATM 1420 O O   . HOH B 2 .   ? 8.123   29.788  1.145   1.00 54.46 ? 508 HOH A O   1 
HETATM 1421 O O   . HOH B 2 .   ? 22.981  15.887  -7.511  1.00 41.22 ? 509 HOH A O   1 
HETATM 1422 O O   . HOH B 2 .   ? 19.945  5.148   -12.364 1.00 47.09 ? 510 HOH A O   1 
HETATM 1423 O O   . HOH B 2 .   ? 10.396  3.237   -16.384 1.00 48.47 ? 511 HOH A O   1 
HETATM 1424 O O   . HOH B 2 .   ? 17.454  -14.673 0.299   1.00 37.77 ? 512 HOH A O   1 
HETATM 1425 O O   . HOH B 2 .   ? 22.017  -4.656  -5.253  1.00 67.98 ? 513 HOH A O   1 
HETATM 1426 O O   . HOH B 2 .   ? -25.447 -25.055 6.299   1.00 44.03 ? 514 HOH A O   1 
HETATM 1427 O O   . HOH B 2 .   ? 18.003  21.169  -7.273  1.00 53.97 ? 515 HOH A O   1 
HETATM 1428 O O   . HOH B 2 .   ? 17.916  -6.595  7.033   1.00 55.89 ? 516 HOH A O   1 
HETATM 1429 O O   . HOH B 2 .   ? 12.076  -18.355 3.702   1.00 41.13 ? 517 HOH A O   1 
HETATM 1430 O O   . HOH B 2 .   ? 7.546   1.220   -10.137 1.00 60.02 ? 518 HOH A O   1 
HETATM 1431 O O   . HOH B 2 .   ? -4.387  20.867  -9.612  1.00 41.76 ? 519 HOH A O   1 
HETATM 1432 O O   . HOH B 2 .   ? -36.158 -6.691  16.668  1.00 48.97 ? 520 HOH A O   1 
HETATM 1433 O O   . HOH B 2 .   ? 10.960  -5.224  3.346   1.00 39.99 ? 521 HOH A O   1 
HETATM 1434 O O   . HOH B 2 .   ? 23.893  16.582  -5.098  1.00 44.92 ? 522 HOH A O   1 
HETATM 1435 O O   . HOH B 2 .   ? 0.611   9.229   6.278   1.00 48.60 ? 523 HOH A O   1 
HETATM 1436 O O   . HOH B 2 .   ? 15.419  -8.245  -7.285  1.00 48.33 ? 524 HOH A O   1 
HETATM 1437 O O   . HOH B 2 .   ? 3.184   4.543   -6.698  1.00 37.82 ? 525 HOH A O   1 
HETATM 1438 O O   . HOH B 2 .   ? -34.183 -22.010 15.485  1.00 41.97 ? 526 HOH A O   1 
HETATM 1439 O O   . HOH B 2 .   ? 13.660  25.980  -4.412  1.00 40.82 ? 527 HOH A O   1 
HETATM 1440 O O   . HOH B 2 .   ? 9.897   -13.754 -9.522  1.00 45.64 ? 528 HOH A O   1 
HETATM 1441 O O   . HOH B 2 .   ? 21.388  2.168   -0.104  1.00 42.52 ? 529 HOH A O   1 
HETATM 1442 O O   . HOH B 2 .   ? -12.168 -16.941 2.690   1.00 50.73 ? 530 HOH A O   1 
HETATM 1443 O O   . HOH B 2 .   ? -37.678 -20.726 12.071  1.00 49.63 ? 531 HOH A O   1 
HETATM 1444 O O   . HOH B 2 .   ? -33.779 -16.478 9.296   1.00 53.90 ? 532 HOH A O   1 
HETATM 1445 O O   . HOH B 2 .   ? -28.010 -14.675 4.490   1.00 42.28 ? 533 HOH A O   1 
HETATM 1446 O O   . HOH B 2 .   ? -19.770 -26.907 3.400   1.00 59.65 ? 534 HOH A O   1 
HETATM 1447 O O   . HOH B 2 .   ? 17.221  5.275   3.938   1.00 38.34 ? 535 HOH A O   1 
HETATM 1448 O O   . HOH B 2 .   ? 0.989   4.255   0.338   1.00 45.96 ? 536 HOH A O   1 
HETATM 1449 O O   . HOH B 2 .   ? -11.915 -19.451 9.418   1.00 50.98 ? 537 HOH A O   1 
HETATM 1450 O O   . HOH B 2 .   ? 24.723  7.975   -0.672  1.00 55.30 ? 538 HOH A O   1 
HETATM 1451 O O   . HOH B 2 .   ? -9.741  -17.536 9.671   1.00 48.03 ? 539 HOH A O   1 
HETATM 1452 O O   . HOH B 2 .   ? 12.357  22.501  -9.647  1.00 47.31 ? 540 HOH A O   1 
HETATM 1453 O O   . HOH B 2 .   ? 10.031  1.086   -8.994  1.00 39.61 ? 541 HOH A O   1 
HETATM 1454 O O   . HOH B 2 .   ? 9.056   29.366  -6.901  1.00 51.20 ? 542 HOH A O   1 
HETATM 1455 O O   . HOH B 2 .   ? 0.862   4.338   -8.019  1.00 49.62 ? 543 HOH A O   1 
HETATM 1456 O O   . HOH B 2 .   ? 5.393   30.912  -5.655  1.00 50.04 ? 544 HOH A O   1 
HETATM 1457 O O   . HOH B 2 .   ? -13.784 -17.784 10.506  1.00 53.53 ? 545 HOH A O   1 
HETATM 1458 O O   . HOH B 2 .   ? 12.374  -8.636  6.455   1.00 51.17 ? 546 HOH A O   1 
HETATM 1459 O O   . HOH B 2 .   ? 7.781   30.138  -4.782  1.00 51.37 ? 547 HOH A O   1 
HETATM 1460 O O   . HOH B 2 .   ? -7.590  -22.557 9.422   1.00 46.97 ? 548 HOH A O   1 
HETATM 1461 O O   . HOH B 2 .   ? -1.157  26.555  -12.302 1.00 54.58 ? 549 HOH A O   1 
HETATM 1462 O O   . HOH B 2 .   ? 13.412  1.195   9.015   1.00 53.01 ? 550 HOH A O   1 
HETATM 1463 O O   . HOH B 2 .   ? 22.705  5.858   -8.921  1.00 48.56 ? 551 HOH A O   1 
HETATM 1464 O O   . HOH B 2 .   ? 24.565  16.012  -12.020 1.00 59.11 ? 552 HOH A O   1 
HETATM 1465 O O   . HOH B 2 .   ? 20.545  23.561  -2.808  1.00 43.46 ? 553 HOH A O   1 
HETATM 1466 O O   . HOH B 2 .   ? -14.666 -16.137 8.443   1.00 45.95 ? 554 HOH A O   1 
HETATM 1467 O O   . HOH B 2 .   ? 13.367  -6.779  -8.318  1.00 55.59 ? 555 HOH A O   1 
HETATM 1468 O O   . HOH B 2 .   ? -5.079  26.413  -11.129 1.00 60.72 ? 556 HOH A O   1 
HETATM 1469 O O   . HOH B 2 .   ? -18.701 -11.265 10.298  1.00 46.38 ? 557 HOH A O   1 
HETATM 1470 O O   . HOH B 2 .   ? 15.104  -5.203  6.425   1.00 41.38 ? 558 HOH A O   1 
HETATM 1471 O O   . HOH B 2 .   ? 4.824   -19.264 -9.299  1.00 50.69 ? 559 HOH A O   1 
HETATM 1472 O O   . HOH B 2 .   ? -4.285  -25.236 7.393   1.00 45.80 ? 560 HOH A O   1 
HETATM 1473 O O   . HOH B 2 .   ? -6.180  26.730  -0.823  1.00 47.64 ? 561 HOH A O   1 
HETATM 1474 O O   . HOH B 2 .   ? 16.558  13.755  -17.210 1.00 52.71 ? 562 HOH A O   1 
HETATM 1475 O O   . HOH B 2 .   ? -36.645 -5.260  5.390   1.00 51.14 ? 563 HOH A O   1 
HETATM 1476 O O   . HOH B 2 .   ? 12.018  13.890  -21.170 1.00 65.99 ? 564 HOH A O   1 
HETATM 1477 O O   . HOH B 2 .   ? -3.078  6.447   -6.820  1.00 54.35 ? 565 HOH A O   1 
HETATM 1478 O O   . HOH B 2 .   ? -9.363  -17.028 6.187   1.00 48.82 ? 566 HOH A O   1 
HETATM 1479 O O   . HOH B 2 .   ? -16.882 -11.083 12.188  1.00 50.16 ? 567 HOH A O   1 
HETATM 1480 O O   . HOH B 2 .   ? 1.239   -17.500 -11.131 1.00 44.78 ? 568 HOH A O   1 
HETATM 1481 O O   . HOH B 2 .   ? -29.246 -10.490 2.016   1.00 45.49 ? 569 HOH A O   1 
HETATM 1482 O O   . HOH B 2 .   ? 6.074   23.995  -14.243 1.00 55.99 ? 570 HOH A O   1 
HETATM 1483 O O   . HOH B 2 .   ? 10.981  -12.014 7.338   1.00 49.10 ? 571 HOH A O   1 
HETATM 1484 O O   . HOH B 2 .   ? 6.226   -3.592  1.402   1.00 41.77 ? 572 HOH A O   1 
HETATM 1485 O O   . HOH B 2 .   ? -31.147 -16.524 9.448   1.00 54.17 ? 573 HOH A O   1 
HETATM 1486 O O   . HOH B 2 .   ? 19.633  -2.760  -6.205  1.00 41.18 ? 574 HOH A O   1 
HETATM 1487 O O   . HOH B 2 .   ? 13.736  -19.907 -1.099  1.00 52.78 ? 575 HOH A O   1 
HETATM 1488 O O   . HOH B 2 .   ? 22.799  6.298   -2.387  1.00 51.40 ? 576 HOH A O   1 
HETATM 1489 O O   . HOH B 2 .   ? -4.853  -18.771 5.958   1.00 47.10 ? 577 HOH A O   1 
HETATM 1490 O O   . HOH B 2 .   ? 23.507  -2.577  -2.315  1.00 50.19 ? 578 HOH A O   1 
HETATM 1491 O O   . HOH B 2 .   ? 10.204  10.812  10.132  1.00 55.75 ? 579 HOH A O   1 
HETATM 1492 O O   . HOH B 2 .   ? -24.626 -25.633 9.298   1.00 57.48 ? 580 HOH A O   1 
HETATM 1493 O O   . HOH B 2 .   ? 11.584  15.943  7.948   1.00 47.66 ? 581 HOH A O   1 
HETATM 1494 O O   . HOH B 2 .   ? -4.741  -28.250 -2.981  1.00 57.64 ? 582 HOH A O   1 
HETATM 1495 O O   . HOH B 2 .   ? 7.450   1.369   -14.285 1.00 45.57 ? 583 HOH A O   1 
HETATM 1496 O O   . HOH B 2 .   ? -1.392  -22.720 9.031   1.00 60.74 ? 584 HOH A O   1 
HETATM 1497 O O   . HOH B 2 .   ? -1.361  6.364   1.630   1.00 61.60 ? 585 HOH A O   1 
HETATM 1498 O O   . HOH B 2 .   ? 12.376  -13.842 6.004   1.00 49.31 ? 586 HOH A O   1 
HETATM 1499 O O   . HOH B 2 .   ? 16.923  -1.511  9.062   1.00 51.76 ? 587 HOH A O   1 
HETATM 1500 O O   . HOH B 2 .   ? 7.134   -22.709 -1.263  1.00 65.91 ? 588 HOH A O   1 
HETATM 1501 O O   . HOH B 2 .   ? 9.235   -19.100 -5.899  1.00 63.74 ? 589 HOH A O   1 
HETATM 1502 O O   . HOH B 2 .   ? -2.320  9.019   5.976   1.00 59.73 ? 590 HOH A O   1 
HETATM 1503 O O   . HOH B 2 .   ? -0.204  4.873   -10.937 1.00 48.76 ? 591 HOH A O   1 
HETATM 1504 O O   . HOH B 2 .   ? 20.692  -11.951 -3.579  1.00 51.29 ? 592 HOH A O   1 
HETATM 1505 O O   . HOH B 2 .   ? -40.140 -20.225 18.980  1.00 61.55 ? 593 HOH A O   1 
HETATM 1506 O O   . HOH B 2 .   ? 17.275  9.309   -15.462 1.00 53.23 ? 594 HOH A O   1 
HETATM 1507 O O   . HOH B 2 .   ? -0.810  1.809   -6.661  1.00 51.44 ? 595 HOH A O   1 
HETATM 1508 O O   . HOH B 2 .   ? -36.684 -16.165 10.310  1.00 52.14 ? 596 HOH A O   1 
HETATM 1509 O O   . HOH B 2 .   ? 4.244   1.806   -4.551  1.00 58.36 ? 597 HOH A O   1 
HETATM 1510 O O   . HOH B 2 .   ? -3.307  -29.283 0.380   1.00 58.99 ? 598 HOH A O   1 
HETATM 1511 O O   . HOH B 2 .   ? -3.175  12.408  4.238   1.00 48.75 ? 599 HOH A O   1 
HETATM 1512 O O   . HOH B 2 .   ? -19.721 -14.647 4.393   1.00 69.71 ? 600 HOH A O   1 
HETATM 1513 O O   . HOH B 2 .   ? -34.606 -18.864 7.111   1.00 60.46 ? 601 HOH A O   1 
HETATM 1514 O O   . HOH B 2 .   ? -18.122 -12.825 8.263   1.00 49.01 ? 602 HOH A O   1 
HETATM 1515 O O   . HOH B 2 .   ? -37.244 -21.398 16.974  1.00 51.68 ? 603 HOH A O   1 
HETATM 1516 O O   . HOH B 2 .   ? -0.549  12.874  8.417   1.00 66.36 ? 604 HOH A O   1 
HETATM 1517 O O   . HOH B 2 .   ? -19.904 -23.107 17.183  0.50 55.88 ? 605 HOH A O   1 
HETATM 1518 O O   . HOH B 2 .   ? -20.293 -22.943 0.492   1.00 56.94 ? 606 HOH A O   1 
HETATM 1519 O O   . HOH B 2 .   ? 4.227   0.578   -7.089  1.00 53.59 ? 607 HOH A O   1 
HETATM 1520 O O   . HOH B 2 .   ? -29.605 -22.915 7.548   1.00 52.35 ? 608 HOH A O   1 
HETATM 1521 O O   . HOH B 2 .   ? 11.485  13.651  9.332   1.00 54.44 ? 609 HOH A O   1 
HETATM 1522 O O   . HOH B 2 .   ? 20.093  -13.185 -0.742  1.00 46.45 ? 610 HOH A O   1 
HETATM 1523 O O   . HOH B 2 .   ? -29.681 -5.741  6.029   1.00 47.17 ? 611 HOH A O   1 
HETATM 1524 O O   . HOH B 2 .   ? -4.066  29.049  -0.081  1.00 53.82 ? 612 HOH A O   1 
HETATM 1525 O O   . HOH B 2 .   ? -0.100  -27.618 2.098   1.00 52.37 ? 613 HOH A O   1 
HETATM 1526 O O   . HOH B 2 .   ? -2.422  8.551   2.702   1.00 52.68 ? 614 HOH A O   1 
HETATM 1527 O O   . HOH B 2 .   ? 13.676  1.454   -9.920  1.00 45.07 ? 615 HOH A O   1 
HETATM 1528 O O   . HOH B 2 .   ? 9.663   25.423  -9.283  1.00 58.56 ? 616 HOH A O   1 
HETATM 1529 O O   . HOH B 2 .   ? 25.575  -2.643  1.131   1.00 59.51 ? 617 HOH A O   1 
HETATM 1530 O O   . HOH B 2 .   ? 0.682   5.015   -3.609  1.00 44.98 ? 618 HOH A O   1 
HETATM 1531 O O   . HOH B 2 .   ? 18.380  17.222  -14.862 1.00 55.39 ? 619 HOH A O   1 
HETATM 1532 O O   . HOH B 2 .   ? 13.239  26.606  -7.146  1.00 48.81 ? 620 HOH A O   1 
HETATM 1533 O O   . HOH B 2 .   ? 18.318  20.755  -10.013 1.00 54.70 ? 621 HOH A O   1 
HETATM 1534 O O   . HOH B 2 .   ? 18.731  26.848  -0.207  1.00 57.16 ? 622 HOH A O   1 
HETATM 1535 O O   . HOH B 2 .   ? 6.286   -18.700 7.133   1.00 52.10 ? 623 HOH A O   1 
HETATM 1536 O O   . HOH B 2 .   ? -1.385  29.128  1.789   1.00 63.10 ? 624 HOH A O   1 
HETATM 1537 O O   . HOH B 2 .   ? -7.370  -19.768 9.381   1.00 58.36 ? 625 HOH A O   1 
HETATM 1538 O O   . HOH B 2 .   ? 23.191  12.756  -14.636 1.00 65.68 ? 626 HOH A O   1 
HETATM 1539 O O   . HOH B 2 .   ? -19.841 -9.417  8.780   1.00 53.14 ? 627 HOH A O   1 
HETATM 1540 O O   . HOH B 2 .   ? -2.428  -28.271 -5.264  1.00 51.74 ? 628 HOH A O   1 
HETATM 1541 O O   . HOH B 2 .   ? 23.781  1.818   5.117   1.00 51.38 ? 629 HOH A O   1 
HETATM 1542 O O   . HOH B 2 .   ? -15.518 -12.710 13.638  1.00 53.67 ? 630 HOH A O   1 
HETATM 1543 O O   . HOH B 2 .   ? 12.801  -18.004 -3.360  1.00 56.30 ? 631 HOH A O   1 
HETATM 1544 O O   . HOH B 2 .   ? 1.658   27.320  7.583   1.00 66.08 ? 632 HOH A O   1 
HETATM 1545 O O   . HOH B 2 .   ? 12.891  -5.945  5.350   1.00 55.37 ? 633 HOH A O   1 
HETATM 1546 O O   . HOH B 2 .   ? 4.530   8.997   -20.595 1.00 52.93 ? 634 HOH A O   1 
HETATM 1547 O O   . HOH B 2 .   ? 24.705  0.957   2.924   1.00 49.17 ? 635 HOH A O   1 
HETATM 1548 O O   . HOH B 2 .   ? 3.262   2.462   -12.311 1.00 54.09 ? 636 HOH A O   1 
HETATM 1549 O O   . HOH B 2 .   ? -15.880 -22.842 17.070  1.00 46.29 ? 637 HOH A O   1 
HETATM 1550 O O   . HOH B 2 .   ? 1.513   30.721  -4.992  1.00 49.18 ? 638 HOH A O   1 
HETATM 1551 O O   . HOH B 2 .   ? 10.362  0.657   4.358   1.00 64.38 ? 639 HOH A O   1 
HETATM 1552 O O   . HOH B 2 .   ? 24.223  9.921   -10.362 1.00 54.14 ? 640 HOH A O   1 
HETATM 1553 O O   . HOH B 2 .   ? 8.786   3.927   7.758   1.00 61.12 ? 641 HOH A O   1 
HETATM 1554 O O   . HOH B 2 .   ? -25.455 -17.407 3.166   1.00 61.89 ? 642 HOH A O   1 
HETATM 1555 O O   . HOH B 2 .   ? -13.335 -22.084 15.737  1.00 59.35 ? 643 HOH A O   1 
HETATM 1556 O O   . HOH B 2 .   ? 21.726  4.063   -5.209  1.00 41.43 ? 644 HOH A O   1 
HETATM 1557 O O   . HOH B 2 .   ? -7.034  -31.186 6.705   1.00 51.17 ? 645 HOH A O   1 
HETATM 1558 O O   . HOH B 2 .   ? 10.548  11.858  -20.685 1.00 61.31 ? 646 HOH A O   1 
HETATM 1559 O O   . HOH B 2 .   ? 12.715  30.008  0.325   1.00 56.71 ? 647 HOH A O   1 
HETATM 1560 O O   . HOH B 2 .   ? 3.091   23.676  6.667   1.00 62.27 ? 648 HOH A O   1 
HETATM 1561 O O   . HOH B 2 .   ? -5.860  -29.454 9.012   1.00 63.77 ? 649 HOH A O   1 
HETATM 1562 O O   . HOH B 2 .   ? -6.872  16.829  -5.261  1.00 55.82 ? 650 HOH A O   1 
HETATM 1563 O O   . HOH B 2 .   ? -14.428 -24.439 15.208  1.00 56.50 ? 651 HOH A O   1 
HETATM 1564 O O   . HOH B 2 .   ? 14.897  12.333  -20.053 1.00 64.42 ? 652 HOH A O   1 
HETATM 1565 O O   . HOH B 2 .   ? -15.509 -26.628 14.347  1.00 58.58 ? 653 HOH A O   1 
HETATM 1566 O O   . HOH B 2 .   ? 15.968  3.851   -14.933 1.00 64.79 ? 654 HOH A O   1 
HETATM 1567 O O   . HOH B 2 .   ? -22.295 -8.987  9.371   1.00 43.07 ? 655 HOH A O   1 
HETATM 1568 O O   . HOH B 2 .   ? 4.255   0.748   -1.335  1.00 50.35 ? 656 HOH A O   1 
HETATM 1569 O O   . HOH B 2 .   ? -6.273  19.418  -5.123  1.00 52.82 ? 657 HOH A O   1 
HETATM 1570 O O   . HOH B 2 .   ? 21.054  -7.690  3.944   1.00 59.67 ? 658 HOH A O   1 
HETATM 1571 O O   . HOH B 2 .   ? 16.500  26.586  -4.141  1.00 61.15 ? 659 HOH A O   1 
HETATM 1572 O O   . HOH B 2 .   ? -1.205  6.377   -1.992  1.00 55.71 ? 660 HOH A O   1 
HETATM 1573 O O   . HOH B 2 .   ? 14.949  -12.332 -7.176  1.00 61.52 ? 661 HOH A O   1 
HETATM 1574 O O   . HOH B 2 .   ? -5.784  15.216  -2.119  1.00 53.77 ? 662 HOH A O   1 
HETATM 1575 O O   . HOH B 2 .   ? -5.222  14.895  0.439   1.00 47.67 ? 663 HOH A O   1 
HETATM 1576 O O   . HOH B 2 .   ? -4.596  21.672  -1.491  1.00 53.36 ? 664 HOH A O   1 
HETATM 1577 O O   . HOH B 2 .   ? 4.960   28.553  -0.218  1.00 54.77 ? 665 HOH A O   1 
HETATM 1578 O O   . HOH B 2 .   ? -3.144  20.777  3.345   1.00 48.90 ? 666 HOH A O   1 
HETATM 1579 O O   . HOH B 2 .   ? 21.450  23.583  1.069   1.00 43.43 ? 667 HOH A O   1 
HETATM 1580 O O   . HOH B 2 .   ? -1.121  30.479  -8.772  1.00 60.42 ? 668 HOH A O   1 
HETATM 1581 O O   . HOH B 2 .   ? 5.541   29.205  2.304   1.00 63.95 ? 669 HOH A O   1 
HETATM 1582 O O   . HOH B 2 .   ? 12.198  19.702  8.808   1.00 54.69 ? 670 HOH A O   1 
HETATM 1583 O O   . HOH B 2 .   ? -16.845 -13.514 18.226  1.00 52.61 ? 671 HOH A O   1 
HETATM 1584 O O   . HOH B 2 .   ? 10.676  26.358  -14.143 1.00 64.04 ? 672 HOH A O   1 
HETATM 1585 O O   . HOH B 2 .   ? -0.890  -25.347 5.373   1.00 62.97 ? 673 HOH A O   1 
HETATM 1586 O O   . HOH B 2 .   ? -41.249 -9.677  4.494   1.00 50.08 ? 674 HOH A O   1 
HETATM 1587 O O   . HOH B 2 .   ? 13.125  -2.449  -9.654  1.00 56.65 ? 675 HOH A O   1 
HETATM 1588 O O   . HOH B 2 .   ? -28.858 -4.894  3.247   1.00 53.28 ? 676 HOH A O   1 
HETATM 1589 O O   . HOH B 2 .   ? -38.731 -15.601 23.916  1.00 54.68 ? 677 HOH A O   1 
HETATM 1590 O O   . HOH B 2 .   ? -37.425 -17.671 18.293  1.00 33.09 ? 678 HOH A O   1 
HETATM 1591 O O   . HOH B 2 .   ? 15.721  -5.560  -7.684  1.00 59.27 ? 679 HOH A O   1 
HETATM 1592 O O   . HOH B 2 .   ? -5.014  8.157   -5.918  1.00 69.38 ? 680 HOH A O   1 
HETATM 1593 O O   . HOH B 2 .   ? 16.059  21.684  -11.169 1.00 51.71 ? 681 HOH A O   1 
HETATM 1594 O O   . HOH B 2 .   ? 7.460   5.833   5.775   1.00 45.01 ? 682 HOH A O   1 
HETATM 1595 O O   . HOH B 2 .   ? 22.341  1.328   -4.851  1.00 59.70 ? 683 HOH A O   1 
HETATM 1596 O O   . HOH B 2 .   ? -36.721 -19.943 19.155  1.00 51.88 ? 684 HOH A O   1 
HETATM 1597 O O   . HOH B 2 .   ? -19.416 -10.307 6.299   1.00 59.63 ? 685 HOH A O   1 
HETATM 1598 O O   . HOH B 2 .   ? 1.420   3.858   -13.490 1.00 59.53 ? 686 HOH A O   1 
HETATM 1599 O O   . HOH B 2 .   ? -21.605 -28.125 5.173   1.00 63.30 ? 687 HOH A O   1 
HETATM 1600 O O   . HOH B 2 .   ? -34.786 -21.074 17.813  1.00 46.28 ? 688 HOH A O   1 
HETATM 1601 O O   . HOH B 2 .   ? 22.216  9.556   -15.449 1.00 60.78 ? 689 HOH A O   1 
HETATM 1602 O O   . HOH B 2 .   ? 11.384  -18.899 5.971   1.00 51.70 ? 690 HOH A O   1 
HETATM 1603 O O   . HOH B 2 .   ? 3.001   15.770  6.365   1.00 55.30 ? 691 HOH A O   1 
HETATM 1604 O O   . HOH B 2 .   ? -0.811  9.706   -16.136 1.00 46.11 ? 692 HOH A O   1 
HETATM 1605 O O   . HOH B 2 .   ? -3.232  18.403  4.632   1.00 61.53 ? 693 HOH A O   1 
HETATM 1606 O O   . HOH B 2 .   ? 3.370   6.359   -16.810 1.00 57.54 ? 694 HOH A O   1 
HETATM 1607 O O   . HOH B 2 .   ? 1.616   29.557  6.230   1.00 62.29 ? 695 HOH A O   1 
HETATM 1608 O O   . HOH B 2 .   ? 0.956   9.390   -19.048 1.00 55.06 ? 696 HOH A O   1 
HETATM 1609 O O   . HOH B 2 .   ? 15.744  -19.139 5.533   1.00 63.63 ? 697 HOH A O   1 
HETATM 1610 O O   . HOH B 2 .   ? 23.872  4.152   4.001   1.00 42.58 ? 698 HOH A O   1 
HETATM 1611 O O   . HOH B 2 .   ? -30.332 -18.867 7.532   1.00 62.18 ? 699 HOH A O   1 
HETATM 1612 O O   . HOH B 2 .   ? 17.405  20.622  -12.828 1.00 51.63 ? 700 HOH A O   1 
HETATM 1613 O O   . HOH B 2 .   ? 7.582   -2.869  3.527   1.00 49.83 ? 701 HOH A O   1 
HETATM 1614 O O   . HOH B 2 .   ? 1.890   -22.573 5.589   1.00 62.93 ? 702 HOH A O   1 
HETATM 1615 O O   . HOH B 2 .   ? 14.809  -15.070 6.913   1.00 69.21 ? 703 HOH A O   1 
HETATM 1616 O O   . HOH B 2 .   ? 5.115   -1.692  -3.819  1.00 47.11 ? 704 HOH A O   1 
HETATM 1617 O O   . HOH B 2 .   ? 8.383   -22.005 -4.722  1.00 62.56 ? 705 HOH A O   1 
HETATM 1618 O O   . HOH B 2 .   ? 10.166  6.528   -19.023 1.00 53.41 ? 706 HOH A O   1 
HETATM 1619 O O   . HOH B 2 .   ? -7.736  -21.184 -6.411  1.00 65.07 ? 707 HOH A O   1 
HETATM 1620 O O   . HOH B 2 .   ? 4.741   2.385   5.045   1.00 51.23 ? 708 HOH A O   1 
HETATM 1621 O O   . HOH B 2 .   ? 21.146  2.223   -6.746  1.00 50.13 ? 709 HOH A O   1 
HETATM 1622 O O   . HOH B 2 .   ? 6.553   9.733   -21.707 1.00 61.98 ? 710 HOH A O   1 
HETATM 1623 O O   . HOH B 2 .   ? -10.880 -15.331 -2.720  1.00 56.04 ? 711 HOH A O   1 
# 
